data_4D9K
#
_entry.id   4D9K
#
_cell.length_a   85.778
_cell.length_b   94.145
_cell.length_c   94.687
_cell.angle_alpha   90.00
_cell.angle_beta   110.01
_cell.angle_gamma   90.00
#
_symmetry.space_group_name_H-M   'P 1 21 1'
#
loop_
_entity.id
_entity.type
_entity.pdbx_description
1 polymer 'Diaminopropionate ammonia-lyase'
2 non-polymer 'PHOSPHATE ION'
3 non-polymer 'SULFATE ION'
4 water water
#
_entity_poly.entity_id   1
_entity_poly.type   'polypeptide(L)'
_entity_poly.pdbx_seq_one_letter_code
;MSVFSLKIDIADNKFFNGETSPLFSQSQAKLARQFHQKIAGYRPTPL(CME)ALDDLANLFGVKKILVKDESKRFGLNAF
KMLGGAYAIAQLLCEKYHLDIETLSFEHLKNAIGEKMTFATTTDGNHGRGVAWAAQQLGQNAVIYMPKGSAQERVDAILN
LGAECIVTDMNYDDTVRLTMQHAQQHGWEVVQDTAWEGYTKIPTWIMQGYATLADEAVEQMREMGVTPTHVLLQAGVGAM
AGGVLGYLVDVYSPQNLHSIIVEPDKADCIYRSGVKGDIVNVGGDMATIMAGLACGEPNPLGWEILRNCATQFISCQDSV
AALGMRVLGNPYGNDPRIISGESGAVGLGVLAAVHYHPQRQSLMEKLALNKDAVVLVISTEGDTDVKHYREVVWEGKHAV
AP
;
_entity_poly.pdbx_strand_id   A,D,B,C
#
loop_
_chem_comp.id
_chem_comp.type
_chem_comp.name
_chem_comp.formula
PO4 non-polymer 'PHOSPHATE ION' 'O4 P -3'
SO4 non-polymer 'SULFATE ION' 'O4 S -2'
#
# COMPACT_ATOMS: atom_id res chain seq x y z
N MET A 1 -8.07 -9.37 18.05
CA MET A 1 -7.68 -7.94 17.81
C MET A 1 -8.85 -6.95 17.96
N SER A 2 -9.79 -7.23 18.86
CA SER A 2 -10.75 -6.21 19.28
C SER A 2 -9.96 -5.15 20.07
N VAL A 3 -8.99 -5.61 20.84
CA VAL A 3 -8.03 -4.72 21.49
C VAL A 3 -6.89 -4.50 20.50
N PHE A 4 -6.78 -3.27 19.98
CA PHE A 4 -5.74 -2.95 19.01
C PHE A 4 -5.16 -1.55 19.22
N SER A 5 -3.92 -1.37 18.76
CA SER A 5 -3.21 -0.10 18.87
C SER A 5 -2.89 0.49 17.50
N LEU A 6 -3.55 1.60 17.18
CA LEU A 6 -3.21 2.39 16.00
C LEU A 6 -2.48 3.63 16.45
N LYS A 7 -1.59 4.13 15.58
CA LYS A 7 -0.80 5.32 15.87
C LYS A 7 -1.72 6.53 16.09
N ILE A 8 -1.80 6.97 17.34
CA ILE A 8 -2.64 8.09 17.76
C ILE A 8 -1.83 9.00 18.69
N ASP A 9 -0.72 9.53 18.16
CA ASP A 9 0.23 10.28 18.97
C ASP A 9 -0.25 11.68 19.32
N ILE A 10 -0.53 11.88 20.61
CA ILE A 10 -1.09 13.12 21.13
C ILE A 10 0.03 14.06 21.60
N ALA A 11 -0.06 15.31 21.15
CA ALA A 11 0.85 16.35 21.59
C ALA A 11 0.05 17.56 22.05
N ASP A 12 0.34 18.03 23.26
CA ASP A 12 -0.19 19.30 23.73
C ASP A 12 0.37 20.41 22.85
N ASN A 13 -0.44 21.44 22.59
CA ASN A 13 -0.03 22.57 21.78
C ASN A 13 0.87 23.52 22.57
N LYS A 14 2.16 23.49 22.25
CA LYS A 14 3.16 24.33 22.91
C LYS A 14 3.04 25.81 22.54
N PHE A 15 2.37 26.08 21.42
CA PHE A 15 2.19 27.45 20.95
C PHE A 15 0.97 28.15 21.56
N PHE A 16 0.14 27.40 22.29
CA PHE A 16 -1.12 27.94 22.82
C PHE A 16 -0.93 29.22 23.64
N ASN A 17 -1.68 30.25 23.26
CA ASN A 17 -1.71 31.50 24.03
C ASN A 17 -3.12 32.08 24.18
N GLY A 18 -4.11 31.35 23.66
CA GLY A 18 -5.51 31.74 23.74
C GLY A 18 -5.89 33.04 23.04
N GLU A 19 -5.01 33.55 22.19
CA GLU A 19 -5.33 34.77 21.44
C GLU A 19 -6.30 34.44 20.32
N THR A 20 -7.47 35.06 20.36
CA THR A 20 -8.51 34.84 19.36
C THR A 20 -8.29 35.72 18.14
N SER A 21 -8.99 35.40 17.05
CA SER A 21 -8.85 36.10 15.77
C SER A 21 -10.13 36.85 15.40
N PRO A 22 -10.13 38.20 15.51
CA PRO A 22 -11.33 38.99 15.24
C PRO A 22 -11.73 38.97 13.76
N LEU A 23 -10.77 38.66 12.89
CA LEU A 23 -11.04 38.49 11.46
C LEU A 23 -11.87 37.24 11.17
N PHE A 24 -11.69 36.21 12.00
CA PHE A 24 -12.44 34.97 11.84
C PHE A 24 -13.30 34.73 13.07
N SER A 25 -14.21 35.66 13.34
CA SER A 25 -15.11 35.59 14.48
C SER A 25 -16.54 35.26 14.03
N GLN A 26 -17.49 35.40 14.96
CA GLN A 26 -18.91 35.14 14.69
C GLN A 26 -19.48 35.99 13.56
N SER A 27 -19.17 37.28 13.59
CA SER A 27 -19.76 38.26 12.67
C SER A 27 -19.46 37.98 11.20
N GLN A 28 -18.20 37.67 10.88
CA GLN A 28 -17.80 37.41 9.48
C GLN A 28 -18.38 36.09 8.96
N ALA A 29 -18.54 35.12 9.86
CA ALA A 29 -19.16 33.85 9.52
C ALA A 29 -20.66 34.00 9.27
N LYS A 30 -21.31 34.85 10.08
CA LYS A 30 -22.75 35.11 9.95
C LYS A 30 -23.08 35.85 8.65
N LEU A 31 -22.11 36.64 8.16
CA LEU A 31 -22.23 37.30 6.87
C LEU A 31 -22.09 36.31 5.73
N ALA A 32 -21.20 35.32 5.91
CA ALA A 32 -21.00 34.26 4.92
C ALA A 32 -22.24 33.35 4.82
N ARG A 33 -22.83 33.05 5.98
CA ARG A 33 -24.04 32.25 6.02
C ARG A 33 -25.21 32.95 5.32
N GLN A 34 -25.30 34.28 5.47
CA GLN A 34 -26.36 35.07 4.85
C GLN A 34 -26.24 35.10 3.33
N PHE A 35 -25.02 34.96 2.82
CA PHE A 35 -24.81 34.75 1.39
C PHE A 35 -25.33 33.37 0.98
N HIS A 36 -24.93 32.33 1.73
CA HIS A 36 -25.30 30.96 1.39
C HIS A 36 -26.78 30.71 1.42
N GLN A 37 -27.47 31.40 2.32
CA GLN A 37 -28.93 31.30 2.46
C GLN A 37 -29.69 31.79 1.22
N LYS A 38 -29.01 32.59 0.39
CA LYS A 38 -29.60 33.11 -0.85
C LYS A 38 -29.51 32.14 -2.02
N ILE A 39 -28.60 31.18 -1.93
CA ILE A 39 -28.46 30.17 -2.99
C ILE A 39 -29.63 29.20 -2.90
N ALA A 40 -30.34 29.01 -4.00
CA ALA A 40 -31.47 28.08 -4.06
C ALA A 40 -31.01 26.68 -3.68
N GLY A 41 -31.69 26.10 -2.70
CA GLY A 41 -31.37 24.76 -2.22
C GLY A 41 -30.60 24.73 -0.92
N TYR A 42 -30.33 25.92 -0.36
CA TYR A 42 -29.62 26.00 0.92
C TYR A 42 -30.41 25.31 2.02
N ARG A 43 -29.69 24.57 2.84
CA ARG A 43 -30.24 23.92 4.01
C ARG A 43 -29.06 23.59 4.93
N PRO A 44 -29.17 23.95 6.22
CA PRO A 44 -28.11 23.55 7.14
C PRO A 44 -27.90 22.04 7.05
N THR A 45 -26.65 21.61 6.98
CA THR A 45 -26.32 20.19 6.96
C THR A 45 -26.65 19.56 8.32
N PRO A 46 -27.08 18.29 8.31
CA PRO A 46 -27.49 17.61 9.54
C PRO A 46 -26.39 17.58 10.61
N LEU A 47 -26.79 17.78 11.86
CA LEU A 47 -25.94 17.45 12.99
C LEU A 47 -26.48 16.18 13.63
N CME A 48 -25.84 15.06 13.32
CA CME A 48 -26.32 13.75 13.70
CB CME A 48 -25.91 12.71 12.66
SG CME A 48 -26.41 13.19 11.04
SD CME A 48 -28.14 12.19 10.92
CE CME A 48 -29.35 13.33 11.51
CZ CME A 48 -30.67 13.00 10.82
OH CME A 48 -30.72 13.67 9.55
C CME A 48 -25.74 13.35 15.03
O CME A 48 -24.53 13.47 15.26
N ALA A 49 -26.62 12.88 15.91
CA ALA A 49 -26.23 12.42 17.24
C ALA A 49 -25.95 10.93 17.22
N LEU A 50 -24.71 10.55 17.52
CA LEU A 50 -24.34 9.14 17.66
C LEU A 50 -24.41 8.73 19.13
N ASP A 51 -25.64 8.69 19.67
CA ASP A 51 -25.88 8.34 21.08
C ASP A 51 -25.34 6.97 21.45
N ASP A 52 -25.63 5.95 20.64
CA ASP A 52 -25.25 4.58 20.97
C ASP A 52 -23.75 4.35 20.83
N LEU A 53 -23.10 5.11 19.96
CA LEU A 53 -21.64 5.08 19.86
C LEU A 53 -21.01 5.80 21.03
N ALA A 54 -21.67 6.86 21.50
CA ALA A 54 -21.16 7.64 22.64
C ALA A 54 -21.21 6.83 23.92
N ASN A 55 -22.30 6.07 24.09
CA ASN A 55 -22.47 5.16 25.22
C ASN A 55 -21.44 4.03 25.19
N LEU A 56 -21.13 3.54 23.98
CA LEU A 56 -20.09 2.52 23.82
C LEU A 56 -18.73 3.10 24.18
N PHE A 57 -18.46 4.31 23.68
CA PHE A 57 -17.15 4.96 23.82
C PHE A 57 -16.94 5.58 25.20
N GLY A 58 -18.00 5.70 25.99
CA GLY A 58 -17.90 6.23 27.34
C GLY A 58 -17.85 7.76 27.42
N VAL A 59 -18.57 8.42 26.52
CA VAL A 59 -18.71 9.88 26.54
C VAL A 59 -20.21 10.24 26.52
N LYS A 60 -20.54 11.50 26.76
CA LYS A 60 -21.94 11.90 26.83
C LYS A 60 -22.58 11.98 25.44
N LYS A 61 -21.88 12.58 24.49
CA LYS A 61 -22.42 12.82 23.15
C LYS A 61 -21.34 12.80 22.08
N ILE A 62 -21.70 12.25 20.93
CA ILE A 62 -20.91 12.41 19.71
C ILE A 62 -21.82 13.02 18.64
N LEU A 63 -21.45 14.21 18.18
CA LEU A 63 -22.20 14.95 17.18
C LEU A 63 -21.36 15.09 15.91
N VAL A 64 -21.90 14.62 14.79
CA VAL A 64 -21.17 14.63 13.52
C VAL A 64 -21.88 15.54 12.53
N LYS A 65 -21.20 16.63 12.17
CA LYS A 65 -21.69 17.56 11.17
C LYS A 65 -21.47 16.92 9.80
N ASP A 66 -22.57 16.58 9.13
CA ASP A 66 -22.50 15.82 7.88
C ASP A 66 -22.45 16.72 6.65
N GLU A 67 -21.23 17.09 6.26
CA GLU A 67 -21.04 18.01 5.14
C GLU A 67 -21.17 17.34 3.77
N SER A 68 -21.50 16.05 3.77
CA SER A 68 -21.80 15.34 2.52
C SER A 68 -23.16 15.78 1.96
N LYS A 69 -23.95 16.46 2.78
CA LYS A 69 -25.26 16.98 2.35
C LYS A 69 -25.20 18.42 1.88
N ARG A 70 -23.99 18.93 1.63
CA ARG A 70 -23.80 20.32 1.22
C ARG A 70 -24.13 20.50 -0.25
N PHE A 71 -25.36 20.95 -0.53
CA PHE A 71 -25.92 20.98 -1.87
C PHE A 71 -25.72 19.63 -2.54
N GLY A 72 -25.22 19.59 -3.77
CA GLY A 72 -24.94 18.31 -4.43
C GLY A 72 -23.46 17.94 -4.44
N LEU A 73 -22.67 18.64 -3.63
CA LEU A 73 -21.21 18.62 -3.74
C LEU A 73 -20.55 17.43 -3.04
N ASN A 74 -21.26 16.82 -2.09
CA ASN A 74 -20.73 15.68 -1.31
C ASN A 74 -19.52 16.08 -0.45
N ALA A 75 -19.38 17.39 -0.21
CA ALA A 75 -18.27 17.96 0.56
C ALA A 75 -18.59 19.41 0.93
N PHE A 76 -17.87 19.94 1.91
CA PHE A 76 -18.14 21.26 2.49
C PHE A 76 -17.58 22.42 1.68
N LYS A 77 -16.59 22.14 0.82
CA LYS A 77 -15.70 23.20 0.31
C LYS A 77 -16.34 24.37 -0.46
N MET A 78 -17.55 24.17 -1.00
CA MET A 78 -18.24 25.28 -1.67
C MET A 78 -18.51 26.48 -0.75
N LEU A 79 -18.64 26.21 0.55
CA LEU A 79 -18.87 27.27 1.53
C LEU A 79 -17.83 28.38 1.44
N GLY A 80 -16.58 27.99 1.19
CA GLY A 80 -15.49 28.96 1.07
C GLY A 80 -15.34 29.44 -0.36
N GLY A 81 -15.21 28.49 -1.29
CA GLY A 81 -15.03 28.79 -2.71
C GLY A 81 -16.08 29.71 -3.29
N ALA A 82 -17.35 29.37 -3.10
CA ALA A 82 -18.45 30.19 -3.63
C ALA A 82 -18.55 31.57 -2.98
N TYR A 83 -18.23 31.64 -1.69
CA TYR A 83 -18.27 32.91 -0.97
C TYR A 83 -17.19 33.87 -1.46
N ALA A 84 -15.98 33.36 -1.67
CA ALA A 84 -14.85 34.16 -2.14
C ALA A 84 -15.04 34.63 -3.57
N ILE A 85 -15.59 33.73 -4.40
CA ILE A 85 -15.92 34.03 -5.79
C ILE A 85 -17.02 35.09 -5.87
N ALA A 86 -17.97 35.03 -4.94
CA ALA A 86 -19.03 36.04 -4.84
C ALA A 86 -18.47 37.41 -4.45
N GLN A 87 -17.55 37.43 -3.49
CA GLN A 87 -16.90 38.66 -3.04
C GLN A 87 -16.05 39.31 -4.13
N LEU A 88 -15.41 38.49 -4.96
CA LEU A 88 -14.61 38.99 -6.09
C LEU A 88 -15.47 39.72 -7.11
N LEU A 89 -16.63 39.15 -7.42
CA LEU A 89 -17.57 39.74 -8.38
C LEU A 89 -18.23 41.01 -7.86
N CYS A 90 -18.53 41.04 -6.56
CA CYS A 90 -19.04 42.24 -5.90
C CYS A 90 -18.05 43.40 -5.97
N GLU A 91 -16.76 43.09 -5.82
CA GLU A 91 -15.67 44.06 -6.02
C GLU A 91 -15.69 44.62 -7.44
N LYS A 92 -15.65 43.72 -8.42
CA LYS A 92 -15.56 44.06 -9.84
C LYS A 92 -16.78 44.81 -10.37
N TYR A 93 -17.96 44.50 -9.86
CA TYR A 93 -19.19 45.08 -10.38
C TYR A 93 -19.89 46.08 -9.44
N HIS A 94 -19.20 46.44 -8.36
CA HIS A 94 -19.64 47.49 -7.41
C HIS A 94 -20.93 47.16 -6.72
N LEU A 95 -21.04 45.92 -6.25
CA LEU A 95 -22.22 45.46 -5.52
C LEU A 95 -21.89 45.18 -4.06
N ASP A 96 -22.92 45.15 -3.23
CA ASP A 96 -22.77 44.83 -1.82
C ASP A 96 -23.19 43.37 -1.60
N ILE A 97 -22.35 42.63 -0.89
CA ILE A 97 -22.59 41.20 -0.65
C ILE A 97 -23.89 40.95 0.14
N GLU A 98 -24.24 41.89 1.01
CA GLU A 98 -25.44 41.79 1.85
C GLU A 98 -26.73 41.76 1.04
N THR A 99 -26.69 42.35 -0.14
CA THR A 99 -27.89 42.54 -0.96
C THR A 99 -27.77 41.92 -2.36
N LEU A 100 -26.83 40.97 -2.51
CA LEU A 100 -26.54 40.39 -3.81
C LEU A 100 -27.72 39.64 -4.40
N SER A 101 -28.06 40.00 -5.64
CA SER A 101 -29.06 39.29 -6.44
C SER A 101 -28.33 38.57 -7.55
N PHE A 102 -28.47 37.24 -7.59
CA PHE A 102 -27.85 36.42 -8.61
C PHE A 102 -28.38 36.78 -10.00
N GLU A 103 -29.68 37.07 -10.05
CA GLU A 103 -30.34 37.48 -11.29
C GLU A 103 -29.80 38.79 -11.85
N HIS A 104 -29.50 39.74 -10.96
CA HIS A 104 -28.90 41.00 -11.37
C HIS A 104 -27.46 40.85 -11.78
N LEU A 105 -26.72 40.01 -11.06
CA LEU A 105 -25.34 39.68 -11.39
C LEU A 105 -25.20 39.04 -12.77
N LYS A 106 -26.17 38.19 -13.12
CA LYS A 106 -26.18 37.51 -14.41
C LYS A 106 -26.22 38.48 -15.59
N ASN A 107 -27.06 39.51 -15.50
CA ASN A 107 -27.16 40.51 -16.58
C ASN A 107 -26.31 41.77 -16.36
N ALA A 108 -25.16 41.61 -15.72
CA ALA A 108 -24.22 42.71 -15.53
C ALA A 108 -23.27 42.84 -16.72
N GLY A 110 -20.42 42.03 -18.27
CA GLY A 110 -19.70 42.11 -19.53
C GLY A 110 -19.11 40.77 -19.93
N GLU A 111 -17.77 40.73 -20.04
CA GLU A 111 -17.05 39.51 -20.38
C GLU A 111 -17.00 38.55 -19.19
N LYS A 112 -17.05 37.25 -19.49
CA LYS A 112 -17.03 36.21 -18.46
C LYS A 112 -15.62 36.01 -17.89
N MET A 113 -15.53 36.07 -16.56
CA MET A 113 -14.26 35.86 -15.86
C MET A 113 -13.86 34.39 -15.85
N THR A 114 -12.55 34.13 -15.80
CA THR A 114 -12.02 32.78 -15.73
C THR A 114 -11.37 32.55 -14.37
N PHE A 115 -11.88 31.57 -13.64
CA PHE A 115 -11.35 31.20 -12.32
C PHE A 115 -10.46 29.97 -12.41
N ALA A 116 -9.22 30.10 -11.96
CA ALA A 116 -8.25 29.01 -12.03
C ALA A 116 -7.83 28.54 -10.64
N THR A 117 -7.71 27.22 -10.49
CA THR A 117 -7.24 26.63 -9.23
C THR A 117 -6.69 25.21 -9.39
N THR A 118 -5.75 24.87 -8.53
CA THR A 118 -5.30 23.49 -8.38
C THR A 118 -6.08 22.84 -7.24
N THR A 119 -6.43 21.56 -7.41
CA THR A 119 -7.15 20.82 -6.38
C THR A 119 -6.80 19.34 -6.33
N ASP A 120 -6.97 18.76 -5.14
CA ASP A 120 -6.94 17.31 -4.97
C ASP A 120 -8.32 16.72 -5.23
N GLY A 121 -9.34 17.57 -5.21
CA GLY A 121 -10.70 17.14 -5.51
C GLY A 121 -11.77 18.16 -5.12
N ASN A 122 -12.05 18.23 -3.82
CA ASN A 122 -13.21 18.96 -3.31
C ASN A 122 -13.21 20.46 -3.57
N HIS A 123 -12.08 21.12 -3.28
CA HIS A 123 -11.96 22.57 -3.44
C HIS A 123 -12.27 23.04 -4.84
N GLY A 124 -11.64 22.41 -5.83
CA GLY A 124 -11.83 22.77 -7.24
C GLY A 124 -13.24 22.54 -7.73
N ARG A 125 -13.85 21.45 -7.28
CA ARG A 125 -15.25 21.14 -7.58
C ARG A 125 -16.15 22.27 -7.11
N GLY A 126 -15.85 22.81 -5.92
CA GLY A 126 -16.59 23.94 -5.38
C GLY A 126 -16.39 25.23 -6.16
N VAL A 127 -15.19 25.41 -6.71
CA VAL A 127 -14.89 26.55 -7.58
C VAL A 127 -15.64 26.39 -8.90
N ALA A 128 -15.60 25.19 -9.46
CA ALA A 128 -16.31 24.86 -10.71
C ALA A 128 -17.82 25.01 -10.54
N TRP A 129 -18.34 24.52 -9.42
CA TRP A 129 -19.75 24.67 -9.09
C TRP A 129 -20.15 26.13 -9.04
N ALA A 130 -19.38 26.93 -8.31
CA ALA A 130 -19.64 28.36 -8.15
C ALA A 130 -19.55 29.15 -9.46
N ALA A 131 -18.63 28.74 -10.33
CA ALA A 131 -18.49 29.36 -11.65
C ALA A 131 -19.62 28.96 -12.59
N GLN A 132 -20.19 27.78 -12.35
CA GLN A 132 -21.33 27.30 -13.13
C GLN A 132 -22.61 28.03 -12.70
N GLN A 133 -22.78 28.22 -11.39
CA GLN A 133 -23.92 28.97 -10.85
C GLN A 133 -23.93 30.40 -11.38
N LEU A 134 -22.80 31.09 -11.21
CA LEU A 134 -22.72 32.53 -11.48
C LEU A 134 -22.35 32.89 -12.93
N GLY A 135 -22.32 31.88 -13.79
CA GLY A 135 -22.10 32.07 -15.23
C GLY A 135 -20.69 32.52 -15.61
N GLN A 136 -19.70 31.92 -14.96
CA GLN A 136 -18.29 32.26 -15.21
C GLN A 136 -17.51 31.04 -15.69
N ASN A 137 -16.31 31.29 -16.23
CA ASN A 137 -15.42 30.22 -16.65
C ASN A 137 -14.58 29.69 -15.48
N ALA A 138 -14.20 28.42 -15.58
CA ALA A 138 -13.35 27.79 -14.57
C ALA A 138 -12.39 26.81 -15.23
N VAL A 139 -11.12 26.90 -14.84
CA VAL A 139 -10.10 25.95 -15.30
C VAL A 139 -9.38 25.34 -14.11
N ILE A 140 -9.68 24.08 -13.84
CA ILE A 140 -9.15 23.40 -12.67
C ILE A 140 -7.99 22.50 -13.06
N TYR A 141 -6.90 22.58 -12.28
CA TYR A 141 -5.73 21.75 -12.52
C TYR A 141 -5.63 20.69 -11.43
N MET A 142 -5.26 19.47 -11.80
CA MET A 142 -5.09 18.38 -10.84
C MET A 142 -3.77 17.64 -11.06
N PRO A 143 -3.07 17.28 -9.96
CA PRO A 143 -1.80 16.55 -10.03
C PRO A 143 -1.97 15.11 -10.52
N LYS A 144 -0.87 14.45 -10.83
CA LYS A 144 -0.90 13.05 -11.30
C LYS A 144 -1.36 12.09 -10.21
N GLY A 145 -2.06 11.04 -10.61
CA GLY A 145 -2.60 10.07 -9.68
C GLY A 145 -3.95 10.46 -9.11
N SER A 146 -4.47 11.60 -9.58
CA SER A 146 -5.81 12.07 -9.18
C SER A 146 -6.89 11.13 -9.69
N ALA A 147 -7.84 10.81 -8.83
CA ALA A 147 -8.94 9.90 -9.19
C ALA A 147 -9.74 10.44 -10.37
N GLN A 148 -9.95 9.57 -11.36
CA GLN A 148 -10.72 9.92 -12.56
C GLN A 148 -12.14 10.38 -12.24
N GLU A 149 -12.79 9.74 -11.26
CA GLU A 149 -14.11 10.16 -10.79
C GLU A 149 -14.12 11.63 -10.38
N ARG A 150 -13.04 12.08 -9.74
CA ARG A 150 -12.90 13.46 -9.31
C ARG A 150 -12.68 14.39 -10.50
N VAL A 151 -11.90 13.94 -11.47
CA VAL A 151 -11.72 14.69 -12.73
C VAL A 151 -13.05 14.78 -13.48
N ASP A 152 -13.82 13.69 -13.44
CA ASP A 152 -15.14 13.65 -14.10
C ASP A 152 -16.20 14.52 -13.43
N ALA A 153 -16.17 14.61 -12.10
CA ALA A 153 -17.14 15.41 -11.34
C ALA A 153 -17.01 16.90 -11.67
N ILE A 154 -15.77 17.31 -11.98
CA ILE A 154 -15.47 18.68 -12.34
C ILE A 154 -15.91 18.98 -13.79
N LEU A 155 -15.54 18.10 -14.71
CA LEU A 155 -15.96 18.20 -16.12
C LEU A 155 -17.49 18.23 -16.27
N ASN A 156 -18.19 17.55 -15.36
CA ASN A 156 -19.65 17.53 -15.33
C ASN A 156 -20.27 18.87 -14.94
N LEU A 157 -19.45 19.74 -14.34
CA LEU A 157 -19.89 21.08 -13.98
C LEU A 157 -19.52 22.12 -15.07
N GLY A 158 -19.19 21.63 -16.26
CA GLY A 158 -18.94 22.49 -17.42
C GLY A 158 -17.65 23.28 -17.37
N ALA A 159 -16.65 22.71 -16.70
CA ALA A 159 -15.35 23.37 -16.55
C ALA A 159 -14.23 22.48 -17.09
N GLU A 160 -13.10 23.11 -17.42
CA GLU A 160 -11.92 22.38 -17.89
C GLU A 160 -11.16 21.77 -16.71
N CYS A 161 -10.56 20.61 -16.94
CA CYS A 161 -9.76 19.92 -15.91
C CYS A 161 -8.51 19.28 -16.51
N ILE A 162 -7.35 19.87 -16.23
CA ILE A 162 -6.08 19.41 -16.78
C ILE A 162 -5.31 18.56 -15.78
N VAL A 163 -5.14 17.27 -16.09
CA VAL A 163 -4.33 16.38 -15.27
C VAL A 163 -2.87 16.49 -15.69
N THR A 164 -2.03 16.93 -14.77
CA THR A 164 -0.62 17.15 -15.03
C THR A 164 0.21 15.94 -14.61
N ASP A 165 1.48 15.92 -14.99
CA ASP A 165 2.40 14.86 -14.60
C ASP A 165 3.29 15.29 -13.44
N MET A 166 2.81 16.28 -12.68
CA MET A 166 3.53 16.86 -11.56
C MET A 166 2.76 16.68 -10.25
N ASN A 167 3.41 16.99 -9.14
CA ASN A 167 2.76 16.99 -7.81
C ASN A 167 1.93 18.26 -7.60
N TYR A 168 1.33 18.40 -6.42
CA TYR A 168 0.47 19.53 -6.11
C TYR A 168 1.16 20.90 -6.25
N ASP A 169 2.32 21.05 -5.60
CA ASP A 169 3.05 22.33 -5.55
C ASP A 169 3.43 22.88 -6.93
N ASP A 170 3.92 22.00 -7.81
CA ASP A 170 4.30 22.38 -9.16
C ASP A 170 3.07 22.76 -10.00
N THR A 171 1.96 22.06 -9.73
CA THR A 171 0.70 22.29 -10.43
C THR A 171 0.05 23.63 -10.01
N VAL A 172 0.31 24.04 -8.77
CA VAL A 172 -0.10 25.37 -8.30
C VAL A 172 0.68 26.45 -9.05
N ARG A 173 1.99 26.25 -9.18
CA ARG A 173 2.86 27.17 -9.92
C ARG A 173 2.46 27.25 -11.39
N LEU A 174 2.05 26.10 -11.94
CA LEU A 174 1.58 26.04 -13.33
C LEU A 174 0.27 26.79 -13.50
N THR A 175 -0.63 26.64 -12.51
CA THR A 175 -1.90 27.36 -12.49
C THR A 175 -1.67 28.87 -12.38
N MET A 176 -0.68 29.26 -11.57
CA MET A 176 -0.33 30.67 -11.41
C MET A 176 0.33 31.25 -12.66
N GLN A 177 1.21 30.48 -13.28
CA GLN A 177 1.90 30.88 -14.50
C GLN A 177 0.93 31.03 -15.68
N HIS A 178 0.01 30.08 -15.82
CA HIS A 178 -1.04 30.12 -16.83
C HIS A 178 -2.00 31.25 -16.61
N ALA A 179 -2.31 31.53 -15.34
CA ALA A 179 -3.24 32.60 -14.98
C ALA A 179 -2.65 33.99 -15.19
N GLN A 180 -1.33 34.10 -15.00
CA GLN A 180 -0.61 35.35 -15.23
C GLN A 180 -0.46 35.64 -16.73
N GLN A 181 -0.30 34.56 -17.51
CA GLN A 181 -0.10 34.68 -18.95
C GLN A 181 -1.41 34.90 -19.73
N HIS A 182 -2.54 34.57 -19.10
CA HIS A 182 -3.84 34.66 -19.76
C HIS A 182 -4.82 35.56 -19.03
N GLY A 183 -4.39 36.12 -17.89
CA GLY A 183 -5.20 37.05 -17.11
C GLY A 183 -6.38 36.41 -16.37
N TRP A 184 -6.13 35.25 -15.75
CA TRP A 184 -7.15 34.57 -14.95
C TRP A 184 -7.06 34.93 -13.49
N GLU A 185 -8.16 34.73 -12.76
CA GLU A 185 -8.21 34.98 -11.32
C GLU A 185 -7.99 33.70 -10.51
N VAL A 186 -6.82 33.60 -9.87
CA VAL A 186 -6.44 32.44 -9.08
C VAL A 186 -7.27 32.34 -7.80
N VAL A 187 -7.91 31.20 -7.58
CA VAL A 187 -8.73 30.96 -6.39
C VAL A 187 -8.24 29.74 -5.59
N GLN A 188 -7.19 29.93 -4.81
CA GLN A 188 -6.61 28.86 -3.99
C GLN A 188 -7.04 28.93 -2.53
N ASP A 189 -7.21 27.76 -1.92
CA ASP A 189 -7.55 27.67 -0.51
C ASP A 189 -6.33 27.77 0.42
N THR A 190 -5.16 28.00 -0.18
CA THR A 190 -3.93 28.25 0.58
C THR A 190 -3.50 29.71 0.42
N ALA A 191 -2.79 30.23 1.42
CA ALA A 191 -2.30 31.60 1.39
C ALA A 191 -0.77 31.63 1.29
N TRP A 192 -0.26 32.71 0.70
CA TRP A 192 1.18 32.98 0.66
C TRP A 192 1.44 34.46 0.62
N GLU A 193 2.71 34.84 0.58
CA GLU A 193 3.11 36.26 0.50
C GLU A 193 2.37 36.94 -0.65
N GLY A 194 1.52 37.91 -0.31
CA GLY A 194 0.78 38.68 -1.31
C GLY A 194 -0.52 38.08 -1.80
N TYR A 195 -0.87 36.92 -1.27
CA TYR A 195 -2.12 36.26 -1.63
C TYR A 195 -2.84 35.82 -0.36
N THR A 196 -3.75 36.66 0.11
CA THR A 196 -4.31 36.54 1.44
C THR A 196 -5.79 36.93 1.47
N LYS A 197 -6.22 37.72 0.48
CA LYS A 197 -7.60 38.19 0.43
C LYS A 197 -8.58 37.04 0.16
N ILE A 198 -8.36 36.31 -0.93
CA ILE A 198 -9.20 35.16 -1.29
C ILE A 198 -9.19 34.05 -0.22
N PRO A 199 -7.99 33.62 0.25
CA PRO A 199 -7.97 32.61 1.32
C PRO A 199 -8.67 33.04 2.61
N THR A 200 -8.67 34.34 2.90
CA THR A 200 -9.38 34.86 4.08
C THR A 200 -10.89 34.64 3.95
N TRP A 201 -11.44 34.98 2.78
CA TRP A 201 -12.86 34.80 2.49
C TRP A 201 -13.28 33.37 2.54
N ILE A 202 -12.44 32.49 2.00
CA ILE A 202 -12.69 31.05 2.02
C ILE A 202 -12.86 30.53 3.45
N MET A 203 -11.94 30.92 4.33
CA MET A 203 -11.95 30.51 5.73
C MET A 203 -13.17 31.04 6.49
N GLN A 204 -13.55 32.28 6.19
CA GLN A 204 -14.76 32.88 6.73
C GLN A 204 -15.98 32.13 6.21
N GLY A 205 -15.96 31.80 4.92
CA GLY A 205 -16.99 30.98 4.30
C GLY A 205 -17.21 29.67 5.05
N TYR A 206 -16.12 28.94 5.29
CA TYR A 206 -16.17 27.64 5.98
C TYR A 206 -16.85 27.73 7.35
N ALA A 207 -16.63 28.83 8.06
CA ALA A 207 -17.20 29.02 9.39
C ALA A 207 -18.73 28.96 9.40
N THR A 208 -19.35 29.09 8.22
CA THR A 208 -20.79 28.86 8.06
C THR A 208 -21.23 27.55 8.70
N LEU A 209 -20.48 26.46 8.44
CA LEU A 209 -20.80 25.14 9.01
C LEU A 209 -20.73 25.16 10.53
N ALA A 210 -19.81 25.94 11.08
CA ALA A 210 -19.65 26.07 12.52
C ALA A 210 -20.76 26.91 13.12
N ASP A 211 -21.19 27.93 12.39
CA ASP A 211 -22.32 28.76 12.81
C ASP A 211 -23.60 27.93 12.85
N GLU A 212 -23.79 27.12 11.82
CA GLU A 212 -24.90 26.17 11.78
C GLU A 212 -24.83 25.20 12.95
N ALA A 213 -23.65 24.63 13.17
CA ALA A 213 -23.46 23.60 14.21
C ALA A 213 -23.79 24.09 15.61
N VAL A 214 -23.41 25.34 15.91
CA VAL A 214 -23.69 25.97 17.21
C VAL A 214 -25.20 26.19 17.40
N GLU A 215 -25.86 26.68 16.35
CA GLU A 215 -27.31 26.85 16.36
C GLU A 215 -27.97 25.49 16.62
N GLN A 216 -27.48 24.46 15.93
CA GLN A 216 -28.01 23.10 16.08
C GLN A 216 -27.75 22.50 17.47
N MET A 217 -26.59 22.80 18.05
CA MET A 217 -26.28 22.36 19.40
C MET A 217 -27.10 23.10 20.46
N ARG A 218 -27.31 24.40 20.26
CA ARG A 218 -28.16 25.18 21.15
C ARG A 218 -29.62 24.73 21.07
N GLU A 219 -30.06 24.37 19.86
CA GLU A 219 -31.36 23.77 19.65
C GLU A 219 -31.49 22.46 20.45
N MET A 220 -30.44 21.65 20.41
CA MET A 220 -30.37 20.42 21.21
C MET A 220 -30.29 20.69 22.71
N GLY A 221 -29.86 21.90 23.06
CA GLY A 221 -29.62 22.26 24.46
C GLY A 221 -28.33 21.63 24.96
N VAL A 222 -27.33 21.58 24.08
CA VAL A 222 -26.01 21.02 24.44
C VAL A 222 -24.87 22.03 24.23
N THR A 223 -23.78 21.79 24.95
CA THR A 223 -22.60 22.63 24.91
C THR A 223 -21.41 21.70 24.63
N PRO A 224 -20.68 21.95 23.53
CA PRO A 224 -19.56 21.07 23.20
C PRO A 224 -18.36 21.29 24.13
N THR A 225 -17.81 20.21 24.65
CA THR A 225 -16.59 20.27 25.44
C THR A 225 -15.38 20.06 24.54
N HIS A 226 -15.58 19.31 23.46
CA HIS A 226 -14.52 18.94 22.54
C HIS A 226 -14.90 19.19 21.12
N VAL A 227 -13.88 19.28 20.26
CA VAL A 227 -14.07 19.29 18.82
C VAL A 227 -12.82 18.70 18.16
N LEU A 228 -13.02 17.78 17.22
CA LEU A 228 -11.92 17.27 16.41
C LEU A 228 -12.00 17.87 15.03
N LEU A 229 -10.91 18.47 14.59
CA LEU A 229 -10.87 19.08 13.28
C LEU A 229 -9.71 18.49 12.50
N GLN A 230 -10.02 17.90 11.35
CA GLN A 230 -9.00 17.38 10.45
C GLN A 230 -8.19 18.53 9.87
N ALA A 231 -6.88 18.34 9.80
CA ALA A 231 -5.94 19.44 9.52
C ALA A 231 -5.90 19.89 8.06
N GLY A 232 -5.83 18.95 7.12
CA GLY A 232 -5.72 19.27 5.69
C GLY A 232 -4.70 20.38 5.46
N VAL A 233 -5.12 21.49 4.85
CA VAL A 233 -4.22 22.63 4.63
C VAL A 233 -4.36 23.69 5.72
N GLY A 234 -5.26 23.47 6.67
CA GLY A 234 -5.41 24.37 7.80
C GLY A 234 -6.55 25.36 7.72
N ALA A 235 -7.11 25.52 6.52
CA ALA A 235 -8.15 26.53 6.27
C ALA A 235 -9.47 26.22 7.01
N MET A 236 -9.96 24.99 6.87
CA MET A 236 -11.19 24.59 7.53
C MET A 236 -11.02 24.63 9.05
N ALA A 237 -9.96 23.96 9.53
CA ALA A 237 -9.69 23.89 10.97
C ALA A 237 -9.48 25.28 11.56
N GLY A 238 -8.70 26.12 10.88
CA GLY A 238 -8.50 27.52 11.27
C GLY A 238 -9.81 28.29 11.36
N GLY A 239 -10.55 28.31 10.25
CA GLY A 239 -11.80 29.06 10.17
C GLY A 239 -12.82 28.63 11.20
N VAL A 240 -13.05 27.31 11.28
CA VAL A 240 -14.02 26.72 12.20
C VAL A 240 -13.59 26.91 13.65
N LEU A 241 -12.33 26.61 13.96
CA LEU A 241 -11.81 26.84 15.31
C LEU A 241 -11.92 28.31 15.69
N GLY A 242 -11.50 29.20 14.78
CA GLY A 242 -11.64 30.64 14.97
C GLY A 242 -13.03 31.03 15.42
N TYR A 243 -14.05 30.54 14.72
CA TYR A 243 -15.44 30.79 15.06
C TYR A 243 -15.83 30.19 16.42
N LEU A 244 -15.45 28.93 16.64
CA LEU A 244 -15.85 28.23 17.86
C LEU A 244 -15.25 28.84 19.13
N VAL A 245 -14.00 29.31 19.05
CA VAL A 245 -13.38 29.94 20.22
C VAL A 245 -13.98 31.33 20.49
N ASP A 246 -14.43 32.00 19.42
CA ASP A 246 -15.17 33.25 19.57
C ASP A 246 -16.47 33.02 20.33
N VAL A 247 -17.14 31.89 20.05
CA VAL A 247 -18.38 31.49 20.72
C VAL A 247 -18.14 31.01 22.15
N TYR A 248 -17.23 30.04 22.30
CA TYR A 248 -17.08 29.33 23.58
C TYR A 248 -15.93 29.77 24.47
N SER A 249 -14.97 30.49 23.90
CA SER A 249 -13.68 30.82 24.55
C SER A 249 -12.70 29.67 24.40
N PRO A 250 -11.42 29.97 24.14
CA PRO A 250 -10.40 28.92 23.98
C PRO A 250 -10.18 28.04 25.20
N GLN A 251 -10.49 28.56 26.40
CA GLN A 251 -10.31 27.81 27.63
C GLN A 251 -11.39 26.77 27.92
N ASN A 252 -12.59 27.01 27.40
CA ASN A 252 -13.75 26.13 27.63
C ASN A 252 -14.02 25.13 26.50
N LEU A 253 -13.03 24.97 25.62
CA LEU A 253 -13.21 24.12 24.46
C LEU A 253 -11.90 23.35 24.22
N HIS A 254 -11.98 22.03 24.33
CA HIS A 254 -10.81 21.17 24.15
C HIS A 254 -10.75 20.79 22.68
N SER A 255 -9.95 21.51 21.93
CA SER A 255 -9.87 21.31 20.48
C SER A 255 -8.70 20.42 20.10
N ILE A 256 -8.98 19.40 19.31
CA ILE A 256 -7.97 18.45 18.87
C ILE A 256 -7.83 18.54 17.36
N ILE A 257 -6.63 18.84 16.89
CA ILE A 257 -6.37 18.96 15.46
C ILE A 257 -5.72 17.67 14.97
N VAL A 258 -6.41 17.02 14.04
CA VAL A 258 -6.05 15.68 13.62
C VAL A 258 -5.35 15.75 12.28
N GLU A 259 -4.12 15.25 12.25
CA GLU A 259 -3.32 15.25 11.04
C GLU A 259 -2.96 13.82 10.66
N PRO A 260 -3.56 13.31 9.57
CA PRO A 260 -3.24 11.98 9.05
C PRO A 260 -1.81 11.91 8.50
N ASP A 261 -1.16 10.76 8.68
CA ASP A 261 0.26 10.55 8.35
C ASP A 261 0.71 11.06 7.00
N LYS A 262 -0.07 10.78 5.96
CA LYS A 262 0.26 11.24 4.60
C LYS A 262 -0.88 12.04 3.98
N PRO A 294 1.32 24.59 4.04
CA PRO A 294 -0.05 24.79 4.53
C PRO A 294 -0.48 26.27 4.55
N ASN A 295 -1.73 26.51 4.94
CA ASN A 295 -2.30 27.85 5.04
C ASN A 295 -1.89 28.53 6.34
N PRO A 296 -1.09 29.61 6.25
CA PRO A 296 -0.57 30.31 7.43
C PRO A 296 -1.63 31.05 8.24
N LEU A 297 -2.69 31.49 7.57
CA LEU A 297 -3.79 32.20 8.23
C LEU A 297 -4.55 31.26 9.18
N GLY A 298 -4.83 30.06 8.70
CA GLY A 298 -5.49 29.03 9.50
C GLY A 298 -4.60 28.53 10.63
N TRP A 299 -3.33 28.35 10.31
CA TRP A 299 -2.36 27.81 11.27
C TRP A 299 -2.02 28.74 12.40
N GLU A 300 -2.22 30.04 12.20
CA GLU A 300 -2.03 31.00 13.27
C GLU A 300 -3.08 30.79 14.37
N ILE A 301 -4.33 30.61 13.95
CA ILE A 301 -5.44 30.32 14.86
C ILE A 301 -5.22 28.99 15.57
N LEU A 302 -4.72 28.00 14.83
CA LEU A 302 -4.45 26.67 15.38
C LEU A 302 -3.31 26.69 16.39
N ARG A 303 -2.24 27.43 16.09
CA ARG A 303 -1.15 27.61 17.04
C ARG A 303 -1.64 28.33 18.30
N ASN A 304 -2.41 29.40 18.11
CA ASN A 304 -2.91 30.20 19.22
C ASN A 304 -3.92 29.48 20.12
N CYS A 305 -4.85 28.74 19.50
CA CYS A 305 -6.05 28.29 20.20
C CYS A 305 -6.28 26.77 20.28
N ALA A 306 -5.55 25.98 19.48
CA ALA A 306 -5.71 24.53 19.53
C ALA A 306 -5.21 23.96 20.85
N THR A 307 -5.94 22.99 21.40
CA THR A 307 -5.53 22.34 22.64
C THR A 307 -4.46 21.28 22.36
N GLN A 308 -4.76 20.38 21.43
CA GLN A 308 -3.90 19.24 21.15
C GLN A 308 -3.79 18.93 19.66
N PHE A 309 -2.69 18.28 19.28
CA PHE A 309 -2.47 17.83 17.92
C PHE A 309 -2.25 16.33 17.92
N ILE A 310 -3.06 15.62 17.14
CA ILE A 310 -2.87 14.19 16.96
C ILE A 310 -2.30 13.91 15.58
N SER A 311 -1.20 13.17 15.57
CA SER A 311 -0.65 12.61 14.36
C SER A 311 -1.09 11.16 14.32
N CYS A 312 -1.77 10.78 13.23
CA CYS A 312 -2.40 9.47 13.18
C CYS A 312 -2.12 8.68 11.90
N GLN A 313 -2.22 7.37 12.04
CA GLN A 313 -2.01 6.38 10.98
C GLN A 313 -3.10 6.46 9.90
N ASP A 314 -2.77 6.03 8.69
CA ASP A 314 -3.72 5.94 7.56
C ASP A 314 -5.01 5.20 7.94
N SER A 315 -4.83 4.04 8.57
CA SER A 315 -5.92 3.14 8.91
C SER A 315 -6.92 3.72 9.93
N VAL A 316 -6.59 4.85 10.55
CA VAL A 316 -7.50 5.55 11.47
C VAL A 316 -8.68 6.16 10.74
N ALA A 317 -8.41 6.81 9.60
CA ALA A 317 -9.45 7.36 8.75
C ALA A 317 -10.35 6.24 8.24
N ALA A 318 -9.71 5.18 7.71
CA ALA A 318 -10.42 3.99 7.26
C ALA A 318 -11.36 3.43 8.33
N LEU A 319 -10.86 3.31 9.56
CA LEU A 319 -11.67 2.83 10.66
C LEU A 319 -12.89 3.74 10.87
N GLY A 320 -12.65 5.05 10.88
CA GLY A 320 -13.72 6.03 11.03
C GLY A 320 -14.78 5.93 9.96
N MET A 321 -14.35 5.64 8.73
CA MET A 321 -15.27 5.44 7.60
C MET A 321 -16.24 4.30 7.88
N ARG A 322 -15.71 3.19 8.38
CA ARG A 322 -16.52 2.00 8.66
C ARG A 322 -17.48 2.20 9.83
N VAL A 323 -17.02 2.88 10.88
CA VAL A 323 -17.87 3.10 12.04
C VAL A 323 -19.04 4.00 11.65
N LEU A 324 -18.74 5.03 10.86
CA LEU A 324 -19.77 5.96 10.40
C LEU A 324 -20.76 5.29 9.44
N GLY A 325 -20.23 4.47 8.54
CA GLY A 325 -21.01 3.83 7.47
C GLY A 325 -21.79 2.59 7.84
N ASN A 326 -21.37 1.91 8.91
CA ASN A 326 -22.16 0.84 9.50
C ASN A 326 -22.34 1.13 11.00
N PRO A 327 -23.26 2.04 11.35
CA PRO A 327 -23.35 2.57 12.72
C PRO A 327 -23.62 1.51 13.80
N TYR A 328 -23.49 1.92 15.06
CA TYR A 328 -23.69 1.02 16.20
C TYR A 328 -25.10 1.25 16.75
N GLY A 329 -25.68 0.21 17.35
CA GLY A 329 -27.03 0.30 17.91
C GLY A 329 -28.02 0.81 16.88
N ASN A 330 -28.76 1.85 17.25
CA ASN A 330 -29.73 2.49 16.36
C ASN A 330 -29.29 3.87 15.88
N ASP A 331 -28.00 4.16 16.02
CA ASP A 331 -27.44 5.41 15.49
C ASP A 331 -27.71 5.57 13.99
N PRO A 332 -27.82 6.83 13.51
CA PRO A 332 -28.02 7.06 12.09
C PRO A 332 -26.71 6.81 11.35
N ARG A 333 -26.83 6.45 10.08
CA ARG A 333 -25.70 6.09 9.22
C ARG A 333 -25.21 7.31 8.44
N ILE A 334 -23.88 7.44 8.31
CA ILE A 334 -23.23 8.56 7.67
C ILE A 334 -22.17 8.07 6.66
N ILE A 335 -22.21 8.59 5.44
CA ILE A 335 -21.24 8.23 4.41
C ILE A 335 -20.13 9.26 4.44
N SER A 336 -18.96 8.83 4.89
CA SER A 336 -17.84 9.71 5.13
C SER A 336 -16.60 9.22 4.39
N GLY A 337 -16.01 10.08 3.57
CA GLY A 337 -14.79 9.75 2.83
C GLY A 337 -13.54 9.77 3.69
N GLU A 338 -12.39 9.55 3.05
CA GLU A 338 -11.11 9.45 3.77
C GLU A 338 -10.78 10.68 4.63
N SER A 339 -10.95 11.87 4.06
CA SER A 339 -10.67 13.10 4.78
C SER A 339 -11.75 13.44 5.79
N GLY A 340 -12.96 12.93 5.54
CA GLY A 340 -14.13 13.27 6.35
C GLY A 340 -14.23 12.54 7.67
N ALA A 341 -13.74 11.30 7.72
CA ALA A 341 -14.00 10.39 8.84
C ALA A 341 -12.92 10.31 9.93
N VAL A 342 -11.79 10.96 9.70
CA VAL A 342 -10.62 10.79 10.57
C VAL A 342 -10.83 11.29 12.01
N GLY A 343 -11.55 12.41 12.16
CA GLY A 343 -11.93 12.89 13.49
C GLY A 343 -12.56 11.75 14.25
N LEU A 344 -13.61 11.17 13.67
CA LEU A 344 -14.36 10.09 14.28
C LEU A 344 -13.51 8.85 14.49
N GLY A 345 -12.67 8.53 13.49
CA GLY A 345 -11.74 7.43 13.59
C GLY A 345 -10.79 7.49 14.77
N VAL A 346 -10.35 8.69 15.15
CA VAL A 346 -9.52 8.87 16.35
C VAL A 346 -10.27 8.42 17.60
N LEU A 347 -11.53 8.83 17.74
CA LEU A 347 -12.36 8.42 18.88
C LEU A 347 -12.50 6.90 18.96
N ALA A 348 -12.69 6.27 17.80
CA ALA A 348 -12.80 4.82 17.72
C ALA A 348 -11.46 4.14 18.06
N ALA A 349 -10.37 4.71 17.58
CA ALA A 349 -9.02 4.16 17.81
C ALA A 349 -8.65 4.23 19.28
N VAL A 350 -9.05 5.32 19.94
CA VAL A 350 -8.86 5.48 21.37
C VAL A 350 -9.66 4.41 22.13
N HIS A 351 -10.93 4.24 21.75
CA HIS A 351 -11.82 3.33 22.46
C HIS A 351 -11.35 1.90 22.48
N TYR A 352 -10.75 1.45 21.38
CA TYR A 352 -10.29 0.07 21.26
C TYR A 352 -8.83 -0.13 21.67
N HIS A 353 -8.11 0.98 21.88
CA HIS A 353 -6.73 0.97 22.31
C HIS A 353 -6.55 0.33 23.68
N PRO A 354 -5.48 -0.45 23.85
CA PRO A 354 -5.11 -1.05 25.15
C PRO A 354 -4.97 0.00 26.25
N GLN A 355 -4.46 1.17 25.88
CA GLN A 355 -4.19 2.27 26.81
C GLN A 355 -5.32 3.29 26.79
N ARG A 356 -6.52 2.79 26.50
CA ARG A 356 -7.75 3.58 26.46
C ARG A 356 -7.88 4.56 27.63
N GLN A 357 -7.64 4.06 28.85
CA GLN A 357 -7.80 4.87 30.07
C GLN A 357 -6.89 6.11 30.05
N SER A 358 -5.60 5.90 29.78
CA SER A 358 -4.65 7.01 29.76
C SER A 358 -4.88 7.94 28.56
N LEU A 359 -5.32 7.39 27.44
CA LEU A 359 -5.58 8.21 26.25
C LEU A 359 -6.81 9.11 26.46
N MET A 360 -7.86 8.55 27.03
CA MET A 360 -9.04 9.33 27.38
C MET A 360 -8.74 10.44 28.39
N GLU A 361 -7.86 10.13 29.35
CA GLU A 361 -7.39 11.12 30.32
C GLU A 361 -6.62 12.25 29.63
N LYS A 362 -5.71 11.88 28.73
CA LYS A 362 -4.90 12.85 27.98
C LYS A 362 -5.78 13.82 27.18
N LEU A 363 -6.87 13.29 26.63
CA LEU A 363 -7.80 14.07 25.80
C LEU A 363 -8.99 14.58 26.61
N ALA A 364 -8.96 14.34 27.92
CA ALA A 364 -10.04 14.70 28.84
C ALA A 364 -11.42 14.23 28.36
N LEU A 365 -11.47 13.05 27.76
CA LEU A 365 -12.72 12.42 27.35
C LEU A 365 -13.28 11.64 28.54
N ASN A 366 -14.56 11.87 28.85
CA ASN A 366 -15.21 11.24 30.00
C ASN A 366 -16.73 11.21 29.87
N LYS A 367 -17.41 10.60 30.84
CA LYS A 367 -18.87 10.44 30.82
C LYS A 367 -19.65 11.73 30.49
N ASP A 368 -19.02 12.89 30.71
CA ASP A 368 -19.64 14.18 30.45
C ASP A 368 -19.25 14.82 29.11
N ALA A 369 -18.29 14.22 28.40
CA ALA A 369 -17.76 14.83 27.18
C ALA A 369 -18.82 14.92 26.07
N VAL A 370 -18.98 16.12 25.52
CA VAL A 370 -19.81 16.33 24.33
C VAL A 370 -18.88 16.69 23.18
N VAL A 371 -18.73 15.75 22.24
CA VAL A 371 -17.69 15.86 21.21
C VAL A 371 -18.27 16.19 19.83
N LEU A 372 -17.90 17.34 19.31
CA LEU A 372 -18.27 17.72 17.95
C LEU A 372 -17.23 17.17 16.99
N VAL A 373 -17.71 16.45 15.97
CA VAL A 373 -16.88 15.93 14.88
C VAL A 373 -17.43 16.51 13.58
N ILE A 374 -16.55 16.76 12.62
CA ILE A 374 -16.97 17.29 11.31
C ILE A 374 -16.61 16.29 10.22
N SER A 375 -17.63 15.74 9.56
CA SER A 375 -17.41 14.89 8.41
C SER A 375 -17.42 15.77 7.16
N THR A 376 -16.22 16.18 6.77
CA THR A 376 -16.02 17.19 5.73
C THR A 376 -16.41 16.73 4.32
N GLU A 377 -16.41 15.42 4.10
CA GLU A 377 -16.74 14.88 2.77
C GLU A 377 -17.41 13.52 2.85
N GLY A 378 -18.28 13.24 1.89
CA GLY A 378 -18.85 11.90 1.73
C GLY A 378 -17.97 11.06 0.82
N ASP A 379 -18.61 10.10 0.15
CA ASP A 379 -17.91 9.18 -0.71
C ASP A 379 -17.58 9.83 -2.06
N THR A 380 -16.65 10.79 -2.02
CA THR A 380 -16.23 11.56 -3.19
C THR A 380 -15.41 10.70 -4.16
N ASP A 381 -14.79 9.65 -3.61
CA ASP A 381 -14.18 8.60 -4.42
C ASP A 381 -14.82 7.28 -4.02
N VAL A 382 -15.81 6.88 -4.82
CA VAL A 382 -16.66 5.72 -4.58
C VAL A 382 -15.85 4.42 -4.55
N LYS A 383 -14.90 4.31 -5.47
CA LYS A 383 -14.03 3.15 -5.56
C LYS A 383 -13.27 2.94 -4.24
N HIS A 384 -12.56 3.98 -3.81
CA HIS A 384 -11.84 3.94 -2.54
C HIS A 384 -12.77 3.73 -1.36
N TYR A 385 -13.91 4.43 -1.35
CA TYR A 385 -14.89 4.27 -0.24
C TYR A 385 -15.32 2.81 -0.05
N ARG A 386 -15.72 2.15 -1.13
CA ARG A 386 -16.19 0.75 -1.07
C ARG A 386 -15.05 -0.25 -0.89
N GLU A 387 -13.83 0.17 -1.21
CA GLU A 387 -12.66 -0.67 -0.93
C GLU A 387 -12.45 -0.69 0.59
N VAL A 388 -12.49 0.49 1.20
CA VAL A 388 -12.41 0.59 2.66
C VAL A 388 -13.57 -0.15 3.34
N VAL A 389 -14.79 0.27 3.07
CA VAL A 389 -15.95 -0.20 3.85
C VAL A 389 -16.41 -1.62 3.48
N TRP A 390 -16.13 -2.07 2.25
CA TRP A 390 -16.56 -3.42 1.86
C TRP A 390 -15.45 -4.42 1.83
N GLU A 391 -14.41 -4.11 1.06
CA GLU A 391 -13.26 -5.01 0.87
C GLU A 391 -12.34 -5.04 2.09
N GLY A 392 -12.40 -4.02 2.92
CA GLY A 392 -11.65 -3.99 4.17
C GLY A 392 -10.25 -3.44 3.99
N LYS A 393 -10.06 -2.57 2.99
CA LYS A 393 -8.77 -1.92 2.74
C LYS A 393 -8.36 -1.07 3.94
N HIS A 394 -7.06 -1.04 4.22
CA HIS A 394 -6.49 -0.38 5.40
C HIS A 394 -7.16 -0.91 6.64
N ALA A 395 -7.14 -2.23 6.79
CA ALA A 395 -7.70 -2.91 7.96
C ALA A 395 -6.81 -2.68 9.18
N VAL A 396 -7.42 -2.83 10.35
CA VAL A 396 -6.72 -2.71 11.62
C VAL A 396 -5.51 -3.64 11.69
N ALA A 397 -5.72 -4.92 11.37
CA ALA A 397 -4.64 -5.91 11.36
C ALA A 397 -3.57 -5.52 10.33
N PRO A 398 -2.33 -5.26 10.79
CA PRO A 398 -1.25 -4.82 9.91
C PRO A 398 -0.58 -5.97 9.18
N SER B 2 32.97 -8.07 5.94
CA SER B 2 32.58 -6.68 5.57
C SER B 2 33.40 -5.63 6.32
N VAL B 3 34.40 -6.08 7.08
CA VAL B 3 35.35 -5.16 7.71
C VAL B 3 36.54 -4.96 6.79
N PHE B 4 36.75 -3.72 6.34
CA PHE B 4 37.80 -3.42 5.37
C PHE B 4 38.44 -2.05 5.57
N SER B 5 39.72 -1.95 5.24
CA SER B 5 40.49 -0.72 5.41
C SER B 5 40.72 0.03 4.10
N LEU B 6 39.98 1.11 3.92
CA LEU B 6 40.24 2.05 2.85
C LEU B 6 40.96 3.27 3.42
N LYS B 7 41.80 3.90 2.62
CA LYS B 7 42.56 5.08 3.05
C LYS B 7 41.62 6.24 3.38
N ILE B 8 41.55 6.57 4.67
CA ILE B 8 40.81 7.74 5.14
C ILE B 8 41.73 8.54 6.06
N ASP B 9 42.61 9.33 5.44
CA ASP B 9 43.54 10.17 6.19
C ASP B 9 42.92 11.51 6.55
N ILE B 10 42.62 11.68 7.84
CA ILE B 10 41.98 12.87 8.35
C ILE B 10 43.00 13.80 9.00
N ALA B 11 42.92 15.09 8.67
CA ALA B 11 43.79 16.10 9.24
C ALA B 11 43.02 17.36 9.61
N ASP B 12 43.15 17.79 10.84
CA ASP B 12 42.57 19.06 11.28
C ASP B 12 43.24 20.18 10.51
N ASN B 13 42.45 21.20 10.15
CA ASN B 13 42.97 22.32 9.39
C ASN B 13 43.71 23.31 10.30
N LYS B 14 45.03 23.34 10.17
CA LYS B 14 45.88 24.22 10.96
C LYS B 14 45.75 25.70 10.54
N PHE B 15 45.37 25.93 9.29
CA PHE B 15 45.19 27.28 8.76
C PHE B 15 43.89 27.94 9.21
N PHE B 16 43.00 27.16 9.86
CA PHE B 16 41.69 27.66 10.29
C PHE B 16 41.80 28.92 11.15
N ASN B 17 41.13 29.98 10.71
CA ASN B 17 41.04 31.23 11.47
C ASN B 17 39.61 31.75 11.62
N GLY B 18 38.68 31.09 10.92
CA GLY B 18 37.26 31.47 10.95
C GLY B 18 36.94 32.76 10.20
N GLU B 19 37.87 33.24 9.39
CA GLU B 19 37.64 34.44 8.57
C GLU B 19 36.73 34.15 7.39
N THR B 20 35.49 34.64 7.49
CA THR B 20 34.49 34.46 6.45
C THR B 20 34.76 35.41 5.27
N SER B 21 34.19 35.08 4.12
CA SER B 21 34.39 35.89 2.92
C SER B 21 33.11 36.67 2.56
N PRO B 22 33.20 38.02 2.55
CA PRO B 22 32.04 38.82 2.14
C PRO B 22 31.75 38.68 0.64
N LEU B 23 32.77 38.30 -0.13
CA LEU B 23 32.65 38.06 -1.57
C LEU B 23 31.79 36.85 -1.90
N PHE B 24 31.88 35.81 -1.08
CA PHE B 24 31.10 34.59 -1.26
C PHE B 24 30.18 34.36 -0.06
N SER B 25 29.37 35.36 0.25
CA SER B 25 28.44 35.30 1.37
C SER B 25 27.02 35.07 0.87
N GLN B 26 26.04 35.18 1.77
CA GLN B 26 24.63 34.99 1.44
C GLN B 26 24.15 35.88 0.29
N SER B 27 24.49 37.17 0.37
CA SER B 27 24.00 38.18 -0.56
C SER B 27 24.29 37.86 -2.04
N GLN B 28 25.54 37.49 -2.34
CA GLN B 28 25.94 37.19 -3.71
C GLN B 28 25.28 35.91 -4.23
N ALA B 29 25.08 34.96 -3.33
CA ALA B 29 24.41 33.70 -3.65
C ALA B 29 22.93 33.94 -3.91
N LYS B 30 22.33 34.83 -3.11
CA LYS B 30 20.92 35.19 -3.25
C LYS B 30 20.66 35.89 -4.59
N LEU B 31 21.65 36.66 -5.07
CA LEU B 31 21.61 37.25 -6.40
C LEU B 31 21.76 36.18 -7.48
N ALA B 32 22.54 35.14 -7.18
CA ALA B 32 22.77 34.04 -8.11
C ALA B 32 21.53 33.15 -8.26
N ARG B 33 20.86 32.85 -7.14
CA ARG B 33 19.65 32.05 -7.19
C ARG B 33 18.50 32.79 -7.86
N GLN B 34 18.40 34.10 -7.58
CA GLN B 34 17.43 34.97 -8.22
C GLN B 34 17.64 35.01 -9.75
N PHE B 35 18.88 34.83 -10.17
CA PHE B 35 19.19 34.70 -11.60
C PHE B 35 18.72 33.36 -12.15
N HIS B 36 18.97 32.29 -11.40
CA HIS B 36 18.62 30.93 -11.83
C HIS B 36 17.15 30.65 -11.85
N GLN B 37 16.41 31.28 -10.94
CA GLN B 37 14.94 31.18 -10.88
C GLN B 37 14.25 31.68 -12.16
N LYS B 38 14.86 32.67 -12.80
CA LYS B 38 14.31 33.27 -14.01
C LYS B 38 14.56 32.44 -15.27
N ILE B 39 15.27 31.32 -15.11
CA ILE B 39 15.51 30.40 -16.22
C ILE B 39 14.33 29.44 -16.33
N ALA B 40 13.89 29.19 -17.56
CA ALA B 40 12.78 28.27 -17.81
C ALA B 40 13.15 26.86 -17.36
N GLY B 41 12.23 26.24 -16.62
CA GLY B 41 12.42 24.88 -16.14
C GLY B 41 13.18 24.77 -14.83
N TYR B 42 13.50 25.92 -14.22
CA TYR B 42 14.19 25.94 -12.93
C TYR B 42 13.40 25.19 -11.87
N ARG B 43 14.09 24.27 -11.20
CA ARG B 43 13.54 23.55 -10.06
C ARG B 43 14.68 23.30 -9.09
N PRO B 44 14.50 23.64 -7.80
CA PRO B 44 15.51 23.30 -6.80
C PRO B 44 15.74 21.79 -6.76
N THR B 45 16.99 21.37 -6.91
CA THR B 45 17.36 19.96 -6.88
C THR B 45 17.01 19.31 -5.52
N PRO B 46 16.68 18.01 -5.55
CA PRO B 46 16.22 17.32 -4.34
C PRO B 46 17.29 17.25 -3.25
N LEU B 47 16.83 17.40 -2.00
CA LEU B 47 17.65 17.09 -0.83
C LEU B 47 17.05 15.86 -0.20
N CME B 48 17.70 14.72 -0.43
CA CME B 48 17.14 13.41 -0.05
CB CME B 48 17.47 12.38 -1.14
SG CME B 48 16.99 12.96 -2.73
SD CME B 48 15.38 11.86 -3.15
CE CME B 48 14.10 12.66 -2.23
CZ CME B 48 12.89 12.88 -3.15
OH CME B 48 12.83 14.27 -3.49
C CME B 48 17.68 12.97 1.27
O CME B 48 18.89 13.05 1.52
N ALA B 49 16.78 12.50 2.13
CA ALA B 49 17.16 12.00 3.45
C ALA B 49 17.42 10.49 3.37
N LEU B 50 18.64 10.10 3.75
CA LEU B 50 18.99 8.69 3.82
C LEU B 50 18.92 8.24 5.28
N ASP B 51 17.68 8.16 5.77
CA ASP B 51 17.39 7.88 7.18
C ASP B 51 17.88 6.51 7.65
N ASP B 52 17.72 5.51 6.79
CA ASP B 52 18.11 4.13 7.15
C ASP B 52 19.63 3.95 7.14
N LEU B 53 20.29 4.58 6.18
CA LEU B 53 21.75 4.58 6.10
C LEU B 53 22.33 5.36 7.28
N ALA B 54 21.63 6.43 7.68
CA ALA B 54 22.02 7.21 8.85
C ALA B 54 21.99 6.35 10.09
N ASN B 55 20.89 5.62 10.28
CA ASN B 55 20.74 4.66 11.36
C ASN B 55 21.80 3.55 11.32
N LEU B 56 22.15 3.12 10.12
CA LEU B 56 23.18 2.09 9.95
C LEU B 56 24.56 2.64 10.36
N PHE B 57 24.85 3.86 9.93
CA PHE B 57 26.15 4.50 10.15
C PHE B 57 26.30 5.12 11.54
N GLY B 58 25.20 5.16 12.29
CA GLY B 58 25.22 5.67 13.66
C GLY B 58 25.11 7.19 13.78
N VAL B 59 24.55 7.83 12.76
CA VAL B 59 24.30 9.27 12.82
C VAL B 59 22.80 9.58 12.81
N LYS B 60 22.46 10.85 13.02
CA LYS B 60 21.05 11.24 13.03
C LYS B 60 20.47 11.32 11.63
N LYS B 61 21.14 12.07 10.75
CA LYS B 61 20.66 12.30 9.40
C LYS B 61 21.81 12.31 8.41
N ILE B 62 21.56 11.78 7.22
CA ILE B 62 22.42 12.00 6.06
C ILE B 62 21.54 12.58 4.95
N LEU B 63 21.80 13.83 4.61
CA LEU B 63 21.06 14.54 3.57
C LEU B 63 21.95 14.69 2.35
N VAL B 64 21.45 14.26 1.20
CA VAL B 64 22.20 14.29 -0.05
C VAL B 64 21.55 15.24 -1.05
N LYS B 65 22.29 16.26 -1.44
CA LYS B 65 21.87 17.20 -2.47
C LYS B 65 22.17 16.58 -3.83
N ASP B 66 21.11 16.20 -4.55
CA ASP B 66 21.25 15.47 -5.81
C ASP B 66 21.29 16.42 -7.00
N GLU B 67 22.49 16.76 -7.44
CA GLU B 67 22.66 17.70 -8.53
C GLU B 67 22.59 17.06 -9.93
N SER B 68 22.31 15.75 -9.96
CA SER B 68 22.03 15.06 -11.22
C SER B 68 20.76 15.63 -11.84
N LYS B 69 19.91 16.24 -11.00
CA LYS B 69 18.63 16.77 -11.42
C LYS B 69 18.70 18.23 -11.92
N ARG B 70 19.91 18.79 -11.94
CA ARG B 70 20.12 20.16 -12.39
C ARG B 70 19.80 20.33 -13.88
N PHE B 71 18.59 20.82 -14.14
CA PHE B 71 18.05 20.91 -15.49
C PHE B 71 18.23 19.56 -16.20
N GLY B 72 18.75 19.55 -17.42
CA GLY B 72 18.99 18.29 -18.12
C GLY B 72 20.45 17.94 -18.24
N LEU B 73 21.29 18.54 -17.39
CA LEU B 73 22.75 18.45 -17.53
C LEU B 73 23.39 17.29 -16.77
N ASN B 74 22.66 16.73 -15.80
CA ASN B 74 23.12 15.57 -15.03
C ASN B 74 24.29 15.90 -14.09
N ALA B 75 24.45 17.20 -13.81
CA ALA B 75 25.54 17.72 -12.98
C ALA B 75 25.24 19.18 -12.62
N PHE B 76 25.95 19.69 -11.61
CA PHE B 76 25.69 21.01 -11.04
C PHE B 76 26.31 22.19 -11.79
N LYS B 77 27.39 21.95 -12.54
CA LYS B 77 28.29 23.01 -13.00
C LYS B 77 27.68 24.13 -13.86
N MET B 78 26.52 23.90 -14.47
CA MET B 78 25.83 24.97 -15.20
C MET B 78 25.53 26.16 -14.29
N LEU B 79 25.35 25.89 -12.99
CA LEU B 79 25.08 26.91 -11.98
C LEU B 79 26.14 28.02 -11.97
N GLY B 80 27.40 27.62 -12.14
CA GLY B 80 28.50 28.57 -12.25
C GLY B 80 28.66 29.08 -13.67
N GLY B 81 28.92 28.17 -14.60
CA GLY B 81 29.14 28.50 -16.01
C GLY B 81 28.14 29.48 -16.61
N ALA B 82 26.86 29.15 -16.52
CA ALA B 82 25.78 30.00 -17.05
C ALA B 82 25.65 31.34 -16.35
N TYR B 83 26.04 31.41 -15.08
CA TYR B 83 26.02 32.66 -14.34
C TYR B 83 27.13 33.59 -14.83
N ALA B 84 28.34 33.03 -14.99
CA ALA B 84 29.49 33.76 -15.48
C ALA B 84 29.31 34.22 -16.93
N ILE B 85 28.65 33.38 -17.73
CA ILE B 85 28.41 33.66 -19.14
C ILE B 85 27.38 34.78 -19.32
N ALA B 86 26.36 34.79 -18.46
CA ALA B 86 25.38 35.86 -18.47
C ALA B 86 26.00 37.18 -17.99
N GLN B 87 26.87 37.09 -16.99
CA GLN B 87 27.61 38.26 -16.49
C GLN B 87 28.50 38.84 -17.58
N LEU B 88 29.20 37.98 -18.33
CA LEU B 88 30.03 38.43 -19.45
C LEU B 88 29.22 39.07 -20.58
N LEU B 89 28.05 38.50 -20.87
CA LEU B 89 27.15 39.09 -21.86
C LEU B 89 26.64 40.47 -21.44
N CYS B 90 26.19 40.58 -20.19
CA CYS B 90 25.68 41.84 -19.67
C CYS B 90 26.76 42.93 -19.58
N GLU B 91 28.02 42.52 -19.43
CA GLU B 91 29.14 43.46 -19.48
C GLU B 91 29.33 44.05 -20.87
N LYS B 92 29.44 43.18 -21.87
CA LYS B 92 29.64 43.60 -23.26
C LYS B 92 28.41 44.30 -23.83
N TYR B 93 27.24 43.74 -23.56
CA TYR B 93 25.97 44.27 -24.06
C TYR B 93 25.49 45.50 -23.30
N HIS B 94 26.20 45.85 -22.23
CA HIS B 94 25.88 46.99 -21.37
C HIS B 94 24.51 46.84 -20.73
N LEU B 95 24.28 45.70 -20.11
CA LEU B 95 22.99 45.38 -19.50
C LEU B 95 23.09 45.11 -18.00
N ASP B 96 21.97 45.20 -17.30
CA ASP B 96 21.90 44.95 -15.86
C ASP B 96 21.33 43.56 -15.59
N ILE B 97 22.19 42.67 -15.10
CA ILE B 97 21.85 41.26 -14.90
C ILE B 97 20.80 41.03 -13.80
N GLU B 98 20.62 42.02 -12.94
CA GLU B 98 19.68 41.92 -11.81
C GLU B 98 18.24 42.27 -12.19
N THR B 99 18.06 42.98 -13.30
CA THR B 99 16.74 43.48 -13.69
C THR B 99 16.14 42.79 -14.92
N LEU B 100 16.96 42.07 -15.68
CA LEU B 100 16.51 41.47 -16.94
C LEU B 100 15.82 40.12 -16.77
N SER B 101 16.63 39.07 -16.71
CA SER B 101 16.20 37.65 -16.73
C SER B 101 16.93 36.92 -17.85
N PHE B 102 16.92 35.59 -17.78
CA PHE B 102 17.62 34.74 -18.72
C PHE B 102 16.98 34.70 -20.11
N GLU B 103 15.64 34.75 -20.14
CA GLU B 103 14.88 34.72 -21.39
C GLU B 103 15.01 36.03 -22.18
N HIS B 104 15.07 37.15 -21.46
CA HIS B 104 15.28 38.46 -22.07
C HIS B 104 16.64 38.58 -22.67
N LEU B 105 17.62 37.92 -22.04
CA LEU B 105 19.00 37.90 -22.52
C LEU B 105 19.17 37.15 -23.84
N LYS B 106 18.31 36.15 -24.07
CA LYS B 106 18.30 35.41 -25.32
C LYS B 106 18.03 36.35 -26.50
N ASN B 107 17.07 37.25 -26.30
CA ASN B 107 16.62 38.18 -27.34
C ASN B 107 17.39 39.51 -27.33
N ALA B 108 18.37 39.61 -26.42
CA ALA B 108 19.17 40.83 -26.30
C ALA B 108 19.98 41.10 -27.56
N ILE B 109 19.98 42.36 -27.99
CA ILE B 109 20.69 42.77 -29.19
C ILE B 109 22.14 43.09 -28.85
N GLY B 110 23.05 42.46 -29.58
CA GLY B 110 24.49 42.61 -29.39
C GLY B 110 25.26 41.65 -30.27
N GLU B 111 26.58 41.81 -30.33
CA GLU B 111 27.41 40.96 -31.18
C GLU B 111 27.61 39.58 -30.57
N LYS B 112 27.69 38.56 -31.42
CA LYS B 112 27.81 37.17 -30.96
C LYS B 112 29.18 36.90 -30.34
N MET B 113 29.17 36.27 -29.18
CA MET B 113 30.40 35.91 -28.47
C MET B 113 30.74 34.44 -28.71
N THR B 114 32.02 34.13 -28.61
CA THR B 114 32.47 32.74 -28.58
C THR B 114 33.14 32.48 -27.25
N PHE B 115 32.62 31.49 -26.52
CA PHE B 115 33.19 31.09 -25.24
C PHE B 115 34.04 29.85 -25.43
N ALA B 116 35.32 29.96 -25.08
CA ALA B 116 36.25 28.84 -25.21
C ALA B 116 36.64 28.30 -23.84
N THR B 117 36.58 26.99 -23.68
CA THR B 117 37.01 26.36 -22.44
C THR B 117 37.57 24.95 -22.63
N THR B 118 38.41 24.56 -21.69
CA THR B 118 38.86 23.18 -21.56
C THR B 118 38.04 22.55 -20.44
N THR B 119 37.65 21.29 -20.62
CA THR B 119 36.89 20.58 -19.60
C THR B 119 37.21 19.09 -19.56
N ASP B 120 36.97 18.49 -18.40
CA ASP B 120 36.97 17.03 -18.27
C ASP B 120 35.57 16.46 -18.48
N GLY B 121 34.58 17.35 -18.61
CA GLY B 121 33.22 16.94 -18.93
C GLY B 121 32.14 17.92 -18.52
N ASN B 122 31.92 18.03 -17.21
CA ASN B 122 30.80 18.79 -16.66
C ASN B 122 30.80 20.29 -16.95
N HIS B 123 31.92 20.94 -16.64
CA HIS B 123 32.05 22.40 -16.82
C HIS B 123 31.80 22.86 -18.24
N GLY B 124 32.43 22.20 -19.20
CA GLY B 124 32.27 22.54 -20.62
C GLY B 124 30.85 22.33 -21.12
N ARG B 125 30.22 21.25 -20.67
CA ARG B 125 28.84 20.95 -20.99
C ARG B 125 27.94 22.10 -20.50
N GLY B 126 28.24 22.61 -19.32
CA GLY B 126 27.56 23.77 -18.77
C GLY B 126 27.80 25.02 -19.59
N VAL B 127 29.04 25.20 -20.03
CA VAL B 127 29.39 26.33 -20.92
C VAL B 127 28.61 26.21 -22.22
N ALA B 128 28.61 25.02 -22.82
CA ALA B 128 27.95 24.77 -24.11
C ALA B 128 26.44 24.93 -24.01
N TRP B 129 25.86 24.52 -22.88
CA TRP B 129 24.44 24.70 -22.63
C TRP B 129 24.08 26.16 -22.59
N ALA B 130 24.90 26.94 -21.89
CA ALA B 130 24.66 28.37 -21.71
C ALA B 130 24.79 29.16 -23.01
N ALA B 131 25.78 28.80 -23.83
CA ALA B 131 25.96 29.44 -25.14
C ALA B 131 24.80 29.11 -26.07
N GLN B 132 24.38 27.84 -26.08
CA GLN B 132 23.27 27.37 -26.88
C GLN B 132 21.98 28.11 -26.53
N GLN B 133 21.75 28.30 -25.23
CA GLN B 133 20.54 28.94 -24.72
C GLN B 133 20.46 30.42 -25.09
N LEU B 134 21.60 31.11 -25.03
CA LEU B 134 21.63 32.56 -25.24
C LEU B 134 22.04 32.94 -26.66
N GLY B 135 21.96 31.97 -27.58
CA GLY B 135 22.29 32.18 -28.99
C GLY B 135 23.73 32.60 -29.23
N GLN B 136 24.65 32.04 -28.45
CA GLN B 136 26.07 32.37 -28.55
C GLN B 136 26.85 31.14 -29.00
N ASN B 137 28.12 31.35 -29.36
CA ASN B 137 29.02 30.28 -29.77
C ASN B 137 29.81 29.71 -28.62
N ALA B 138 30.18 28.43 -28.72
CA ALA B 138 31.11 27.80 -27.80
C ALA B 138 32.01 26.82 -28.53
N VAL B 139 33.31 26.87 -28.25
CA VAL B 139 34.24 25.85 -28.73
C VAL B 139 34.92 25.19 -27.53
N ILE B 140 34.63 23.91 -27.33
CA ILE B 140 35.06 23.20 -26.13
C ILE B 140 36.23 22.27 -26.45
N TYR B 141 37.31 22.44 -25.69
CA TYR B 141 38.50 21.62 -25.81
C TYR B 141 38.51 20.56 -24.72
N MET B 142 38.84 19.32 -25.08
CA MET B 142 38.91 18.21 -24.11
C MET B 142 40.21 17.42 -24.28
N PRO B 143 40.91 17.15 -23.16
CA PRO B 143 42.17 16.41 -23.21
C PRO B 143 41.95 14.94 -23.58
N LYS B 144 43.02 14.26 -23.99
CA LYS B 144 42.94 12.84 -24.38
C LYS B 144 42.46 11.94 -23.25
N GLY B 145 41.76 10.86 -23.63
CA GLY B 145 41.17 9.94 -22.65
C GLY B 145 39.76 10.34 -22.25
N SER B 146 39.25 11.41 -22.86
CA SER B 146 37.89 11.88 -22.63
C SER B 146 36.90 10.92 -23.26
N ALA B 147 35.88 10.54 -22.50
CA ALA B 147 34.84 9.62 -22.97
C ALA B 147 34.05 10.23 -24.13
N GLN B 148 33.76 9.41 -25.13
CA GLN B 148 33.03 9.87 -26.31
C GLN B 148 31.63 10.39 -25.95
N GLU B 149 31.01 9.78 -24.95
CA GLU B 149 29.69 10.22 -24.50
C GLU B 149 29.69 11.67 -24.03
N ARG B 150 30.74 12.07 -23.33
CA ARG B 150 30.91 13.45 -22.86
C ARG B 150 31.21 14.42 -24.00
N VAL B 151 31.94 13.93 -25.02
CA VAL B 151 32.21 14.70 -26.22
C VAL B 151 30.92 14.93 -27.00
N ASP B 152 30.14 13.86 -27.15
CA ASP B 152 28.87 13.89 -27.88
C ASP B 152 27.83 14.75 -27.18
N ALA B 153 27.79 14.69 -25.85
CA ALA B 153 26.85 15.50 -25.06
C ALA B 153 27.09 16.99 -25.28
N ILE B 154 28.35 17.35 -25.49
CA ILE B 154 28.73 18.73 -25.79
C ILE B 154 28.37 19.10 -27.24
N LEU B 155 28.70 18.19 -28.18
CA LEU B 155 28.40 18.39 -29.60
C LEU B 155 26.90 18.50 -29.89
N ASN B 156 26.10 17.77 -29.11
CA ASN B 156 24.64 17.82 -29.24
C ASN B 156 24.00 19.11 -28.70
N LEU B 157 24.82 19.94 -28.08
CA LEU B 157 24.40 21.26 -27.63
C LEU B 157 24.78 22.33 -28.66
N GLY B 158 25.10 21.87 -29.88
CA GLY B 158 25.44 22.76 -31.00
C GLY B 158 26.76 23.49 -30.83
N ALA B 159 27.72 22.84 -30.19
CA ALA B 159 29.03 23.44 -29.93
C ALA B 159 30.14 22.74 -30.71
N GLU B 160 31.28 23.40 -30.81
CA GLU B 160 32.49 22.76 -31.32
C GLU B 160 33.11 22.01 -30.15
N CYS B 161 33.53 20.77 -30.42
CA CYS B 161 34.23 19.99 -29.41
C CYS B 161 35.45 19.31 -30.02
N ILE B 162 36.62 19.82 -29.62
CA ILE B 162 37.88 19.36 -30.17
C ILE B 162 38.64 18.56 -29.11
N VAL B 163 38.74 17.25 -29.34
CA VAL B 163 39.55 16.39 -28.48
C VAL B 163 41.02 16.50 -28.91
N THR B 164 41.88 16.81 -27.96
CA THR B 164 43.30 17.05 -28.25
C THR B 164 44.18 15.86 -27.90
N ASP B 165 45.42 15.94 -28.38
CA ASP B 165 46.44 14.92 -28.17
C ASP B 165 47.07 15.03 -26.78
N MET B 166 46.75 16.10 -26.07
CA MET B 166 47.45 16.48 -24.84
C MET B 166 46.64 16.25 -23.56
N ASN B 167 47.26 16.53 -22.42
CA ASN B 167 46.57 16.47 -21.12
C ASN B 167 45.85 17.78 -20.78
N TYR B 168 45.20 17.84 -19.63
CA TYR B 168 44.37 18.99 -19.25
C TYR B 168 45.11 20.32 -19.31
N ASP B 169 46.24 20.41 -18.60
CA ASP B 169 47.02 21.65 -18.51
C ASP B 169 47.46 22.23 -19.87
N ASP B 170 47.99 21.36 -20.73
CA ASP B 170 48.43 21.77 -22.07
C ASP B 170 47.26 22.18 -22.95
N THR B 171 46.12 21.54 -22.74
CA THR B 171 44.88 21.86 -23.48
C THR B 171 44.31 23.21 -23.03
N VAL B 172 44.47 23.51 -21.74
CA VAL B 172 44.12 24.82 -21.19
C VAL B 172 44.94 25.92 -21.85
N ARG B 173 46.24 25.68 -22.03
CA ARG B 173 47.14 26.62 -22.68
C ARG B 173 46.80 26.83 -24.15
N LEU B 174 46.40 25.76 -24.84
CA LEU B 174 45.95 25.83 -26.22
C LEU B 174 44.65 26.62 -26.35
N THR B 175 43.77 26.48 -25.35
CA THR B 175 42.52 27.22 -25.27
C THR B 175 42.81 28.72 -25.09
N MET B 176 43.75 29.05 -24.21
CA MET B 176 44.21 30.43 -24.03
C MET B 176 44.78 30.97 -25.34
N GLN B 177 45.62 30.16 -25.98
CA GLN B 177 46.30 30.53 -27.23
C GLN B 177 45.33 30.80 -28.37
N HIS B 178 44.39 29.88 -28.59
CA HIS B 178 43.40 30.00 -29.66
C HIS B 178 42.44 31.14 -29.45
N ALA B 179 42.10 31.39 -28.18
CA ALA B 179 41.21 32.50 -27.81
C ALA B 179 41.89 33.85 -28.01
N GLN B 180 43.19 33.91 -27.71
CA GLN B 180 44.02 35.09 -27.94
C GLN B 180 44.06 35.43 -29.43
N GLN B 181 44.16 34.40 -30.26
CA GLN B 181 44.27 34.55 -31.72
C GLN B 181 42.97 35.06 -32.35
N HIS B 182 41.84 34.48 -31.94
CA HIS B 182 40.56 34.76 -32.60
C HIS B 182 39.65 35.67 -31.81
N GLY B 183 40.09 36.03 -30.60
CA GLY B 183 39.33 36.97 -29.77
C GLY B 183 38.16 36.33 -29.05
N TRP B 184 38.36 35.11 -28.54
CA TRP B 184 37.32 34.42 -27.77
C TRP B 184 37.43 34.71 -26.30
N GLU B 185 36.33 34.48 -25.58
CA GLU B 185 36.30 34.70 -24.14
C GLU B 185 36.53 33.38 -23.39
N VAL B 186 37.71 33.25 -22.79
CA VAL B 186 38.08 32.09 -21.99
C VAL B 186 37.18 32.00 -20.75
N VAL B 187 36.56 30.83 -20.55
CA VAL B 187 35.67 30.62 -19.41
C VAL B 187 36.09 29.37 -18.63
N GLN B 188 36.99 29.55 -17.67
CA GLN B 188 37.52 28.45 -16.87
C GLN B 188 37.07 28.53 -15.42
N ASP B 189 36.95 27.36 -14.78
CA ASP B 189 36.59 27.29 -13.37
C ASP B 189 37.80 27.35 -12.43
N THR B 190 38.99 27.44 -13.02
CA THR B 190 40.25 27.62 -12.28
C THR B 190 40.76 29.04 -12.49
N ALA B 191 41.52 29.55 -11.52
CA ALA B 191 42.06 30.90 -11.59
C ALA B 191 43.59 30.91 -11.62
N TRP B 192 44.14 31.92 -12.29
CA TRP B 192 45.59 32.16 -12.34
C TRP B 192 45.86 33.65 -12.35
N GLU B 193 47.13 34.01 -12.48
CA GLU B 193 47.54 35.42 -12.53
C GLU B 193 46.89 36.16 -13.70
N GLY B 194 46.11 37.19 -13.38
CA GLY B 194 45.43 38.01 -14.40
C GLY B 194 44.07 37.50 -14.82
N TYR B 195 43.59 36.45 -14.14
CA TYR B 195 42.32 35.81 -14.49
C TYR B 195 41.57 35.37 -13.22
N THR B 196 40.70 36.24 -12.72
CA THR B 196 39.99 36.02 -11.47
C THR B 196 38.50 36.26 -11.60
N LYS B 197 38.12 37.25 -12.41
CA LYS B 197 36.74 37.71 -12.55
C LYS B 197 35.73 36.59 -12.83
N ILE B 198 36.01 35.79 -13.86
CA ILE B 198 35.12 34.70 -14.27
C ILE B 198 35.05 33.55 -13.25
N PRO B 199 36.21 33.02 -12.81
CA PRO B 199 36.19 31.99 -11.76
C PRO B 199 35.42 32.40 -10.51
N THR B 200 35.44 33.70 -10.20
CA THR B 200 34.73 34.25 -9.05
C THR B 200 33.21 34.17 -9.23
N TRP B 201 32.73 34.46 -10.44
CA TRP B 201 31.31 34.35 -10.77
C TRP B 201 30.83 32.93 -10.73
N ILE B 202 31.68 32.03 -11.22
CA ILE B 202 31.41 30.60 -11.21
C ILE B 202 31.17 30.10 -9.79
N MET B 203 32.07 30.47 -8.88
CA MET B 203 31.94 30.07 -7.47
C MET B 203 30.71 30.66 -6.80
N GLN B 204 30.35 31.88 -7.20
CA GLN B 204 29.15 32.54 -6.70
C GLN B 204 27.90 31.85 -7.22
N GLY B 205 27.94 31.44 -8.49
CA GLY B 205 26.86 30.71 -9.11
C GLY B 205 26.64 29.36 -8.47
N TYR B 206 27.74 28.75 -7.99
CA TYR B 206 27.69 27.44 -7.35
C TYR B 206 26.95 27.49 -6.02
N ALA B 207 27.08 28.60 -5.30
CA ALA B 207 26.46 28.78 -3.99
C ALA B 207 24.94 28.70 -4.02
N THR B 208 24.36 28.81 -5.22
CA THR B 208 22.94 28.60 -5.45
C THR B 208 22.45 27.26 -4.87
N LEU B 209 23.25 26.20 -5.03
CA LEU B 209 22.91 24.88 -4.48
C LEU B 209 22.87 24.90 -2.95
N ALA B 210 23.85 25.58 -2.34
CA ALA B 210 23.93 25.71 -0.89
C ALA B 210 22.77 26.53 -0.35
N ASP B 211 22.36 27.56 -1.09
CA ASP B 211 21.22 28.39 -0.73
C ASP B 211 19.93 27.57 -0.74
N GLU B 212 19.74 26.79 -1.81
CA GLU B 212 18.63 25.86 -1.91
C GLU B 212 18.63 24.85 -0.76
N ALA B 213 19.80 24.25 -0.51
CA ALA B 213 19.94 23.22 0.54
C ALA B 213 19.62 23.75 1.94
N VAL B 214 19.97 25.02 2.20
CA VAL B 214 19.66 25.67 3.47
C VAL B 214 18.15 25.85 3.64
N GLU B 215 17.48 26.29 2.57
CA GLU B 215 16.02 26.46 2.59
C GLU B 215 15.32 25.14 2.88
N GLN B 216 15.83 24.07 2.28
CA GLN B 216 15.22 22.75 2.39
C GLN B 216 15.46 22.12 3.75
N MET B 217 16.61 22.41 4.35
CA MET B 217 16.94 21.93 5.69
C MET B 217 16.11 22.63 6.75
N ARG B 218 15.93 23.94 6.59
CA ARG B 218 15.03 24.72 7.44
C ARG B 218 13.57 24.27 7.27
N GLU B 219 13.23 23.90 6.04
CA GLU B 219 11.93 23.33 5.71
C GLU B 219 11.74 21.99 6.43
N MET B 220 12.83 21.22 6.51
CA MET B 220 12.83 19.97 7.27
C MET B 220 12.91 20.21 8.77
N GLY B 221 13.26 21.43 9.15
CA GLY B 221 13.39 21.81 10.57
C GLY B 221 14.66 21.24 11.19
N VAL B 222 15.71 21.13 10.39
CA VAL B 222 16.99 20.60 10.87
C VAL B 222 18.13 21.58 10.63
N THR B 223 19.18 21.44 11.45
CA THR B 223 20.39 22.22 11.32
C THR B 223 21.56 21.27 11.11
N PRO B 224 22.32 21.45 10.02
CA PRO B 224 23.45 20.56 9.77
C PRO B 224 24.57 20.76 10.78
N THR B 225 25.11 19.67 11.29
CA THR B 225 26.30 19.72 12.14
C THR B 225 27.56 19.52 11.28
N HIS B 226 27.39 18.90 10.12
CA HIS B 226 28.51 18.52 9.26
C HIS B 226 28.25 18.80 7.80
N VAL B 227 29.34 18.91 7.04
CA VAL B 227 29.26 18.91 5.58
C VAL B 227 30.54 18.32 4.98
N LEU B 228 30.37 17.42 4.01
CA LEU B 228 31.49 16.87 3.26
C LEU B 228 31.45 17.40 1.84
N LEU B 229 32.56 17.99 1.41
CA LEU B 229 32.64 18.65 0.11
C LEU B 229 33.84 18.14 -0.67
N GLN B 230 33.59 17.61 -1.87
CA GLN B 230 34.67 17.10 -2.73
C GLN B 230 35.59 18.25 -3.16
N ALA B 231 36.89 18.05 -2.97
CA ALA B 231 37.89 19.08 -3.22
C ALA B 231 37.88 19.56 -4.66
N GLY B 232 38.23 18.66 -5.59
CA GLY B 232 38.37 19.00 -7.01
C GLY B 232 39.37 20.13 -7.16
N VAL B 233 39.03 21.09 -8.03
CA VAL B 233 39.85 22.29 -8.18
C VAL B 233 39.59 23.33 -7.08
N GLY B 234 38.48 23.18 -6.37
CA GLY B 234 38.20 24.00 -5.18
C GLY B 234 37.07 25.01 -5.29
N ALA B 235 36.53 25.17 -6.51
CA ALA B 235 35.49 26.15 -6.79
C ALA B 235 34.18 25.86 -6.06
N MET B 236 33.67 24.64 -6.24
CA MET B 236 32.45 24.20 -5.58
C MET B 236 32.64 24.25 -4.07
N ALA B 237 33.70 23.59 -3.59
CA ALA B 237 34.00 23.49 -2.17
C ALA B 237 34.11 24.87 -1.52
N GLY B 238 34.87 25.77 -2.14
CA GLY B 238 35.02 27.14 -1.67
C GLY B 238 33.72 27.92 -1.70
N GLY B 239 33.03 27.88 -2.84
CA GLY B 239 31.77 28.59 -3.03
C GLY B 239 30.68 28.14 -2.05
N VAL B 240 30.50 26.83 -1.93
CA VAL B 240 29.46 26.26 -1.07
C VAL B 240 29.81 26.45 0.41
N LEU B 241 31.06 26.17 0.78
CA LEU B 241 31.51 26.41 2.16
C LEU B 241 31.35 27.87 2.53
N GLY B 242 31.82 28.76 1.65
CA GLY B 242 31.69 30.21 1.83
C GLY B 242 30.29 30.63 2.21
N TYR B 243 29.29 30.09 1.52
CA TYR B 243 27.89 30.39 1.80
C TYR B 243 27.45 29.82 3.13
N LEU B 244 27.77 28.54 3.36
CA LEU B 244 27.34 27.83 4.55
C LEU B 244 27.89 28.45 5.83
N VAL B 245 29.18 28.80 5.82
CA VAL B 245 29.81 29.40 7.00
C VAL B 245 29.29 30.81 7.30
N ASP B 246 28.79 31.49 6.28
CA ASP B 246 28.11 32.78 6.47
C ASP B 246 26.77 32.57 7.17
N VAL B 247 26.11 31.45 6.87
CA VAL B 247 24.82 31.11 7.47
C VAL B 247 24.97 30.55 8.88
N TYR B 248 25.86 29.56 9.04
CA TYR B 248 25.96 28.82 10.30
C TYR B 248 27.17 29.19 11.17
N SER B 249 28.06 30.02 10.64
CA SER B 249 29.37 30.33 11.25
C SER B 249 30.36 29.17 11.07
N PRO B 250 31.63 29.48 10.77
CA PRO B 250 32.67 28.48 10.52
C PRO B 250 33.06 27.62 11.74
N GLN B 251 32.59 27.99 12.93
CA GLN B 251 32.90 27.25 14.15
C GLN B 251 31.82 26.24 14.55
N ASN B 252 30.58 26.50 14.16
CA ASN B 252 29.45 25.63 14.48
C ASN B 252 29.02 24.76 13.30
N LEU B 253 29.97 24.50 12.41
CA LEU B 253 29.74 23.68 11.24
C LEU B 253 31.02 22.92 10.95
N HIS B 254 30.97 21.61 11.16
CA HIS B 254 32.13 20.74 10.99
C HIS B 254 32.26 20.37 9.54
N SER B 255 33.07 21.14 8.81
CA SER B 255 33.24 20.92 7.38
C SER B 255 34.45 20.04 7.11
N ILE B 256 34.25 19.05 6.24
CA ILE B 256 35.28 18.10 5.87
C ILE B 256 35.48 18.17 4.36
N ILE B 257 36.72 18.46 3.94
CA ILE B 257 37.04 18.61 2.52
C ILE B 257 37.80 17.39 2.04
N VAL B 258 37.24 16.71 1.02
CA VAL B 258 37.66 15.37 0.63
C VAL B 258 38.39 15.35 -0.71
N GLU B 259 39.63 14.86 -0.70
CA GLU B 259 40.42 14.75 -1.91
C GLU B 259 40.78 13.29 -2.21
N PRO B 260 40.22 12.74 -3.31
CA PRO B 260 40.58 11.40 -3.76
C PRO B 260 42.01 11.37 -4.30
N ASP B 261 42.70 10.24 -4.15
CA ASP B 261 44.11 10.10 -4.54
C ASP B 261 44.42 10.42 -6.00
N GLY B 292 47.89 20.38 -6.23
CA GLY B 292 49.06 21.23 -6.02
C GLY B 292 48.90 22.59 -6.66
N GLU B 293 48.73 23.60 -5.81
CA GLU B 293 48.43 24.99 -6.23
C GLU B 293 47.16 25.09 -7.10
N PRO B 294 45.97 25.08 -6.46
CA PRO B 294 44.69 25.07 -7.15
C PRO B 294 44.08 26.46 -7.30
N ASN B 295 42.75 26.52 -7.40
CA ASN B 295 41.98 27.76 -7.41
C ASN B 295 42.22 28.53 -6.10
N PRO B 296 42.90 29.70 -6.19
CA PRO B 296 43.29 30.48 -5.00
C PRO B 296 42.11 31.16 -4.32
N LEU B 297 41.04 31.43 -5.09
CA LEU B 297 39.82 32.02 -4.54
C LEU B 297 39.08 30.98 -3.69
N GLY B 298 39.02 29.75 -4.19
CA GLY B 298 38.40 28.64 -3.48
C GLY B 298 39.23 28.18 -2.29
N TRP B 299 40.54 28.06 -2.50
CA TRP B 299 41.46 27.65 -1.44
C TRP B 299 41.42 28.56 -0.25
N GLU B 300 41.39 29.86 -0.49
CA GLU B 300 41.43 30.86 0.58
C GLU B 300 40.33 30.64 1.61
N ILE B 301 39.12 30.36 1.15
CA ILE B 301 37.97 30.08 2.01
C ILE B 301 38.16 28.75 2.75
N LEU B 302 38.69 27.77 2.04
CA LEU B 302 38.92 26.45 2.61
C LEU B 302 39.96 26.50 3.74
N ARG B 303 41.13 27.07 3.46
CA ARG B 303 42.16 27.29 4.48
C ARG B 303 41.61 28.05 5.69
N ASN B 304 40.81 29.08 5.42
CA ASN B 304 40.22 29.91 6.47
C ASN B 304 39.17 29.23 7.32
N CYS B 305 38.25 28.50 6.67
CA CYS B 305 37.01 28.07 7.32
C CYS B 305 36.74 26.56 7.38
N ALA B 306 37.52 25.76 6.65
CA ALA B 306 37.32 24.30 6.66
C ALA B 306 37.82 23.69 7.96
N THR B 307 37.03 22.80 8.54
CA THR B 307 37.39 22.16 9.81
C THR B 307 38.47 21.10 9.61
N GLN B 308 38.23 20.17 8.69
CA GLN B 308 39.15 19.08 8.43
C GLN B 308 39.35 18.84 6.93
N PHE B 309 40.44 18.15 6.61
CA PHE B 309 40.69 17.66 5.26
C PHE B 309 40.80 16.16 5.30
N ILE B 310 40.44 15.52 4.19
CA ILE B 310 40.62 14.09 4.02
C ILE B 310 41.36 13.79 2.72
N SER B 311 42.36 12.93 2.83
CA SER B 311 42.91 12.27 1.67
C SER B 311 42.39 10.85 1.70
N CYS B 312 41.66 10.47 0.66
CA CYS B 312 41.06 9.14 0.60
C CYS B 312 41.49 8.35 -0.62
N GLN B 313 41.36 7.02 -0.51
CA GLN B 313 41.66 6.10 -1.59
C GLN B 313 40.75 6.32 -2.81
N ASP B 314 41.27 6.02 -4.00
CA ASP B 314 40.51 6.16 -5.24
C ASP B 314 39.23 5.33 -5.28
N SER B 315 39.23 4.20 -4.58
CA SER B 315 38.09 3.28 -4.53
C SER B 315 36.98 3.72 -3.57
N VAL B 316 37.17 4.84 -2.88
CA VAL B 316 36.16 5.38 -1.97
C VAL B 316 35.00 5.99 -2.77
N ALA B 317 35.34 6.63 -3.89
CA ALA B 317 34.34 7.16 -4.81
C ALA B 317 33.41 6.05 -5.31
N ALA B 318 34.00 5.01 -5.92
CA ALA B 318 33.27 3.82 -6.35
C ALA B 318 32.31 3.29 -5.28
N LEU B 319 32.82 3.14 -4.06
CA LEU B 319 32.01 2.69 -2.93
C LEU B 319 30.76 3.56 -2.77
N GLY B 320 30.95 4.88 -2.75
CA GLY B 320 29.85 5.84 -2.63
C GLY B 320 28.84 5.75 -3.76
N MET B 321 29.32 5.43 -4.96
CA MET B 321 28.47 5.27 -6.14
C MET B 321 27.50 4.11 -5.93
N ARG B 322 28.04 2.98 -5.50
CA ARG B 322 27.26 1.76 -5.32
C ARG B 322 26.26 1.93 -4.17
N VAL B 323 26.70 2.58 -3.09
CA VAL B 323 25.87 2.79 -1.90
C VAL B 323 24.69 3.69 -2.24
N LEU B 324 24.94 4.72 -3.04
CA LEU B 324 23.87 5.62 -3.47
C LEU B 324 22.98 4.96 -4.52
N GLY B 325 23.58 4.16 -5.40
CA GLY B 325 22.86 3.49 -6.48
C GLY B 325 21.98 2.33 -6.04
N ASN B 326 22.27 1.78 -4.85
CA ASN B 326 21.46 0.70 -4.28
C ASN B 326 21.30 0.94 -2.76
N PRO B 327 20.38 1.86 -2.38
CA PRO B 327 20.20 2.33 -1.00
C PRO B 327 19.93 1.23 0.02
N TYR B 328 20.19 1.55 1.28
CA TYR B 328 19.87 0.68 2.41
C TYR B 328 18.41 0.88 2.80
N GLY B 329 17.79 -0.16 3.36
CA GLY B 329 16.42 -0.10 3.85
C GLY B 329 15.42 0.42 2.83
N ASN B 330 14.69 1.46 3.22
CA ASN B 330 13.66 2.06 2.36
C ASN B 330 14.09 3.43 1.81
N ASP B 331 15.37 3.74 1.94
CA ASP B 331 15.93 5.01 1.47
C ASP B 331 15.76 5.18 -0.04
N PRO B 332 15.65 6.44 -0.51
CA PRO B 332 15.52 6.68 -1.95
C PRO B 332 16.84 6.44 -2.68
N ARG B 333 16.76 6.04 -3.94
CA ARG B 333 17.92 5.75 -4.77
C ARG B 333 18.45 7.00 -5.47
N ILE B 334 19.78 7.11 -5.54
CA ILE B 334 20.44 8.26 -6.14
C ILE B 334 21.55 7.81 -7.11
N ILE B 335 21.50 8.32 -8.35
CA ILE B 335 22.52 8.02 -9.34
C ILE B 335 23.65 9.02 -9.19
N SER B 336 24.85 8.53 -8.91
CA SER B 336 25.99 9.38 -8.62
C SER B 336 27.26 8.89 -9.32
N GLY B 337 27.89 9.78 -10.09
CA GLY B 337 29.12 9.47 -10.80
C GLY B 337 30.34 9.47 -9.88
N GLU B 338 31.52 9.32 -10.47
CA GLU B 338 32.76 9.22 -9.70
C GLU B 338 33.04 10.46 -8.84
N SER B 339 32.82 11.65 -9.42
CA SER B 339 33.05 12.90 -8.71
C SER B 339 31.95 13.21 -7.69
N GLY B 340 30.73 12.76 -7.99
CA GLY B 340 29.57 13.05 -7.17
C GLY B 340 29.52 12.32 -5.83
N ALA B 341 30.06 11.11 -5.79
CA ALA B 341 29.81 10.17 -4.71
C ALA B 341 30.86 10.07 -3.60
N VAL B 342 31.93 10.86 -3.68
CA VAL B 342 33.07 10.63 -2.78
C VAL B 342 32.78 11.04 -1.33
N GLY B 343 31.97 12.09 -1.16
CA GLY B 343 31.58 12.54 0.18
C GLY B 343 30.87 11.44 0.93
N LEU B 344 29.82 10.90 0.30
CA LEU B 344 29.05 9.80 0.88
C LEU B 344 29.94 8.57 1.07
N GLY B 345 30.79 8.30 0.09
CA GLY B 345 31.75 7.21 0.14
C GLY B 345 32.58 7.20 1.40
N VAL B 346 33.10 8.36 1.78
CA VAL B 346 33.86 8.52 3.02
C VAL B 346 33.06 7.97 4.21
N LEU B 347 31.79 8.34 4.30
CA LEU B 347 30.92 7.89 5.39
C LEU B 347 30.75 6.36 5.39
N ALA B 348 30.65 5.79 4.19
CA ALA B 348 30.53 4.34 4.04
C ALA B 348 31.87 3.63 4.34
N ALA B 349 32.97 4.29 4.01
CA ALA B 349 34.30 3.75 4.28
C ALA B 349 34.62 3.78 5.78
N VAL B 350 34.17 4.83 6.46
CA VAL B 350 34.39 4.95 7.91
C VAL B 350 33.59 3.90 8.68
N HIS B 351 32.33 3.69 8.29
CA HIS B 351 31.46 2.73 8.95
C HIS B 351 31.98 1.31 8.92
N TYR B 352 32.59 0.91 7.80
CA TYR B 352 33.06 -0.46 7.64
C TYR B 352 34.53 -0.65 8.04
N HIS B 353 35.19 0.45 8.40
CA HIS B 353 36.61 0.45 8.78
C HIS B 353 36.83 -0.23 10.10
N PRO B 354 37.99 -0.92 10.27
CA PRO B 354 38.35 -1.51 11.56
C PRO B 354 38.43 -0.47 12.69
N GLN B 355 38.94 0.72 12.37
CA GLN B 355 39.06 1.81 13.33
C GLN B 355 37.88 2.78 13.24
N ARG B 356 36.70 2.22 12.98
CA ARG B 356 35.44 2.97 12.93
C ARG B 356 35.28 3.95 14.09
N GLN B 357 35.52 3.45 15.31
CA GLN B 357 35.32 4.23 16.53
C GLN B 357 36.16 5.50 16.59
N SER B 358 37.47 5.37 16.35
CA SER B 358 38.37 6.51 16.38
C SER B 358 38.17 7.47 15.21
N LEU B 359 37.76 6.94 14.06
CA LEU B 359 37.50 7.76 12.88
C LEU B 359 36.26 8.63 13.06
N MET B 360 35.18 8.03 13.55
CA MET B 360 33.96 8.78 13.88
C MET B 360 34.25 9.83 14.95
N GLU B 361 35.04 9.43 15.95
CA GLU B 361 35.54 10.35 16.97
C GLU B 361 36.28 11.55 16.38
N LYS B 362 37.22 11.26 15.47
CA LYS B 362 37.98 12.30 14.76
C LYS B 362 37.06 13.25 13.98
N LEU B 363 36.04 12.68 13.35
CA LEU B 363 35.10 13.46 12.54
C LEU B 363 33.93 14.01 13.34
N ALA B 364 33.96 13.83 14.66
CA ALA B 364 32.86 14.21 15.55
C ALA B 364 31.51 13.72 15.01
N LEU B 365 31.51 12.51 14.47
CA LEU B 365 30.28 11.87 13.98
C LEU B 365 29.67 11.06 15.11
N ASN B 366 28.39 11.34 15.41
CA ASN B 366 27.67 10.64 16.47
C ASN B 366 26.16 10.57 16.20
N LYS B 367 25.41 10.01 17.15
CA LYS B 367 23.96 9.83 17.01
C LYS B 367 23.19 11.12 16.73
N ASP B 368 23.80 12.26 17.03
CA ASP B 368 23.19 13.57 16.83
C ASP B 368 23.65 14.27 15.55
N ALA B 369 24.59 13.67 14.83
CA ALA B 369 25.17 14.31 13.66
C ALA B 369 24.18 14.40 12.49
N VAL B 370 23.92 15.62 12.06
CA VAL B 370 23.14 15.89 10.85
C VAL B 370 24.16 16.22 9.76
N VAL B 371 24.27 15.34 8.77
CA VAL B 371 25.38 15.41 7.79
C VAL B 371 24.90 15.75 6.38
N LEU B 372 25.43 16.84 5.83
CA LEU B 372 25.14 17.24 4.45
C LEU B 372 26.21 16.72 3.49
N VAL B 373 25.75 16.08 2.41
CA VAL B 373 26.61 15.58 1.36
C VAL B 373 26.08 16.14 0.04
N ILE B 374 26.99 16.44 -0.89
CA ILE B 374 26.62 16.97 -2.19
C ILE B 374 26.99 16.00 -3.31
N SER B 375 25.97 15.47 -3.99
CA SER B 375 26.18 14.62 -5.15
C SER B 375 26.22 15.51 -6.39
N THR B 376 27.44 15.84 -6.83
CA THR B 376 27.68 16.87 -7.85
C THR B 376 27.34 16.46 -9.28
N GLU B 377 27.28 15.14 -9.52
CA GLU B 377 26.96 14.62 -10.83
C GLU B 377 26.30 13.24 -10.75
N GLY B 378 25.39 12.97 -11.69
CA GLY B 378 24.84 11.63 -11.87
C GLY B 378 25.71 10.83 -12.80
N ASP B 379 25.10 9.91 -13.56
CA ASP B 379 25.84 9.01 -14.41
C ASP B 379 26.25 9.68 -15.73
N THR B 380 27.14 10.66 -15.62
CA THR B 380 27.62 11.42 -16.78
C THR B 380 28.43 10.54 -17.73
N ASP B 381 29.08 9.53 -17.17
CA ASP B 381 29.73 8.48 -17.97
C ASP B 381 29.04 7.15 -17.69
N VAL B 382 28.04 6.86 -18.51
CA VAL B 382 27.22 5.65 -18.42
C VAL B 382 28.05 4.36 -18.34
N LYS B 383 29.00 4.22 -19.27
CA LYS B 383 29.87 3.05 -19.34
C LYS B 383 30.63 2.84 -18.02
N HIS B 384 31.28 3.89 -17.53
CA HIS B 384 31.98 3.83 -16.25
C HIS B 384 31.05 3.56 -15.09
N TYR B 385 29.86 4.17 -15.10
CA TYR B 385 28.91 4.03 -13.99
C TYR B 385 28.48 2.58 -13.78
N ARG B 386 28.07 1.94 -14.87
CA ARG B 386 27.60 0.54 -14.83
C ARG B 386 28.73 -0.46 -14.61
N GLU B 387 29.94 -0.10 -15.05
CA GLU B 387 31.13 -0.88 -14.72
C GLU B 387 31.36 -0.87 -13.21
N VAL B 388 31.16 0.29 -12.58
CA VAL B 388 31.29 0.40 -11.13
C VAL B 388 30.20 -0.38 -10.42
N VAL B 389 28.94 -0.04 -10.67
CA VAL B 389 27.83 -0.55 -9.87
C VAL B 389 27.35 -1.97 -10.24
N TRP B 390 27.59 -2.40 -11.48
CA TRP B 390 27.27 -3.78 -11.90
C TRP B 390 28.47 -4.67 -11.97
N GLU B 391 29.47 -4.26 -12.75
CA GLU B 391 30.66 -5.09 -12.99
C GLU B 391 31.58 -5.14 -11.78
N GLY B 392 31.34 -4.26 -10.81
CA GLY B 392 32.11 -4.25 -9.56
C GLY B 392 33.50 -3.66 -9.72
N LYS B 393 33.67 -2.76 -10.69
CA LYS B 393 34.96 -2.11 -10.95
C LYS B 393 35.38 -1.23 -9.78
N HIS B 394 36.68 -1.22 -9.49
CA HIS B 394 37.25 -0.57 -8.29
C HIS B 394 36.65 -1.11 -7.03
N ALA B 395 36.60 -2.43 -6.93
CA ALA B 395 36.04 -3.11 -5.76
C ALA B 395 36.82 -2.83 -4.49
N VAL B 396 36.15 -3.00 -3.35
CA VAL B 396 36.71 -2.70 -2.04
C VAL B 396 37.92 -3.57 -1.69
N ALA B 397 37.76 -4.90 -1.71
CA ALA B 397 38.83 -5.80 -1.33
C ALA B 397 39.96 -5.86 -2.39
N PRO B 398 39.63 -6.12 -3.67
CA PRO B 398 40.66 -5.99 -4.70
C PRO B 398 41.08 -4.55 -4.93
N MET C 1 -15.27 -0.49 -7.69
CA MET C 1 -13.98 -0.59 -6.92
C MET C 1 -13.06 -1.74 -7.41
N SER C 2 -12.15 -2.19 -6.53
CA SER C 2 -11.01 -3.06 -6.91
C SER C 2 -11.40 -4.43 -7.47
N VAL C 3 -10.54 -4.95 -8.34
CA VAL C 3 -10.67 -6.29 -8.89
C VAL C 3 -9.89 -7.25 -8.00
N PHE C 4 -10.56 -8.32 -7.55
CA PHE C 4 -9.92 -9.32 -6.69
C PHE C 4 -10.52 -10.71 -6.89
N SER C 5 -9.79 -11.74 -6.46
CA SER C 5 -10.23 -13.12 -6.67
C SER C 5 -10.30 -13.92 -5.36
N LEU C 6 -11.51 -14.02 -4.82
CA LEU C 6 -11.81 -14.93 -3.72
C LEU C 6 -12.25 -16.28 -4.29
N LYS C 7 -12.08 -17.35 -3.50
CA LYS C 7 -12.52 -18.68 -3.91
C LYS C 7 -14.05 -18.79 -4.00
N ILE C 8 -14.53 -19.08 -5.20
CA ILE C 8 -15.95 -19.33 -5.47
C ILE C 8 -16.02 -20.52 -6.44
N ASP C 9 -15.67 -21.70 -5.94
CA ASP C 9 -15.60 -22.89 -6.80
C ASP C 9 -16.99 -23.45 -7.12
N ILE C 10 -17.40 -23.28 -8.38
CA ILE C 10 -18.72 -23.71 -8.84
C ILE C 10 -18.63 -25.06 -9.52
N ALA C 11 -19.46 -25.98 -9.05
CA ALA C 11 -19.62 -27.28 -9.68
C ALA C 11 -21.10 -27.55 -9.90
N ASP C 12 -21.43 -27.99 -11.11
CA ASP C 12 -22.79 -28.39 -11.45
C ASP C 12 -23.18 -29.65 -10.70
N ASN C 13 -24.42 -29.71 -10.25
CA ASN C 13 -24.92 -30.88 -9.53
C ASN C 13 -25.22 -32.03 -10.48
N LYS C 14 -24.31 -33.00 -10.53
CA LYS C 14 -24.42 -34.16 -11.43
C LYS C 14 -25.43 -35.19 -10.94
N PHE C 15 -25.89 -35.04 -9.69
CA PHE C 15 -26.90 -35.92 -9.11
C PHE C 15 -28.33 -35.45 -9.41
N PHE C 16 -28.46 -34.28 -10.02
CA PHE C 16 -29.77 -33.69 -10.31
C PHE C 16 -30.71 -34.62 -11.08
N ASN C 17 -31.92 -34.80 -10.55
CA ASN C 17 -32.96 -35.61 -11.20
C ASN C 17 -34.35 -34.97 -11.12
N GLY C 18 -34.47 -33.92 -10.30
CA GLY C 18 -35.70 -33.15 -10.20
C GLY C 18 -36.86 -33.83 -9.50
N GLU C 19 -36.57 -34.84 -8.69
CA GLU C 19 -37.61 -35.50 -7.90
C GLU C 19 -37.87 -34.69 -6.63
N THR C 20 -39.12 -34.26 -6.46
CA THR C 20 -39.51 -33.47 -5.29
C THR C 20 -39.70 -34.36 -4.06
N SER C 21 -39.80 -33.74 -2.89
CA SER C 21 -39.88 -34.48 -1.63
C SER C 21 -41.31 -34.54 -1.09
N PRO C 22 -41.77 -35.74 -0.70
CA PRO C 22 -43.09 -35.87 -0.09
C PRO C 22 -43.10 -35.37 1.35
N LEU C 23 -41.91 -35.31 1.95
CA LEU C 23 -41.75 -34.95 3.35
C LEU C 23 -41.67 -33.43 3.53
N PHE C 24 -41.01 -32.76 2.59
CA PHE C 24 -40.75 -31.32 2.70
C PHE C 24 -41.35 -30.54 1.54
N SER C 25 -42.67 -30.38 1.56
CA SER C 25 -43.40 -29.66 0.52
C SER C 25 -44.15 -28.45 1.08
N GLN C 26 -45.09 -27.91 0.30
CA GLN C 26 -45.91 -26.78 0.71
C GLN C 26 -46.78 -27.10 1.92
N SER C 27 -47.46 -28.24 1.86
CA SER C 27 -48.45 -28.64 2.88
C SER C 27 -47.90 -28.72 4.30
N GLN C 28 -46.69 -29.25 4.46
CA GLN C 28 -46.03 -29.34 5.77
C GLN C 28 -45.54 -27.97 6.24
N ALA C 29 -45.00 -27.18 5.30
CA ALA C 29 -44.54 -25.82 5.57
C ALA C 29 -45.68 -24.91 6.02
N LYS C 30 -46.86 -25.15 5.47
CA LYS C 30 -48.04 -24.36 5.78
C LYS C 30 -48.61 -24.71 7.14
N LEU C 31 -48.52 -25.99 7.50
CA LEU C 31 -48.86 -26.44 8.85
C LEU C 31 -47.88 -25.87 9.88
N ALA C 32 -46.60 -25.83 9.51
CA ALA C 32 -45.57 -25.20 10.33
C ALA C 32 -45.82 -23.71 10.51
N ARG C 33 -46.17 -23.02 9.42
CA ARG C 33 -46.45 -21.59 9.50
C ARG C 33 -47.67 -21.28 10.37
N GLN C 34 -48.71 -22.10 10.26
CA GLN C 34 -49.93 -21.95 11.05
C GLN C 34 -49.66 -22.08 12.56
N PHE C 35 -48.70 -22.92 12.91
CA PHE C 35 -48.21 -23.02 14.28
C PHE C 35 -47.47 -21.75 14.71
N HIS C 36 -46.56 -21.27 13.85
CA HIS C 36 -45.77 -20.07 14.13
C HIS C 36 -46.59 -18.82 14.24
N GLN C 37 -47.62 -18.70 13.40
CA GLN C 37 -48.54 -17.57 13.42
C GLN C 37 -49.27 -17.41 14.76
N LYS C 38 -49.41 -18.53 15.48
CA LYS C 38 -50.08 -18.55 16.79
C LYS C 38 -49.20 -18.03 17.93
N ILE C 39 -47.88 -18.02 17.71
CA ILE C 39 -46.94 -17.57 18.74
C ILE C 39 -46.98 -16.06 18.91
N ALA C 40 -47.14 -15.62 20.15
CA ALA C 40 -47.20 -14.21 20.50
C ALA C 40 -46.02 -13.44 19.93
N GLY C 41 -46.32 -12.38 19.17
CA GLY C 41 -45.30 -11.55 18.55
C GLY C 41 -44.85 -11.99 17.16
N TYR C 42 -45.54 -12.96 16.57
CA TYR C 42 -45.19 -13.41 15.21
C TYR C 42 -45.36 -12.29 14.17
N ARG C 43 -44.44 -12.26 13.22
CA ARG C 43 -44.48 -11.33 12.11
C ARG C 43 -43.49 -11.82 11.06
N PRO C 44 -43.95 -11.97 9.80
CA PRO C 44 -43.04 -12.40 8.75
C PRO C 44 -41.81 -11.50 8.70
N THR C 45 -40.62 -12.10 8.77
CA THR C 45 -39.37 -11.35 8.68
C THR C 45 -39.36 -10.59 7.35
N PRO C 46 -38.73 -9.40 7.33
CA PRO C 46 -38.74 -8.60 6.11
C PRO C 46 -38.03 -9.30 4.95
N LEU C 47 -38.51 -9.06 3.73
CA LEU C 47 -37.79 -9.40 2.52
C LEU C 47 -37.36 -8.09 1.86
N CME C 48 -36.08 -7.77 1.98
CA CME C 48 -35.57 -6.46 1.58
CB CME C 48 -34.47 -6.02 2.53
SG CME C 48 -35.00 -6.18 4.21
SD CME C 48 -34.63 -4.36 4.95
CE CME C 48 -36.22 -3.87 5.55
CZ CME C 48 -37.21 -3.67 4.40
OH CME C 48 -38.55 -3.66 4.93
C CME C 48 -35.09 -6.52 0.17
O CME C 48 -34.45 -7.50 -0.25
N ALA C 49 -35.44 -5.48 -0.60
CA ALA C 49 -35.03 -5.35 -1.99
C ALA C 49 -33.78 -4.49 -2.11
N LEU C 50 -32.67 -5.09 -2.50
CA LEU C 50 -31.44 -4.33 -2.72
C LEU C 50 -31.31 -3.97 -4.19
N ASP C 51 -32.16 -3.02 -4.62
CA ASP C 51 -32.25 -2.62 -6.03
C ASP C 51 -30.97 -2.00 -6.58
N ASP C 52 -30.34 -1.13 -5.79
CA ASP C 52 -29.14 -0.45 -6.24
C ASP C 52 -27.94 -1.38 -6.32
N LEU C 53 -27.87 -2.35 -5.40
CA LEU C 53 -26.84 -3.39 -5.46
C LEU C 53 -27.07 -4.31 -6.66
N ALA C 54 -28.33 -4.64 -6.91
CA ALA C 54 -28.71 -5.44 -8.06
C ALA C 54 -28.26 -4.77 -9.35
N ASN C 55 -28.45 -3.46 -9.44
CA ASN C 55 -28.01 -2.69 -10.60
C ASN C 55 -26.49 -2.69 -10.75
N LEU C 56 -25.79 -2.52 -9.64
CA LEU C 56 -24.32 -2.56 -9.62
C LEU C 56 -23.80 -3.94 -10.07
N PHE C 57 -24.44 -5.00 -9.59
CA PHE C 57 -24.02 -6.38 -9.86
C PHE C 57 -24.47 -6.90 -11.22
N GLY C 58 -25.41 -6.17 -11.85
CA GLY C 58 -25.91 -6.53 -13.17
C GLY C 58 -27.01 -7.59 -13.19
N VAL C 59 -27.83 -7.63 -12.15
CA VAL C 59 -29.03 -8.48 -12.15
C VAL C 59 -30.29 -7.62 -12.00
N LYS C 60 -31.46 -8.22 -12.14
CA LYS C 60 -32.72 -7.47 -12.02
C LYS C 60 -33.08 -7.17 -10.57
N LYS C 61 -33.01 -8.19 -9.72
CA LYS C 61 -33.39 -8.06 -8.32
C LYS C 61 -32.49 -8.89 -7.41
N ILE C 62 -32.15 -8.32 -6.27
CA ILE C 62 -31.56 -9.06 -5.16
C ILE C 62 -32.49 -8.90 -3.96
N LEU C 63 -33.06 -10.02 -3.51
CA LEU C 63 -34.04 -10.00 -2.41
C LEU C 63 -33.48 -10.77 -1.22
N VAL C 64 -33.32 -10.08 -0.09
CA VAL C 64 -32.72 -10.69 1.10
C VAL C 64 -33.76 -10.92 2.19
N LYS C 65 -33.95 -12.18 2.53
CA LYS C 65 -34.80 -12.58 3.64
C LYS C 65 -34.03 -12.37 4.95
N ASP C 66 -34.51 -11.44 5.77
CA ASP C 66 -33.77 -10.98 6.96
C ASP C 66 -34.24 -11.66 8.25
N GLU C 67 -33.60 -12.78 8.58
CA GLU C 67 -33.98 -13.58 9.74
C GLU C 67 -33.41 -13.08 11.08
N SER C 68 -32.68 -11.97 11.04
CA SER C 68 -32.25 -11.29 12.27
C SER C 68 -33.48 -10.75 13.00
N LYS C 69 -34.59 -10.63 12.26
CA LYS C 69 -35.85 -10.14 12.82
C LYS C 69 -36.78 -11.24 13.31
N ARG C 70 -36.35 -12.50 13.20
CA ARG C 70 -37.16 -13.60 13.69
C ARG C 70 -37.33 -13.50 15.21
N PHE C 71 -38.48 -12.96 15.62
CA PHE C 71 -38.78 -12.71 17.04
C PHE C 71 -37.66 -11.88 17.67
N GLY C 72 -37.18 -12.27 18.85
CA GLY C 72 -36.08 -11.55 19.47
C GLY C 72 -34.77 -12.32 19.42
N LEU C 73 -34.70 -13.33 18.56
CA LEU C 73 -33.63 -14.32 18.61
C LEU C 73 -32.44 -14.06 17.69
N ASN C 74 -32.57 -13.05 16.82
CA ASN C 74 -31.49 -12.64 15.92
C ASN C 74 -31.05 -13.73 14.93
N ALA C 75 -31.84 -14.80 14.85
CA ALA C 75 -31.62 -15.91 13.91
C ALA C 75 -32.91 -16.67 13.63
N PHE C 76 -32.87 -17.52 12.60
CA PHE C 76 -34.06 -18.21 12.08
C PHE C 76 -34.39 -19.55 12.75
N LYS C 77 -33.44 -20.08 13.50
CA LYS C 77 -33.49 -21.51 13.85
C LYS C 77 -34.69 -21.92 14.73
N MET C 78 -35.20 -21.00 15.55
CA MET C 78 -36.38 -21.29 16.38
C MET C 78 -37.55 -21.86 15.57
N LEU C 79 -37.64 -21.46 14.29
CA LEU C 79 -38.66 -21.99 13.38
C LEU C 79 -38.69 -23.51 13.34
N GLY C 80 -37.50 -24.13 13.40
CA GLY C 80 -37.39 -25.59 13.48
C GLY C 80 -37.45 -26.12 14.89
N GLY C 81 -36.59 -25.57 15.76
CA GLY C 81 -36.50 -26.00 17.15
C GLY C 81 -37.83 -25.98 17.87
N ALA C 82 -38.47 -24.81 17.89
CA ALA C 82 -39.76 -24.61 18.58
C ALA C 82 -40.85 -25.54 18.04
N TYR C 83 -40.87 -25.74 16.73
CA TYR C 83 -41.87 -26.58 16.09
C TYR C 83 -41.69 -28.05 16.50
N ALA C 84 -40.46 -28.56 16.37
CA ALA C 84 -40.13 -29.93 16.77
C ALA C 84 -40.44 -30.18 18.24
N ILE C 85 -40.09 -29.23 19.10
CA ILE C 85 -40.33 -29.32 20.52
C ILE C 85 -41.83 -29.32 20.84
N ALA C 86 -42.59 -28.53 20.08
CA ALA C 86 -44.05 -28.54 20.20
C ALA C 86 -44.63 -29.86 19.72
N GLN C 87 -44.05 -30.42 18.65
CA GLN C 87 -44.48 -31.73 18.15
C GLN C 87 -44.19 -32.85 19.15
N LEU C 88 -43.08 -32.73 19.88
CA LEU C 88 -42.72 -33.69 20.93
C LEU C 88 -43.66 -33.64 22.13
N LEU C 89 -44.07 -32.43 22.52
CA LEU C 89 -44.97 -32.26 23.66
C LEU C 89 -46.38 -32.73 23.35
N CYS C 90 -46.81 -32.54 22.10
CA CYS C 90 -48.13 -32.97 21.66
C CYS C 90 -48.25 -34.50 21.57
N GLU C 91 -47.12 -35.17 21.37
CA GLU C 91 -47.10 -36.64 21.41
C GLU C 91 -47.20 -37.13 22.86
N LYS C 92 -46.49 -36.47 23.77
CA LYS C 92 -46.44 -36.87 25.17
C LYS C 92 -47.74 -36.59 25.93
N TYR C 93 -48.40 -35.48 25.60
CA TYR C 93 -49.66 -35.12 26.24
C TYR C 93 -50.88 -35.53 25.41
N HIS C 94 -50.65 -36.21 24.30
CA HIS C 94 -51.71 -36.64 23.36
C HIS C 94 -52.55 -35.48 22.89
N LEU C 95 -51.89 -34.39 22.56
CA LEU C 95 -52.56 -33.18 22.07
C LEU C 95 -52.47 -33.06 20.55
N ASP C 96 -53.31 -32.18 19.99
CA ASP C 96 -53.30 -31.91 18.55
C ASP C 96 -52.62 -30.56 18.29
N ILE C 97 -51.47 -30.60 17.61
CA ILE C 97 -50.67 -29.41 17.35
C ILE C 97 -51.37 -28.38 16.46
N GLU C 98 -52.22 -28.85 15.54
CA GLU C 98 -52.97 -27.99 14.62
C GLU C 98 -53.81 -26.94 15.35
N THR C 99 -54.26 -27.28 16.55
CA THR C 99 -55.04 -26.38 17.41
C THR C 99 -54.56 -26.50 18.86
N LEU C 100 -53.52 -25.76 19.20
CA LEU C 100 -52.86 -25.89 20.51
C LEU C 100 -52.54 -24.54 21.17
N SER C 101 -52.27 -24.59 22.48
CA SER C 101 -51.97 -23.40 23.27
C SER C 101 -50.54 -23.43 23.82
N GLU C 111 -45.99 -33.83 33.31
CA GLU C 111 -44.58 -34.07 33.65
C GLU C 111 -43.65 -33.24 32.78
N LYS C 112 -42.54 -32.79 33.37
CA LYS C 112 -41.65 -31.84 32.69
C LYS C 112 -40.56 -32.54 31.87
N MET C 113 -40.58 -32.29 30.56
CA MET C 113 -39.53 -32.80 29.66
C MET C 113 -38.27 -31.96 29.77
N THR C 114 -37.14 -32.58 29.43
CA THR C 114 -35.87 -31.88 29.32
C THR C 114 -35.28 -32.13 27.93
N PHE C 115 -35.00 -31.04 27.22
CA PHE C 115 -34.44 -31.14 25.88
C PHE C 115 -32.94 -30.88 25.93
N ALA C 116 -32.18 -31.76 25.29
CA ALA C 116 -30.72 -31.67 25.30
C ALA C 116 -30.17 -31.52 23.89
N THR C 117 -29.29 -30.55 23.69
CA THR C 117 -28.70 -30.32 22.38
C THR C 117 -27.28 -29.76 22.45
N THR C 118 -26.51 -30.04 21.41
CA THR C 118 -25.23 -29.40 21.18
C THR C 118 -25.47 -28.30 20.15
N THR C 119 -24.68 -27.24 20.21
CA THR C 119 -24.84 -26.11 19.32
C THR C 119 -23.59 -25.22 19.23
N ASP C 120 -23.41 -24.57 18.08
CA ASP C 120 -22.47 -23.46 17.95
C ASP C 120 -23.13 -22.12 18.29
N GLY C 121 -24.44 -22.12 18.49
CA GLY C 121 -25.15 -20.92 18.95
C GLY C 121 -26.65 -20.85 18.72
N ASN C 122 -27.05 -20.77 17.45
CA ASN C 122 -28.44 -20.45 17.09
C ASN C 122 -29.45 -21.54 17.40
N HIS C 123 -29.16 -22.76 16.94
CA HIS C 123 -30.04 -23.90 17.22
C HIS C 123 -30.31 -24.09 18.69
N GLY C 124 -29.26 -24.06 19.50
CA GLY C 124 -29.38 -24.24 20.95
C GLY C 124 -30.21 -23.15 21.60
N ARG C 125 -30.04 -21.92 21.13
CA ARG C 125 -30.80 -20.78 21.60
C ARG C 125 -32.28 -20.93 21.26
N GLY C 126 -32.58 -21.48 20.07
CA GLY C 126 -33.95 -21.75 19.66
C GLY C 126 -34.60 -22.78 20.56
N VAL C 127 -33.87 -23.86 20.80
CA VAL C 127 -34.28 -24.92 21.74
C VAL C 127 -34.52 -24.35 23.14
N ALA C 128 -33.58 -23.52 23.61
CA ALA C 128 -33.67 -22.92 24.93
C ALA C 128 -34.89 -21.98 25.03
N TRP C 129 -35.15 -21.25 23.95
CA TRP C 129 -36.27 -20.35 23.87
C TRP C 129 -37.58 -21.09 23.93
N ALA C 130 -37.67 -22.18 23.20
CA ALA C 130 -38.89 -23.01 23.15
C ALA C 130 -39.22 -23.63 24.51
N ALA C 131 -38.18 -24.12 25.19
CA ALA C 131 -38.34 -24.73 26.52
C ALA C 131 -38.88 -23.72 27.52
N GLN C 132 -38.33 -22.50 27.49
CA GLN C 132 -38.77 -21.41 28.37
C GLN C 132 -40.23 -21.04 28.13
N GLN C 133 -40.60 -20.95 26.84
CA GLN C 133 -41.96 -20.58 26.45
C GLN C 133 -43.00 -21.62 26.85
N LEU C 134 -42.62 -22.89 26.84
CA LEU C 134 -43.55 -24.00 27.06
C LEU C 134 -43.44 -24.64 28.45
N GLY C 135 -42.71 -23.98 29.35
CA GLY C 135 -42.57 -24.44 30.74
C GLY C 135 -41.81 -25.75 30.86
N GLN C 136 -40.78 -25.91 30.03
CA GLN C 136 -39.96 -27.12 30.02
C GLN C 136 -38.49 -26.81 30.31
N ASN C 137 -37.67 -27.86 30.38
CA ASN C 137 -36.25 -27.73 30.68
C ASN C 137 -35.39 -27.87 29.44
N ALA C 138 -34.29 -27.14 29.41
CA ALA C 138 -33.29 -27.26 28.35
C ALA C 138 -31.89 -27.39 28.94
N VAL C 139 -31.11 -28.32 28.38
CA VAL C 139 -29.68 -28.44 28.71
C VAL C 139 -28.89 -28.33 27.41
N ILE C 140 -28.17 -27.23 27.26
CA ILE C 140 -27.45 -26.94 26.03
C ILE C 140 -25.93 -27.10 26.23
N TYR C 141 -25.30 -27.77 25.28
CA TYR C 141 -23.86 -28.03 25.32
C TYR C 141 -23.20 -27.29 24.17
N MET C 142 -22.12 -26.59 24.49
CA MET C 142 -21.32 -25.86 23.49
C MET C 142 -19.84 -26.24 23.58
N PRO C 143 -19.15 -26.34 22.42
CA PRO C 143 -17.75 -26.73 22.41
C PRO C 143 -16.81 -25.61 22.85
N LYS C 144 -15.53 -25.95 23.09
CA LYS C 144 -14.52 -25.00 23.53
C LYS C 144 -14.36 -23.86 22.53
N GLY C 145 -14.23 -22.64 23.04
CA GLY C 145 -14.04 -21.47 22.19
C GLY C 145 -15.31 -20.73 21.80
N SER C 146 -16.46 -21.28 22.18
CA SER C 146 -17.76 -20.64 21.92
C SER C 146 -17.80 -19.24 22.53
N ALA C 147 -18.37 -18.29 21.80
CA ALA C 147 -18.48 -16.92 22.26
C ALA C 147 -19.33 -16.84 23.52
N GLN C 148 -18.83 -16.10 24.51
CA GLN C 148 -19.51 -15.93 25.80
C GLN C 148 -20.89 -15.29 25.65
N GLU C 149 -21.03 -14.38 24.69
CA GLU C 149 -22.32 -13.74 24.39
C GLU C 149 -23.37 -14.79 24.03
N ARG C 150 -22.96 -15.79 23.27
CA ARG C 150 -23.86 -16.87 22.85
C ARG C 150 -24.23 -17.78 24.02
N VAL C 151 -23.28 -17.96 24.94
CA VAL C 151 -23.50 -18.70 26.17
C VAL C 151 -24.51 -17.97 27.05
N ASP C 152 -24.29 -16.66 27.21
CA ASP C 152 -25.19 -15.80 27.99
C ASP C 152 -26.60 -15.82 27.44
N ALA C 153 -26.73 -15.76 26.11
CA ALA C 153 -28.04 -15.74 25.45
C ALA C 153 -28.88 -16.96 25.84
N ILE C 154 -28.21 -18.11 25.99
CA ILE C 154 -28.86 -19.35 26.38
C ILE C 154 -29.17 -19.37 27.89
N LEU C 155 -28.23 -18.91 28.70
CA LEU C 155 -28.42 -18.83 30.15
C LEU C 155 -29.55 -17.89 30.51
N ASN C 156 -29.68 -16.79 29.77
CA ASN C 156 -30.74 -15.80 30.03
C ASN C 156 -32.14 -16.30 29.67
N LEU C 157 -32.19 -17.40 28.91
CA LEU C 157 -33.45 -18.09 28.61
C LEU C 157 -33.79 -19.17 29.65
N GLY C 158 -33.09 -19.14 30.78
CA GLY C 158 -33.36 -20.07 31.89
C GLY C 158 -32.79 -21.46 31.68
N ALA C 159 -32.06 -21.65 30.58
CA ALA C 159 -31.50 -22.95 30.24
C ALA C 159 -30.14 -23.18 30.92
N GLU C 160 -29.72 -24.44 30.96
CA GLU C 160 -28.36 -24.78 31.35
C GLU C 160 -27.47 -24.72 30.12
N CYS C 161 -26.32 -24.06 30.25
CA CYS C 161 -25.37 -24.00 29.16
C CYS C 161 -23.98 -24.43 29.62
N ILE C 162 -23.58 -25.61 29.15
CA ILE C 162 -22.30 -26.19 29.52
C ILE C 162 -21.33 -26.01 28.36
N VAL C 163 -20.23 -25.30 28.65
CA VAL C 163 -19.16 -25.09 27.69
C VAL C 163 -18.05 -26.10 27.98
N THR C 164 -17.90 -27.08 27.11
CA THR C 164 -16.91 -28.14 27.29
C THR C 164 -15.51 -27.67 26.95
N ASP C 165 -14.53 -28.54 27.19
CA ASP C 165 -13.14 -28.30 26.79
C ASP C 165 -12.82 -29.13 25.54
N MET C 166 -13.86 -29.46 24.78
CA MET C 166 -13.74 -30.34 23.60
C MET C 166 -14.30 -29.67 22.35
N ASN C 167 -14.11 -30.30 21.20
CA ASN C 167 -14.69 -29.83 19.94
C ASN C 167 -16.16 -30.23 19.79
N TYR C 168 -16.76 -29.84 18.67
CA TYR C 168 -18.18 -30.09 18.41
C TYR C 168 -18.55 -31.58 18.44
N ASP C 169 -17.86 -32.40 17.67
CA ASP C 169 -18.15 -33.83 17.56
C ASP C 169 -18.12 -34.55 18.91
N ASP C 170 -17.13 -34.23 19.75
CA ASP C 170 -17.00 -34.83 21.07
C ASP C 170 -18.02 -34.28 22.06
N THR C 171 -18.46 -33.05 21.84
CA THR C 171 -19.50 -32.41 22.67
C THR C 171 -20.88 -33.01 22.36
N VAL C 172 -21.08 -33.37 21.09
CA VAL C 172 -22.29 -34.11 20.69
C VAL C 172 -22.35 -35.46 21.41
N ARG C 173 -21.21 -36.15 21.47
CA ARG C 173 -21.12 -37.45 22.16
C ARG C 173 -21.48 -37.34 23.65
N LEU C 174 -21.02 -36.26 24.28
CA LEU C 174 -21.30 -36.00 25.69
C LEU C 174 -22.78 -35.67 25.92
N THR C 175 -23.37 -34.95 24.96
CA THR C 175 -24.80 -34.67 24.97
C THR C 175 -25.57 -35.98 24.89
N MET C 176 -25.18 -36.85 23.96
CA MET C 176 -25.79 -38.18 23.78
C MET C 176 -25.66 -39.05 25.03
N GLN C 177 -24.49 -38.99 25.66
CA GLN C 177 -24.20 -39.76 26.87
C GLN C 177 -25.09 -39.34 28.05
N HIS C 178 -25.15 -38.04 28.30
CA HIS C 178 -25.92 -37.49 29.43
C HIS C 178 -27.40 -37.62 29.25
N ALA C 179 -27.84 -37.47 28.00
CA ALA C 179 -29.25 -37.61 27.64
C ALA C 179 -29.76 -39.02 27.90
N GLN C 180 -28.95 -40.02 27.52
CA GLN C 180 -29.27 -41.42 27.79
C GLN C 180 -29.26 -41.70 29.30
N GLN C 181 -28.29 -41.10 29.99
CA GLN C 181 -28.11 -41.22 31.44
C GLN C 181 -29.32 -40.73 32.23
N HIS C 182 -29.83 -39.55 31.88
CA HIS C 182 -30.91 -38.91 32.64
C HIS C 182 -32.26 -39.03 31.96
N GLY C 183 -32.29 -39.65 30.79
CA GLY C 183 -33.52 -39.80 30.02
C GLY C 183 -34.02 -38.51 29.37
N TRP C 184 -33.08 -37.66 28.95
CA TRP C 184 -33.44 -36.41 28.28
C TRP C 184 -33.74 -36.65 26.83
N GLU C 185 -34.58 -35.77 26.27
CA GLU C 185 -34.95 -35.81 24.87
C GLU C 185 -33.92 -35.07 24.01
N VAL C 186 -33.20 -35.80 23.17
CA VAL C 186 -32.20 -35.22 22.27
C VAL C 186 -32.88 -34.47 21.13
N VAL C 187 -32.55 -33.19 20.99
CA VAL C 187 -33.08 -32.35 19.92
C VAL C 187 -31.93 -31.76 19.10
N GLN C 188 -31.49 -32.49 18.08
CA GLN C 188 -30.46 -32.02 17.17
C GLN C 188 -31.05 -31.68 15.80
N ASP C 189 -30.42 -30.73 15.11
CA ASP C 189 -30.82 -30.35 13.77
C ASP C 189 -30.24 -31.26 12.70
N THR C 190 -29.34 -32.16 13.11
CA THR C 190 -28.78 -33.17 12.21
C THR C 190 -29.51 -34.49 12.34
N ALA C 191 -29.47 -35.29 11.28
CA ALA C 191 -30.09 -36.60 11.28
C ALA C 191 -29.06 -37.72 11.16
N TRP C 192 -29.34 -38.84 11.82
CA TRP C 192 -28.54 -40.05 11.67
C TRP C 192 -29.41 -41.27 11.74
N GLU C 193 -28.81 -42.44 11.58
CA GLU C 193 -29.55 -43.71 11.59
C GLU C 193 -30.41 -43.88 12.85
N GLY C 194 -31.72 -43.97 12.64
CA GLY C 194 -32.67 -44.12 13.73
C GLY C 194 -33.09 -42.82 14.38
N TYR C 195 -32.60 -41.71 13.85
CA TYR C 195 -32.92 -40.38 14.37
C TYR C 195 -33.35 -39.48 13.22
N THR C 196 -34.65 -39.46 12.95
CA THR C 196 -35.20 -38.81 11.77
C THR C 196 -36.43 -37.95 12.09
N LYS C 197 -37.26 -38.42 13.00
CA LYS C 197 -38.51 -37.74 13.40
C LYS C 197 -38.32 -36.26 13.77
N ILE C 198 -37.35 -35.98 14.64
CA ILE C 198 -37.08 -34.61 15.10
C ILE C 198 -36.43 -33.71 14.02
N PRO C 199 -35.31 -34.16 13.41
CA PRO C 199 -34.72 -33.37 12.32
C PRO C 199 -35.71 -33.02 11.20
N THR C 200 -36.58 -33.98 10.86
CA THR C 200 -37.63 -33.78 9.86
C THR C 200 -38.58 -32.65 10.24
N TRP C 201 -38.98 -32.61 11.52
CA TRP C 201 -39.84 -31.53 12.02
C TRP C 201 -39.14 -30.20 11.96
N ILE C 202 -37.85 -30.20 12.32
CA ILE C 202 -37.02 -29.00 12.26
C ILE C 202 -36.95 -28.46 10.83
N MET C 203 -36.66 -29.35 9.88
CA MET C 203 -36.60 -28.96 8.47
C MET C 203 -37.94 -28.42 7.96
N GLN C 204 -39.04 -29.05 8.38
CA GLN C 204 -40.38 -28.57 8.02
C GLN C 204 -40.70 -27.21 8.64
N GLY C 205 -40.32 -27.05 9.91
CA GLY C 205 -40.47 -25.77 10.61
C GLY C 205 -39.72 -24.64 9.95
N TYR C 206 -38.48 -24.92 9.52
CA TYR C 206 -37.65 -23.96 8.79
C TYR C 206 -38.34 -23.44 7.53
N ALA C 207 -39.13 -24.30 6.89
CA ALA C 207 -39.77 -23.96 5.62
C ALA C 207 -40.73 -22.77 5.72
N THR C 208 -41.20 -22.49 6.94
CA THR C 208 -42.00 -21.30 7.23
C THR C 208 -41.41 -20.04 6.58
N LEU C 209 -40.12 -19.81 6.79
CA LEU C 209 -39.44 -18.66 6.20
C LEU C 209 -39.57 -18.63 4.67
N ALA C 210 -39.54 -19.81 4.05
CA ALA C 210 -39.64 -19.90 2.59
C ALA C 210 -41.08 -19.65 2.13
N ASP C 211 -42.04 -20.11 2.92
CA ASP C 211 -43.45 -19.84 2.67
C ASP C 211 -43.73 -18.34 2.74
N GLU C 212 -43.15 -17.68 3.75
CA GLU C 212 -43.25 -16.22 3.90
C GLU C 212 -42.66 -15.50 2.69
N ALA C 213 -41.44 -15.91 2.30
CA ALA C 213 -40.72 -15.28 1.21
C ALA C 213 -41.50 -15.33 -0.11
N VAL C 214 -42.14 -16.47 -0.36
CA VAL C 214 -42.98 -16.66 -1.56
C VAL C 214 -44.21 -15.74 -1.52
N GLU C 215 -44.84 -15.64 -0.36
CA GLU C 215 -45.94 -14.70 -0.17
C GLU C 215 -45.48 -13.26 -0.44
N GLN C 216 -44.28 -12.92 0.04
CA GLN C 216 -43.74 -11.57 -0.11
C GLN C 216 -43.34 -11.26 -1.56
N MET C 217 -42.77 -12.24 -2.24
CA MET C 217 -42.37 -12.08 -3.64
C MET C 217 -43.60 -11.93 -4.55
N ARG C 218 -44.62 -12.73 -4.29
CA ARG C 218 -45.88 -12.63 -5.02
C ARG C 218 -46.59 -11.32 -4.73
N GLU C 219 -46.37 -10.77 -3.54
CA GLU C 219 -46.91 -9.46 -3.20
C GLU C 219 -46.19 -8.37 -4.02
N MET C 220 -44.90 -8.56 -4.26
CA MET C 220 -44.11 -7.68 -5.12
C MET C 220 -44.43 -7.87 -6.59
N GLY C 221 -45.02 -9.01 -6.91
CA GLY C 221 -45.29 -9.41 -8.29
C GLY C 221 -44.06 -9.92 -9.01
N VAL C 222 -43.15 -10.55 -8.26
CA VAL C 222 -41.91 -11.08 -8.86
C VAL C 222 -41.80 -12.59 -8.75
N THR C 223 -40.94 -13.15 -9.60
CA THR C 223 -40.67 -14.58 -9.63
C THR C 223 -39.15 -14.77 -9.56
N PRO C 224 -38.67 -15.55 -8.56
CA PRO C 224 -37.23 -15.74 -8.45
C PRO C 224 -36.71 -16.66 -9.55
N THR C 225 -35.58 -16.28 -10.14
CA THR C 225 -34.89 -17.15 -11.07
C THR C 225 -33.86 -17.97 -10.31
N HIS C 226 -33.30 -17.36 -9.27
CA HIS C 226 -32.24 -17.96 -8.46
C HIS C 226 -32.55 -17.97 -6.99
N VAL C 227 -31.92 -18.91 -6.27
CA VAL C 227 -31.83 -18.86 -4.82
C VAL C 227 -30.43 -19.33 -4.40
N LEU C 228 -29.82 -18.59 -3.50
CA LEU C 228 -28.56 -19.02 -2.90
C LEU C 228 -28.82 -19.43 -1.47
N LEU C 229 -28.44 -20.66 -1.13
CA LEU C 229 -28.70 -21.20 0.19
C LEU C 229 -27.40 -21.63 0.86
N GLN C 230 -27.13 -21.10 2.04
CA GLN C 230 -25.94 -21.52 2.80
C GLN C 230 -26.13 -22.95 3.27
N ALA C 231 -25.07 -23.73 3.17
CA ALA C 231 -25.16 -25.18 3.34
C ALA C 231 -25.32 -25.61 4.79
N GLY C 232 -24.48 -25.06 5.68
CA GLY C 232 -24.47 -25.45 7.10
C GLY C 232 -24.45 -26.95 7.29
N VAL C 233 -25.37 -27.47 8.10
CA VAL C 233 -25.55 -28.91 8.25
C VAL C 233 -26.52 -29.48 7.21
N GLY C 234 -27.13 -28.60 6.43
CA GLY C 234 -27.99 -29.02 5.33
C GLY C 234 -29.48 -28.99 5.62
N ALA C 235 -29.83 -28.71 6.88
CA ALA C 235 -31.23 -28.71 7.31
C ALA C 235 -32.02 -27.54 6.71
N MET C 236 -31.49 -26.33 6.82
CA MET C 236 -32.11 -25.15 6.22
C MET C 236 -32.21 -25.29 4.70
N ALA C 237 -31.07 -25.56 4.05
CA ALA C 237 -30.99 -25.62 2.59
C ALA C 237 -32.02 -26.60 2.03
N GLY C 238 -31.99 -27.85 2.51
CA GLY C 238 -32.92 -28.88 2.05
C GLY C 238 -34.38 -28.59 2.34
N GLY C 239 -34.66 -28.10 3.54
CA GLY C 239 -36.03 -27.78 3.94
C GLY C 239 -36.61 -26.67 3.09
N VAL C 240 -35.83 -25.59 2.96
CA VAL C 240 -36.23 -24.41 2.19
C VAL C 240 -36.28 -24.74 0.69
N LEU C 241 -35.23 -25.38 0.16
CA LEU C 241 -35.20 -25.78 -1.24
C LEU C 241 -36.34 -26.74 -1.58
N GLY C 242 -36.59 -27.69 -0.68
CA GLY C 242 -37.70 -28.63 -0.81
C GLY C 242 -39.01 -27.90 -1.03
N TYR C 243 -39.25 -26.85 -0.24
CA TYR C 243 -40.45 -26.03 -0.40
C TYR C 243 -40.44 -25.24 -1.70
N LEU C 244 -39.29 -24.65 -2.03
CA LEU C 244 -39.17 -23.77 -3.20
C LEU C 244 -39.34 -24.48 -4.52
N VAL C 245 -38.85 -25.72 -4.62
CA VAL C 245 -38.98 -26.51 -5.85
C VAL C 245 -40.37 -27.10 -5.99
N ASP C 246 -41.08 -27.24 -4.87
CA ASP C 246 -42.48 -27.65 -4.88
C ASP C 246 -43.36 -26.53 -5.42
N VAL C 247 -42.93 -25.29 -5.19
CA VAL C 247 -43.65 -24.10 -5.64
C VAL C 247 -43.35 -23.75 -7.10
N TYR C 248 -42.06 -23.74 -7.44
CA TYR C 248 -41.62 -23.25 -8.75
C TYR C 248 -41.15 -24.34 -9.72
N SER C 249 -41.03 -25.58 -9.21
CA SER C 249 -40.42 -26.71 -9.94
C SER C 249 -38.89 -26.62 -9.94
N PRO C 250 -38.19 -27.76 -9.74
CA PRO C 250 -36.72 -27.76 -9.67
C PRO C 250 -36.05 -27.28 -10.94
N GLN C 251 -36.78 -27.35 -12.06
CA GLN C 251 -36.27 -26.96 -13.37
C GLN C 251 -36.20 -25.44 -13.57
N ASN C 252 -37.20 -24.73 -13.04
CA ASN C 252 -37.33 -23.28 -13.26
C ASN C 252 -36.72 -22.46 -12.13
N LEU C 253 -35.97 -23.12 -11.26
CA LEU C 253 -35.32 -22.45 -10.15
C LEU C 253 -33.84 -22.84 -10.14
N HIS C 254 -32.98 -21.85 -10.38
CA HIS C 254 -31.54 -22.03 -10.34
C HIS C 254 -31.05 -21.88 -8.93
N SER C 255 -31.00 -23.01 -8.21
CA SER C 255 -30.56 -23.03 -6.83
C SER C 255 -29.05 -23.22 -6.69
N ILE C 256 -28.45 -22.41 -5.81
CA ILE C 256 -27.03 -22.48 -5.56
C ILE C 256 -26.77 -22.71 -4.07
N ILE C 257 -26.20 -23.88 -3.76
CA ILE C 257 -25.89 -24.26 -2.39
C ILE C 257 -24.45 -23.83 -2.10
N VAL C 258 -24.31 -22.96 -1.10
CA VAL C 258 -23.03 -22.36 -0.78
C VAL C 258 -22.43 -22.98 0.47
N GLU C 259 -21.23 -23.53 0.34
CA GLU C 259 -20.54 -24.17 1.45
C GLU C 259 -19.24 -23.45 1.79
N PRO C 260 -19.21 -22.72 2.91
CA PRO C 260 -17.98 -22.08 3.36
C PRO C 260 -16.99 -23.09 3.93
N ASP C 261 -15.71 -22.71 3.97
CA ASP C 261 -14.66 -23.56 4.52
C ASP C 261 -14.72 -23.55 6.05
N PRO C 294 -23.25 -35.72 7.93
CA PRO C 294 -24.00 -34.48 8.12
C PRO C 294 -25.51 -34.74 8.32
N ASN C 295 -26.33 -34.25 7.39
CA ASN C 295 -27.77 -34.45 7.42
C ASN C 295 -28.25 -35.11 6.12
N PRO C 296 -28.46 -36.44 6.16
CA PRO C 296 -28.93 -37.21 5.00
C PRO C 296 -30.31 -36.78 4.48
N LEU C 297 -31.18 -36.34 5.40
CA LEU C 297 -32.52 -35.87 5.04
C LEU C 297 -32.48 -34.62 4.19
N GLY C 298 -31.69 -33.65 4.61
CA GLY C 298 -31.51 -32.41 3.87
C GLY C 298 -30.73 -32.63 2.60
N TRP C 299 -29.70 -33.46 2.68
CA TRP C 299 -28.78 -33.67 1.55
C TRP C 299 -29.35 -34.48 0.41
N GLU C 300 -30.40 -35.26 0.65
CA GLU C 300 -31.05 -35.99 -0.42
C GLU C 300 -31.83 -35.02 -1.32
N ILE C 301 -32.49 -34.04 -0.71
CA ILE C 301 -33.21 -33.01 -1.46
C ILE C 301 -32.24 -32.18 -2.29
N LEU C 302 -31.08 -31.91 -1.72
CA LEU C 302 -30.04 -31.14 -2.39
C LEU C 302 -29.46 -31.93 -3.56
N ARG C 303 -29.14 -33.20 -3.34
CA ARG C 303 -28.65 -34.06 -4.42
C ARG C 303 -29.67 -34.14 -5.56
N ASN C 304 -30.95 -34.23 -5.19
CA ASN C 304 -32.04 -34.31 -6.17
C ASN C 304 -32.26 -33.02 -6.96
N CYS C 305 -32.36 -31.89 -6.26
CA CYS C 305 -32.94 -30.67 -6.83
C CYS C 305 -32.03 -29.44 -6.99
N ALA C 306 -30.84 -29.48 -6.40
CA ALA C 306 -29.92 -28.34 -6.50
C ALA C 306 -29.30 -28.26 -7.89
N THR C 307 -29.10 -27.04 -8.36
CA THR C 307 -28.49 -26.83 -9.68
C THR C 307 -26.98 -26.88 -9.56
N GLN C 308 -26.44 -26.17 -8.57
CA GLN C 308 -25.00 -26.03 -8.40
C GLN C 308 -24.58 -25.91 -6.94
N PHE C 309 -23.37 -26.38 -6.67
CA PHE C 309 -22.74 -26.22 -5.36
C PHE C 309 -21.52 -25.32 -5.50
N ILE C 310 -21.38 -24.43 -4.52
CA ILE C 310 -20.23 -23.55 -4.43
C ILE C 310 -19.43 -23.85 -3.16
N SER C 311 -18.13 -24.00 -3.32
CA SER C 311 -17.21 -24.04 -2.19
C SER C 311 -16.51 -22.69 -2.12
N CYS C 312 -16.68 -21.99 -0.99
CA CYS C 312 -16.18 -20.64 -0.90
C CYS C 312 -15.21 -20.39 0.26
N GLN C 313 -14.39 -19.37 0.07
CA GLN C 313 -13.42 -18.90 1.06
C GLN C 313 -14.13 -18.23 2.23
N ASP C 314 -13.49 -18.29 3.40
CA ASP C 314 -13.96 -17.59 4.61
C ASP C 314 -14.28 -16.11 4.42
N SER C 315 -13.38 -15.39 3.75
CA SER C 315 -13.52 -13.95 3.55
C SER C 315 -14.71 -13.57 2.68
N VAL C 316 -15.27 -14.55 1.97
CA VAL C 316 -16.48 -14.36 1.18
C VAL C 316 -17.67 -13.99 2.09
N ALA C 317 -17.80 -14.69 3.21
CA ALA C 317 -18.83 -14.36 4.20
C ALA C 317 -18.58 -12.99 4.82
N ALA C 318 -17.30 -12.66 5.00
CA ALA C 318 -16.89 -11.37 5.58
C ALA C 318 -17.29 -10.22 4.66
N LEU C 319 -17.04 -10.40 3.36
CA LEU C 319 -17.47 -9.46 2.34
C LEU C 319 -18.99 -9.21 2.35
N GLY C 320 -19.77 -10.29 2.46
CA GLY C 320 -21.23 -10.19 2.50
C GLY C 320 -21.72 -9.42 3.72
N MET C 321 -21.07 -9.63 4.85
CA MET C 321 -21.44 -8.92 6.09
C MET C 321 -21.28 -7.41 5.91
N ARG C 322 -20.20 -7.01 5.24
CA ARG C 322 -19.87 -5.61 5.04
C ARG C 322 -20.77 -4.93 4.01
N VAL C 323 -21.09 -5.66 2.93
CA VAL C 323 -21.92 -5.14 1.85
C VAL C 323 -23.34 -4.93 2.34
N LEU C 324 -23.87 -5.92 3.07
CA LEU C 324 -25.20 -5.82 3.65
C LEU C 324 -25.31 -4.76 4.75
N GLY C 325 -24.26 -4.59 5.53
CA GLY C 325 -24.25 -3.66 6.67
C GLY C 325 -23.91 -2.22 6.31
N ASN C 326 -23.28 -2.02 5.15
CA ASN C 326 -23.14 -0.68 4.60
C ASN C 326 -23.59 -0.73 3.15
N PRO C 327 -24.91 -0.58 2.91
CA PRO C 327 -25.51 -0.79 1.60
C PRO C 327 -25.04 0.17 0.52
N TYR C 328 -25.40 -0.13 -0.72
CA TYR C 328 -25.04 0.69 -1.89
C TYR C 328 -26.20 1.59 -2.29
N GLY C 329 -25.89 2.75 -2.85
CA GLY C 329 -26.91 3.71 -3.23
C GLY C 329 -27.87 3.94 -2.07
N ASN C 330 -29.16 3.73 -2.33
CA ASN C 330 -30.20 3.98 -1.30
C ASN C 330 -30.81 2.71 -0.69
N ASP C 331 -30.17 1.56 -0.92
CA ASP C 331 -30.65 0.27 -0.42
C ASP C 331 -30.80 0.26 1.11
N PRO C 332 -31.74 -0.58 1.61
CA PRO C 332 -31.86 -0.75 3.06
C PRO C 332 -30.63 -1.47 3.63
N ARG C 333 -30.36 -1.22 4.91
CA ARG C 333 -29.23 -1.81 5.61
C ARG C 333 -29.67 -3.08 6.34
N ILE C 334 -28.88 -4.14 6.20
CA ILE C 334 -29.15 -5.39 6.90
C ILE C 334 -27.94 -5.82 7.75
N ILE C 335 -28.21 -6.21 8.98
CA ILE C 335 -27.19 -6.72 9.89
C ILE C 335 -27.19 -8.24 9.74
N SER C 336 -26.05 -8.77 9.30
CA SER C 336 -25.94 -10.17 8.95
C SER C 336 -24.63 -10.75 9.47
N GLY C 337 -24.73 -11.82 10.26
CA GLY C 337 -23.57 -12.52 10.82
C GLY C 337 -22.83 -13.35 9.79
N GLU C 338 -21.73 -13.97 10.21
CA GLU C 338 -20.88 -14.77 9.31
C GLU C 338 -21.66 -15.84 8.55
N SER C 339 -22.51 -16.59 9.26
CA SER C 339 -23.34 -17.61 8.64
C SER C 339 -24.50 -17.00 7.84
N GLY C 340 -24.91 -15.79 8.23
CA GLY C 340 -26.04 -15.12 7.57
C GLY C 340 -25.75 -14.63 6.15
N ALA C 341 -24.56 -14.08 5.94
CA ALA C 341 -24.28 -13.23 4.79
C ALA C 341 -23.47 -13.89 3.66
N VAL C 342 -23.16 -15.17 3.80
CA VAL C 342 -22.30 -15.87 2.84
C VAL C 342 -22.95 -16.02 1.44
N GLY C 343 -24.27 -16.10 1.39
CA GLY C 343 -25.00 -16.16 0.12
C GLY C 343 -24.82 -14.87 -0.66
N LEU C 344 -25.08 -13.75 0.00
CA LEU C 344 -24.88 -12.43 -0.57
C LEU C 344 -23.41 -12.17 -0.90
N GLY C 345 -22.53 -12.62 -0.01
CA GLY C 345 -21.09 -12.50 -0.19
C GLY C 345 -20.60 -13.10 -1.50
N VAL C 346 -21.18 -14.23 -1.89
CA VAL C 346 -20.86 -14.88 -3.17
C VAL C 346 -21.20 -13.96 -4.35
N LEU C 347 -22.35 -13.30 -4.28
CA LEU C 347 -22.75 -12.35 -5.32
C LEU C 347 -21.76 -11.19 -5.46
N ALA C 348 -21.30 -10.69 -4.32
CA ALA C 348 -20.30 -9.61 -4.30
C ALA C 348 -18.92 -10.09 -4.77
N ALA C 349 -18.58 -11.33 -4.45
CA ALA C 349 -17.30 -11.89 -4.85
C ALA C 349 -17.27 -12.12 -6.36
N VAL C 350 -18.40 -12.58 -6.91
CA VAL C 350 -18.55 -12.77 -8.36
C VAL C 350 -18.43 -11.43 -9.08
N HIS C 351 -19.12 -10.41 -8.55
CA HIS C 351 -19.13 -9.10 -9.22
C HIS C 351 -17.77 -8.48 -9.36
N TYR C 352 -16.91 -8.71 -8.38
CA TYR C 352 -15.58 -8.11 -8.34
C TYR C 352 -14.46 -8.96 -8.95
N HIS C 353 -14.82 -10.17 -9.37
CA HIS C 353 -13.86 -11.14 -9.87
C HIS C 353 -13.31 -10.73 -11.23
N PRO C 354 -12.03 -11.04 -11.49
CA PRO C 354 -11.51 -10.80 -12.85
C PRO C 354 -12.29 -11.60 -13.90
N GLN C 355 -12.70 -12.82 -13.54
CA GLN C 355 -13.50 -13.69 -14.42
C GLN C 355 -15.00 -13.53 -14.16
N ARG C 356 -15.41 -12.27 -13.95
CA ARG C 356 -16.79 -11.90 -13.68
C ARG C 356 -17.77 -12.39 -14.75
N GLN C 357 -17.40 -12.22 -16.03
CA GLN C 357 -18.27 -12.54 -17.15
C GLN C 357 -18.61 -14.03 -17.18
N SER C 358 -17.57 -14.88 -17.19
CA SER C 358 -17.76 -16.33 -17.21
C SER C 358 -18.45 -16.88 -15.97
N LEU C 359 -18.07 -16.39 -14.79
CA LEU C 359 -18.72 -16.84 -13.55
C LEU C 359 -20.23 -16.56 -13.56
N MET C 360 -20.59 -15.38 -14.06
CA MET C 360 -22.01 -15.03 -14.26
C MET C 360 -22.71 -15.94 -15.26
N GLU C 361 -22.03 -16.24 -16.37
CA GLU C 361 -22.55 -17.19 -17.36
C GLU C 361 -22.80 -18.56 -16.71
N LYS C 362 -21.78 -19.07 -16.02
CA LYS C 362 -21.86 -20.37 -15.34
C LYS C 362 -23.01 -20.42 -14.31
N LEU C 363 -23.25 -19.30 -13.65
CA LEU C 363 -24.32 -19.22 -12.65
C LEU C 363 -25.63 -18.75 -13.27
N ALA C 364 -25.60 -18.52 -14.60
CA ALA C 364 -26.75 -18.00 -15.35
C ALA C 364 -27.30 -16.70 -14.74
N LEU C 365 -26.40 -15.85 -14.25
CA LEU C 365 -26.78 -14.52 -13.76
C LEU C 365 -26.70 -13.48 -14.87
N ASN C 366 -27.79 -12.74 -15.06
CA ASN C 366 -27.87 -11.70 -16.07
C ASN C 366 -28.85 -10.60 -15.66
N LYS C 367 -29.06 -9.63 -16.56
CA LYS C 367 -29.86 -8.44 -16.25
C LYS C 367 -31.33 -8.75 -15.92
N ASP C 368 -31.72 -10.02 -16.05
CA ASP C 368 -33.08 -10.44 -15.79
C ASP C 368 -33.20 -11.28 -14.51
N ALA C 369 -32.07 -11.57 -13.87
CA ALA C 369 -32.05 -12.49 -12.74
C ALA C 369 -32.66 -11.90 -11.47
N VAL C 370 -33.64 -12.62 -10.92
CA VAL C 370 -34.25 -12.25 -9.65
C VAL C 370 -33.70 -13.21 -8.61
N VAL C 371 -32.86 -12.68 -7.72
CA VAL C 371 -32.07 -13.53 -6.83
C VAL C 371 -32.52 -13.44 -5.37
N LEU C 372 -32.94 -14.59 -4.85
CA LEU C 372 -33.33 -14.71 -3.46
C LEU C 372 -32.12 -15.15 -2.63
N VAL C 373 -31.89 -14.44 -1.54
CA VAL C 373 -30.78 -14.71 -0.63
C VAL C 373 -31.34 -14.75 0.78
N ILE C 374 -30.87 -15.70 1.59
CA ILE C 374 -31.33 -15.82 2.98
C ILE C 374 -30.26 -15.34 3.95
N SER C 375 -30.61 -14.33 4.75
CA SER C 375 -29.75 -13.90 5.85
C SER C 375 -30.22 -14.62 7.11
N THR C 376 -29.59 -15.75 7.39
CA THR C 376 -30.01 -16.67 8.43
C THR C 376 -29.86 -16.14 9.87
N GLU C 377 -28.93 -15.21 10.06
CA GLU C 377 -28.64 -14.64 11.38
C GLU C 377 -28.19 -13.20 11.27
N GLY C 378 -28.48 -12.42 12.32
CA GLY C 378 -27.93 -11.08 12.49
C GLY C 378 -26.58 -11.10 13.18
N ASP C 379 -26.32 -10.09 14.00
CA ASP C 379 -25.06 -10.02 14.77
C ASP C 379 -25.16 -10.77 16.09
N THR C 380 -25.28 -12.09 16.00
CA THR C 380 -25.35 -12.96 17.15
C THR C 380 -24.05 -12.97 17.97
N ASP C 381 -22.93 -12.69 17.31
CA ASP C 381 -21.67 -12.41 17.98
C ASP C 381 -21.24 -10.98 17.64
N VAL C 382 -21.55 -10.06 18.56
CA VAL C 382 -21.34 -8.64 18.37
C VAL C 382 -19.85 -8.28 18.22
N LYS C 383 -18.99 -8.99 18.93
CA LYS C 383 -17.54 -8.77 18.87
C LYS C 383 -17.00 -9.13 17.49
N HIS C 384 -17.37 -10.32 17.00
CA HIS C 384 -16.96 -10.78 15.68
C HIS C 384 -17.53 -9.93 14.59
N TYR C 385 -18.79 -9.50 14.73
CA TYR C 385 -19.44 -8.65 13.74
C TYR C 385 -18.70 -7.33 13.52
N ARG C 386 -18.41 -6.62 14.61
CA ARG C 386 -17.77 -5.31 14.53
C ARG C 386 -16.30 -5.40 14.13
N GLU C 387 -15.69 -6.54 14.36
CA GLU C 387 -14.32 -6.79 13.90
C GLU C 387 -14.30 -6.91 12.38
N VAL C 388 -15.30 -7.58 11.82
CA VAL C 388 -15.46 -7.67 10.37
C VAL C 388 -15.82 -6.29 9.78
N VAL C 389 -16.88 -5.68 10.29
CA VAL C 389 -17.42 -4.47 9.67
C VAL C 389 -16.66 -3.18 9.99
N TRP C 390 -16.00 -3.11 11.13
CA TRP C 390 -15.24 -1.91 11.52
C TRP C 390 -13.74 -2.07 11.41
N GLU C 391 -13.23 -3.23 11.83
CA GLU C 391 -11.77 -3.43 11.89
C GLU C 391 -11.26 -4.00 10.58
N GLY C 392 -12.19 -4.48 9.76
CA GLY C 392 -11.87 -5.07 8.48
C GLY C 392 -11.21 -6.43 8.60
N LYS C 393 -11.56 -7.17 9.65
CA LYS C 393 -11.07 -8.56 9.83
C LYS C 393 -11.54 -9.41 8.65
N HIS C 394 -10.67 -10.33 8.22
CA HIS C 394 -10.88 -11.12 7.01
C HIS C 394 -11.11 -10.21 5.83
N ALA C 395 -10.21 -9.25 5.67
CA ALA C 395 -10.26 -8.32 4.56
C ALA C 395 -10.06 -9.07 3.25
N VAL C 396 -10.54 -8.49 2.15
CA VAL C 396 -10.41 -9.09 0.84
C VAL C 396 -8.94 -9.42 0.53
N ALA C 397 -8.07 -8.46 0.79
CA ALA C 397 -6.63 -8.56 0.50
C ALA C 397 -5.84 -8.64 1.82
N PRO C 398 -4.59 -8.12 1.84
CA PRO C 398 -3.91 -7.91 3.12
C PRO C 398 -3.83 -6.43 3.52
N SER D 2 33.73 -2.49 -21.04
CA SER D 2 32.53 -3.17 -20.47
C SER D 2 32.34 -4.57 -21.06
N VAL D 3 33.12 -4.89 -22.10
CA VAL D 3 33.08 -6.22 -22.71
C VAL D 3 33.92 -7.19 -21.87
N PHE D 4 33.27 -8.21 -21.34
CA PHE D 4 33.93 -9.22 -20.50
C PHE D 4 33.37 -10.62 -20.74
N SER D 5 34.16 -11.62 -20.37
CA SER D 5 33.76 -13.02 -20.54
C SER D 5 33.60 -13.75 -19.21
N LEU D 6 32.38 -14.18 -18.92
CA LEU D 6 32.10 -15.05 -17.80
C LEU D 6 31.69 -16.42 -18.30
N LYS D 7 31.94 -17.44 -17.47
CA LYS D 7 31.59 -18.82 -17.79
C LYS D 7 30.07 -19.00 -17.89
N ILE D 8 29.59 -19.17 -19.12
CA ILE D 8 28.18 -19.47 -19.40
C ILE D 8 28.17 -20.62 -20.40
N ASP D 9 28.35 -21.84 -19.90
CA ASP D 9 28.43 -23.03 -20.74
C ASP D 9 27.05 -23.63 -21.00
N ILE D 10 26.57 -23.45 -22.24
CA ILE D 10 25.23 -23.90 -22.62
C ILE D 10 25.28 -25.26 -23.32
N ALA D 11 24.54 -26.21 -22.77
CA ALA D 11 24.39 -27.53 -23.36
C ALA D 11 22.92 -27.81 -23.68
N ASP D 12 22.65 -28.29 -24.89
CA ASP D 12 21.31 -28.75 -25.24
C ASP D 12 20.97 -29.99 -24.43
N ASN D 13 19.69 -30.14 -24.09
CA ASN D 13 19.24 -31.31 -23.36
C ASN D 13 18.95 -32.49 -24.28
N LYS D 14 19.83 -33.49 -24.21
CA LYS D 14 19.76 -34.68 -25.06
C LYS D 14 18.76 -35.71 -24.52
N PHE D 15 18.29 -35.50 -23.29
CA PHE D 15 17.32 -36.38 -22.65
C PHE D 15 15.89 -35.92 -22.90
N PHE D 16 15.75 -34.77 -23.56
CA PHE D 16 14.45 -34.19 -23.88
C PHE D 16 13.58 -35.16 -24.66
N ASN D 17 12.40 -35.45 -24.10
CA ASN D 17 11.41 -36.31 -24.76
C ASN D 17 10.02 -35.67 -24.76
N GLY D 18 9.84 -34.69 -23.88
CA GLY D 18 8.60 -33.92 -23.81
C GLY D 18 7.45 -34.57 -23.04
N GLU D 19 7.75 -35.63 -22.29
CA GLU D 19 6.74 -36.28 -21.46
C GLU D 19 6.43 -35.43 -20.23
N THR D 20 5.27 -34.79 -20.25
CA THR D 20 4.81 -33.97 -19.14
C THR D 20 4.42 -34.83 -17.94
N SER D 21 4.31 -34.20 -16.77
CA SER D 21 3.92 -34.89 -15.55
C SER D 21 2.52 -34.45 -15.14
N PRO D 22 1.58 -35.42 -15.07
CA PRO D 22 0.23 -35.08 -14.61
C PRO D 22 0.18 -34.83 -13.09
N LEU D 23 1.22 -35.26 -12.39
CA LEU D 23 1.33 -35.09 -10.94
C LEU D 23 1.68 -33.65 -10.58
N PHE D 24 2.38 -32.97 -11.49
CA PHE D 24 2.77 -31.58 -11.30
C PHE D 24 2.23 -30.72 -12.44
N SER D 25 0.91 -30.72 -12.57
CA SER D 25 0.23 -30.04 -13.67
C SER D 25 -0.51 -28.80 -13.18
N GLN D 26 -1.35 -28.26 -14.05
CA GLN D 26 -2.16 -27.07 -13.73
C GLN D 26 -3.11 -27.28 -12.54
N SER D 27 -3.70 -28.48 -12.44
CA SER D 27 -4.72 -28.75 -11.44
C SER D 27 -4.19 -28.77 -10.00
N GLN D 28 -3.08 -29.46 -9.77
CA GLN D 28 -2.51 -29.56 -8.42
C GLN D 28 -1.89 -28.24 -7.95
N ALA D 29 -1.41 -27.44 -8.90
CA ALA D 29 -0.87 -26.12 -8.61
C ALA D 29 -1.97 -25.14 -8.22
N LYS D 30 -3.11 -25.23 -8.91
CA LYS D 30 -4.28 -24.40 -8.61
C LYS D 30 -4.88 -24.73 -7.25
N LEU D 31 -4.82 -26.01 -6.88
CA LEU D 31 -5.21 -26.44 -5.54
C LEU D 31 -4.24 -25.88 -4.48
N ALA D 32 -2.95 -25.88 -4.81
CA ALA D 32 -1.92 -25.33 -3.92
C ALA D 32 -2.09 -23.82 -3.70
N ARG D 33 -2.40 -23.09 -4.76
CA ARG D 33 -2.65 -21.66 -4.66
C ARG D 33 -3.91 -21.38 -3.83
N GLN D 34 -4.94 -22.20 -4.02
CA GLN D 34 -6.20 -22.06 -3.28
C GLN D 34 -6.00 -22.23 -1.77
N PHE D 35 -5.01 -23.04 -1.41
CA PHE D 35 -4.59 -23.16 -0.01
C PHE D 35 -3.91 -21.88 0.47
N HIS D 36 -2.96 -21.36 -0.33
CA HIS D 36 -2.22 -20.15 0.04
C HIS D 36 -3.07 -18.91 0.06
N GLN D 37 -4.13 -18.89 -0.74
CA GLN D 37 -5.08 -17.78 -0.80
C GLN D 37 -5.81 -17.56 0.52
N LYS D 38 -5.94 -18.63 1.31
CA LYS D 38 -6.66 -18.59 2.58
C LYS D 38 -5.78 -18.15 3.75
N ILE D 39 -4.47 -18.03 3.51
CA ILE D 39 -3.55 -17.57 4.55
C ILE D 39 -3.56 -16.04 4.61
N ALA D 40 -3.69 -15.50 5.82
CA ALA D 40 -3.63 -14.06 6.05
C ALA D 40 -2.38 -13.43 5.43
N GLY D 41 -2.56 -12.28 4.79
CA GLY D 41 -1.45 -11.56 4.17
C GLY D 41 -1.05 -12.06 2.79
N TYR D 42 -1.82 -13.01 2.24
CA TYR D 42 -1.54 -13.52 0.90
C TYR D 42 -1.71 -12.44 -0.17
N ARG D 43 -0.79 -12.44 -1.14
CA ARG D 43 -0.84 -11.54 -2.28
C ARG D 43 0.15 -12.06 -3.32
N PRO D 44 -0.29 -12.20 -4.58
CA PRO D 44 0.65 -12.65 -5.61
C PRO D 44 1.90 -11.81 -5.59
N THR D 45 3.04 -12.43 -5.34
CA THR D 45 4.32 -11.73 -5.45
C THR D 45 4.38 -11.01 -6.81
N PRO D 46 5.01 -9.83 -6.84
CA PRO D 46 5.05 -9.03 -8.07
C PRO D 46 5.79 -9.72 -9.22
N LEU D 47 5.34 -9.45 -10.44
CA LEU D 47 6.09 -9.77 -11.65
C LEU D 47 6.44 -8.43 -12.30
N CME D 48 7.70 -8.01 -12.16
CA CME D 48 8.14 -6.71 -12.61
CA CME D 48 8.13 -6.70 -12.62
CB CME D 48 9.20 -6.15 -11.67
CB CME D 48 9.20 -6.11 -11.69
SG CME D 48 8.91 -6.69 -10.01
SG CME D 48 8.66 -6.11 -10.01
SD CME D 48 7.71 -5.26 -9.31
SD CME D 48 8.29 -4.16 -9.66
CE CME D 48 6.33 -5.28 -10.42
CE CME D 48 6.74 -3.93 -10.46
CZ CME D 48 5.20 -4.46 -9.81
CZ CME D 48 5.90 -2.95 -9.64
OH CME D 48 5.57 -4.02 -8.49
OH CME D 48 5.64 -1.76 -10.40
C CME D 48 8.70 -6.81 -14.00
O CME D 48 9.33 -7.81 -14.35
N ALA D 49 8.45 -5.79 -14.82
CA ALA D 49 8.91 -5.75 -16.21
C ALA D 49 10.15 -4.86 -16.36
N LEU D 50 11.28 -5.49 -16.64
CA LEU D 50 12.52 -4.76 -16.86
C LEU D 50 12.63 -4.29 -18.31
N ASP D 51 11.72 -3.39 -18.68
CA ASP D 51 11.60 -2.88 -20.06
C ASP D 51 12.90 -2.27 -20.59
N ASP D 52 13.58 -1.48 -19.77
CA ASP D 52 14.77 -0.76 -20.23
C ASP D 52 15.99 -1.66 -20.30
N LEU D 53 16.01 -2.68 -19.44
CA LEU D 53 17.07 -3.70 -19.49
C LEU D 53 16.89 -4.61 -20.70
N ALA D 54 15.63 -4.96 -20.99
CA ALA D 54 15.29 -5.76 -22.15
C ALA D 54 15.67 -5.03 -23.43
N ASN D 55 15.32 -3.75 -23.51
CA ASN D 55 15.71 -2.89 -24.63
C ASN D 55 17.22 -2.80 -24.77
N LEU D 56 17.92 -2.84 -23.64
CA LEU D 56 19.39 -2.85 -23.63
C LEU D 56 19.92 -4.20 -24.11
N PHE D 57 19.44 -5.27 -23.49
CA PHE D 57 19.89 -6.64 -23.78
C PHE D 57 19.50 -7.14 -25.17
N GLY D 58 18.57 -6.44 -25.81
CA GLY D 58 18.12 -6.77 -27.16
C GLY D 58 16.97 -7.75 -27.25
N VAL D 59 16.23 -7.92 -26.15
CA VAL D 59 15.04 -8.78 -26.14
C VAL D 59 13.77 -7.96 -26.01
N LYS D 60 12.61 -8.59 -26.20
CA LYS D 60 11.33 -7.87 -26.13
C LYS D 60 10.93 -7.55 -24.70
N LYS D 61 10.98 -8.56 -23.82
CA LYS D 61 10.60 -8.40 -22.42
C LYS D 61 11.45 -9.26 -21.49
N ILE D 62 11.93 -8.66 -20.40
CA ILE D 62 12.48 -9.43 -19.28
C ILE D 62 11.55 -9.24 -18.08
N LEU D 63 11.00 -10.35 -17.59
CA LEU D 63 10.03 -10.31 -16.49
C LEU D 63 10.54 -11.11 -15.30
N VAL D 64 10.64 -10.45 -14.15
CA VAL D 64 11.20 -11.05 -12.94
C VAL D 64 10.13 -11.29 -11.88
N LYS D 65 9.91 -12.56 -11.54
CA LYS D 65 9.00 -12.92 -10.46
C LYS D 65 9.72 -12.69 -9.13
N ASP D 66 9.26 -11.70 -8.38
CA ASP D 66 9.97 -11.23 -7.19
C ASP D 66 9.46 -11.89 -5.90
N GLU D 67 10.06 -13.03 -5.57
CA GLU D 67 9.66 -13.83 -4.41
C GLU D 67 10.18 -13.29 -3.08
N SER D 68 10.94 -12.19 -3.12
CA SER D 68 11.37 -11.51 -1.92
C SER D 68 10.14 -10.96 -1.19
N LYS D 69 8.99 -10.95 -1.89
CA LYS D 69 7.75 -10.40 -1.35
C LYS D 69 6.75 -11.47 -0.89
N ARG D 70 7.20 -12.72 -0.75
CA ARG D 70 6.33 -13.81 -0.32
C ARG D 70 6.12 -13.74 1.20
N PHE D 71 4.97 -13.18 1.59
CA PHE D 71 4.68 -12.87 3.00
C PHE D 71 5.87 -12.07 3.57
N GLY D 72 6.34 -12.40 4.76
CA GLY D 72 7.49 -11.69 5.32
C GLY D 72 8.70 -12.61 5.43
N LEU D 73 8.84 -13.53 4.48
CA LEU D 73 9.86 -14.58 4.53
C LEU D 73 11.07 -14.26 3.67
N ASN D 74 10.93 -13.29 2.77
CA ASN D 74 11.99 -12.85 1.86
C ASN D 74 12.43 -13.93 0.86
N ALA D 75 11.62 -14.98 0.73
CA ALA D 75 11.90 -16.12 -0.13
C ALA D 75 10.63 -16.90 -0.46
N PHE D 76 10.68 -17.72 -1.51
CA PHE D 76 9.52 -18.45 -2.02
C PHE D 76 9.14 -19.71 -1.24
N LYS D 77 10.07 -20.23 -0.43
CA LYS D 77 9.99 -21.63 0.02
C LYS D 77 8.79 -22.03 0.89
N MET D 78 8.24 -21.08 1.65
CA MET D 78 7.06 -21.38 2.47
C MET D 78 5.95 -22.00 1.62
N LEU D 79 5.89 -21.64 0.34
CA LEU D 79 4.89 -22.18 -0.58
C LEU D 79 4.89 -23.71 -0.60
N GLY D 80 6.07 -24.29 -0.48
CA GLY D 80 6.22 -25.73 -0.45
C GLY D 80 6.13 -26.30 0.95
N GLY D 81 6.93 -25.76 1.87
CA GLY D 81 6.96 -26.20 3.26
C GLY D 81 5.64 -26.11 3.99
N ALA D 82 4.97 -24.97 3.87
CA ALA D 82 3.68 -24.75 4.54
C ALA D 82 2.58 -25.66 3.99
N TYR D 83 2.59 -25.86 2.67
CA TYR D 83 1.62 -26.72 2.00
C TYR D 83 1.76 -28.16 2.47
N ALA D 84 3.00 -28.67 2.43
CA ALA D 84 3.33 -30.02 2.84
C ALA D 84 2.97 -30.30 4.30
N ILE D 85 3.29 -29.35 5.18
CA ILE D 85 2.95 -29.45 6.60
C ILE D 85 1.43 -29.48 6.79
N ALA D 86 0.72 -28.69 5.98
CA ALA D 86 -0.74 -28.68 6.02
C ALA D 86 -1.33 -30.01 5.55
N GLN D 87 -0.74 -30.56 4.50
CA GLN D 87 -1.15 -31.86 3.95
C GLN D 87 -0.85 -33.00 4.93
N LEU D 88 0.24 -32.89 5.68
CA LEU D 88 0.60 -33.89 6.68
C LEU D 88 -0.42 -33.94 7.81
N LEU D 89 -0.80 -32.77 8.31
CA LEU D 89 -1.74 -32.67 9.42
C LEU D 89 -3.17 -33.00 9.01
N CYS D 90 -3.50 -32.76 7.74
CA CYS D 90 -4.81 -33.14 7.20
C CYS D 90 -4.94 -34.66 7.04
N GLU D 91 -3.81 -35.34 6.84
CA GLU D 91 -3.77 -36.80 6.83
C GLU D 91 -3.90 -37.36 8.25
N LYS D 92 -3.23 -36.72 9.19
CA LYS D 92 -3.21 -37.18 10.58
C LYS D 92 -4.59 -37.07 11.24
N TYR D 93 -5.24 -35.94 11.05
CA TYR D 93 -6.54 -35.67 11.69
C TYR D 93 -7.73 -35.91 10.75
N HIS D 94 -7.47 -36.59 9.64
CA HIS D 94 -8.49 -36.99 8.65
C HIS D 94 -9.33 -35.85 8.14
N LEU D 95 -8.67 -34.73 7.87
CA LEU D 95 -9.34 -33.51 7.42
C LEU D 95 -9.19 -33.33 5.91
N ASP D 96 -10.13 -32.61 5.31
CA ASP D 96 -10.03 -32.25 3.90
C ASP D 96 -9.34 -30.89 3.75
N ILE D 97 -8.17 -30.90 3.11
CA ILE D 97 -7.36 -29.69 2.93
C ILE D 97 -8.06 -28.65 2.05
N GLU D 98 -8.80 -29.15 1.06
CA GLU D 98 -9.50 -28.32 0.08
C GLU D 98 -10.52 -27.38 0.71
N THR D 99 -11.00 -27.73 1.90
CA THR D 99 -12.01 -26.94 2.62
C THR D 99 -11.54 -26.50 4.02
N LEU D 100 -10.22 -26.53 4.25
CA LEU D 100 -9.63 -26.13 5.52
C LEU D 100 -9.01 -24.73 5.42
N SER D 101 -8.51 -24.19 6.55
CA SER D 101 -7.88 -22.87 6.57
C SER D 101 -7.02 -22.63 7.83
N PHE D 102 -7.31 -21.54 8.54
CA PHE D 102 -6.65 -21.26 9.82
C PHE D 102 -7.30 -22.02 10.96
N GLU D 103 -8.54 -22.47 10.74
CA GLU D 103 -9.28 -23.33 11.67
C GLU D 103 -8.60 -24.69 11.81
N HIS D 104 -7.53 -24.86 11.04
CA HIS D 104 -6.71 -26.06 11.05
C HIS D 104 -5.75 -26.03 12.23
N LEU D 105 -5.32 -24.81 12.58
CA LEU D 105 -4.48 -24.59 13.75
C LEU D 105 -5.30 -24.56 15.03
N LYS D 106 -6.57 -24.16 14.90
CA LYS D 106 -7.48 -24.02 16.04
C LYS D 106 -7.95 -25.37 16.57
N ASN D 107 -7.95 -26.39 15.71
CA ASN D 107 -8.38 -27.73 16.08
C ASN D 107 -7.30 -28.80 15.83
N ALA D 108 -6.49 -29.06 16.85
CA ALA D 108 -5.46 -30.09 16.81
C ALA D 108 -5.30 -30.73 18.19
N ILE D 109 -5.04 -32.04 18.21
CA ILE D 109 -4.89 -32.79 19.46
C ILE D 109 -3.44 -32.90 19.91
N GLY D 110 -3.22 -32.70 21.21
CA GLY D 110 -1.88 -32.79 21.80
C GLY D 110 -1.51 -34.22 22.12
N LYS D 112 -0.09 -31.45 19.13
CA LYS D 112 1.12 -30.65 19.32
C LYS D 112 2.33 -31.31 18.66
N MET D 113 2.28 -31.42 17.33
CA MET D 113 3.31 -32.11 16.55
C MET D 113 4.60 -31.30 16.45
N THR D 114 5.70 -31.99 16.16
CA THR D 114 7.01 -31.35 15.98
C THR D 114 7.57 -31.67 14.60
N PHE D 115 7.88 -30.62 13.85
CA PHE D 115 8.42 -30.74 12.49
C PHE D 115 9.91 -30.40 12.48
N ALA D 116 10.71 -31.28 11.89
CA ALA D 116 12.16 -31.15 11.90
C ALA D 116 12.74 -31.19 10.50
N THR D 117 13.74 -30.35 10.24
CA THR D 117 14.39 -30.31 8.92
C THR D 117 15.81 -29.74 8.95
N THR D 118 16.56 -30.01 7.88
CA THR D 118 17.88 -29.41 7.65
C THR D 118 17.73 -28.37 6.53
N THR D 119 18.46 -27.27 6.65
CA THR D 119 18.38 -26.19 5.67
C THR D 119 19.68 -25.39 5.54
N ASP D 120 19.88 -24.80 4.37
CA ASP D 120 20.91 -23.79 4.14
C ASP D 120 20.38 -22.40 4.50
N GLY D 121 19.05 -22.33 4.70
CA GLY D 121 18.42 -21.10 5.17
C GLY D 121 16.92 -21.03 4.96
N ASN D 122 16.52 -20.98 3.68
CA ASN D 122 15.13 -20.67 3.31
C ASN D 122 14.10 -21.74 3.67
N HIS D 123 14.41 -22.98 3.35
CA HIS D 123 13.49 -24.10 3.57
C HIS D 123 13.09 -24.29 5.02
N GLY D 124 14.06 -24.19 5.91
CA GLY D 124 13.81 -24.30 7.35
C GLY D 124 12.99 -23.15 7.91
N ARG D 125 13.20 -21.95 7.36
CA ARG D 125 12.45 -20.77 7.77
C ARG D 125 10.97 -20.91 7.39
N GLY D 126 10.71 -21.45 6.21
CA GLY D 126 9.35 -21.76 5.78
C GLY D 126 8.69 -22.80 6.67
N VAL D 127 9.46 -23.82 7.05
CA VAL D 127 8.99 -24.88 7.94
C VAL D 127 8.73 -24.35 9.36
N ALA D 128 9.62 -23.50 9.86
CA ALA D 128 9.47 -22.89 11.18
C ALA D 128 8.29 -21.91 11.20
N TRP D 129 8.10 -21.20 10.10
CA TRP D 129 7.00 -20.25 9.95
C TRP D 129 5.67 -20.96 9.99
N ALA D 130 5.58 -22.09 9.30
CA ALA D 130 4.37 -22.89 9.26
C ALA D 130 4.01 -23.46 10.63
N ALA D 131 5.02 -23.91 11.37
CA ALA D 131 4.81 -24.44 12.72
C ALA D 131 4.23 -23.39 13.67
N GLN D 132 4.80 -22.19 13.61
CA GLN D 132 4.36 -21.05 14.43
C GLN D 132 2.91 -20.71 14.14
N GLN D 133 2.56 -20.63 12.85
CA GLN D 133 1.20 -20.32 12.43
C GLN D 133 0.18 -21.34 12.93
N LEU D 134 0.61 -22.60 13.02
CA LEU D 134 -0.27 -23.71 13.36
C LEU D 134 -0.08 -24.19 14.80
N GLY D 135 0.56 -23.35 15.62
CA GLY D 135 0.77 -23.63 17.04
C GLY D 135 1.71 -24.77 17.33
N GLN D 136 2.20 -25.43 16.29
CA GLN D 136 3.09 -26.58 16.41
C GLN D 136 4.54 -26.17 16.73
N ASN D 137 5.40 -27.17 16.94
CA ASN D 137 6.80 -26.97 17.24
C ASN D 137 7.70 -27.28 16.04
N ALA D 138 8.87 -26.66 16.01
CA ALA D 138 9.85 -26.91 14.95
C ALA D 138 11.27 -26.92 15.50
N VAL D 139 12.06 -27.87 15.03
CA VAL D 139 13.50 -27.90 15.32
C VAL D 139 14.28 -27.96 14.01
N ILE D 140 15.10 -26.93 13.77
CA ILE D 140 15.77 -26.76 12.49
C ILE D 140 17.28 -26.95 12.64
N TYR D 141 17.84 -27.80 11.78
CA TYR D 141 19.27 -28.08 11.80
C TYR D 141 19.96 -27.37 10.64
N MET D 142 21.13 -26.79 10.93
CA MET D 142 21.93 -26.09 9.92
C MET D 142 23.39 -26.49 10.03
N PRO D 143 24.07 -26.67 8.88
CA PRO D 143 25.50 -27.04 8.87
C PRO D 143 26.42 -25.88 9.24
N LYS D 144 27.71 -26.17 9.37
CA LYS D 144 28.71 -25.16 9.74
C LYS D 144 28.87 -24.09 8.65
N GLY D 145 29.15 -22.86 9.07
CA GLY D 145 29.30 -21.74 8.14
C GLY D 145 28.02 -21.01 7.80
N SER D 146 26.87 -21.57 8.21
CA SER D 146 25.56 -20.95 7.99
C SER D 146 25.51 -19.57 8.65
N ALA D 147 25.09 -18.57 7.87
CA ALA D 147 25.02 -17.19 8.34
C ALA D 147 24.12 -17.06 9.57
N GLN D 148 24.63 -16.36 10.58
CA GLN D 148 23.94 -16.18 11.85
C GLN D 148 22.58 -15.51 11.65
N GLU D 149 22.48 -14.64 10.64
CA GLU D 149 21.23 -13.96 10.34
C GLU D 149 20.11 -14.95 10.00
N ARG D 150 20.45 -15.97 9.22
CA ARG D 150 19.50 -17.02 8.83
C ARG D 150 19.12 -17.89 10.01
N VAL D 151 20.07 -18.12 10.92
CA VAL D 151 19.81 -18.80 12.17
C VAL D 151 18.84 -17.98 13.02
N ASP D 152 19.12 -16.68 13.13
CA ASP D 152 18.31 -15.75 13.91
C ASP D 152 16.87 -15.67 13.41
N ALA D 153 16.70 -15.67 12.08
CA ALA D 153 15.36 -15.60 11.47
C ALA D 153 14.51 -16.80 11.87
N ILE D 154 15.15 -17.95 12.00
CA ILE D 154 14.47 -19.18 12.42
C ILE D 154 14.13 -19.11 13.90
N LEU D 155 15.09 -18.66 14.71
CA LEU D 155 14.88 -18.48 16.16
C LEU D 155 13.78 -17.45 16.46
N ASN D 156 13.66 -16.44 15.62
CA ASN D 156 12.64 -15.40 15.80
C ASN D 156 11.23 -15.89 15.47
N LEU D 157 11.14 -17.04 14.82
CA LEU D 157 9.86 -17.69 14.52
C LEU D 157 9.40 -18.63 15.65
N GLY D 158 10.21 -18.72 16.71
CA GLY D 158 9.89 -19.53 17.88
C GLY D 158 10.42 -20.96 17.81
N ALA D 159 11.14 -21.27 16.73
CA ALA D 159 11.70 -22.60 16.54
C ALA D 159 13.05 -22.76 17.22
N GLU D 160 13.42 -24.00 17.51
CA GLU D 160 14.78 -24.32 17.93
C GLU D 160 15.66 -24.38 16.69
N CYS D 161 16.82 -23.75 16.75
CA CYS D 161 17.76 -23.80 15.64
C CYS D 161 19.15 -24.23 16.09
N ILE D 162 19.61 -25.36 15.54
CA ILE D 162 20.87 -25.96 15.94
C ILE D 162 21.89 -25.87 14.79
N VAL D 163 23.02 -25.23 15.08
CA VAL D 163 24.12 -25.10 14.12
C VAL D 163 25.22 -26.09 14.48
N THR D 164 25.47 -27.05 13.59
CA THR D 164 26.45 -28.12 13.83
C THR D 164 27.82 -27.78 13.26
N ASP D 165 28.80 -28.66 13.51
CA ASP D 165 30.15 -28.53 12.97
C ASP D 165 30.34 -29.41 11.72
N MET D 166 29.28 -30.13 11.35
CA MET D 166 29.30 -31.03 10.22
C MET D 166 28.78 -30.36 8.96
N ASN D 167 29.09 -30.94 7.80
CA ASN D 167 28.59 -30.44 6.52
C ASN D 167 27.11 -30.77 6.29
N TYR D 168 26.53 -30.24 5.21
CA TYR D 168 25.10 -30.36 4.94
C TYR D 168 24.56 -31.80 4.99
N ASP D 169 25.16 -32.69 4.22
CA ASP D 169 24.70 -34.09 4.11
C ASP D 169 24.78 -34.85 5.43
N ASP D 170 25.82 -34.57 6.21
CA ASP D 170 25.99 -35.17 7.53
C ASP D 170 25.02 -34.57 8.56
N THR D 171 24.66 -33.31 8.38
CA THR D 171 23.66 -32.64 9.21
C THR D 171 22.26 -33.18 8.90
N VAL D 172 22.04 -33.55 7.64
CA VAL D 172 20.80 -34.19 7.20
C VAL D 172 20.67 -35.61 7.77
N ARG D 173 21.82 -36.26 7.97
CA ARG D 173 21.86 -37.58 8.60
C ARG D 173 21.68 -37.48 10.11
N LEU D 174 22.05 -36.33 10.68
CA LEU D 174 21.86 -36.07 12.10
C LEU D 174 20.40 -35.72 12.41
N THR D 175 19.72 -35.10 11.44
CA THR D 175 18.31 -34.71 11.59
C THR D 175 17.40 -35.94 11.57
N MET D 176 17.71 -36.90 10.69
CA MET D 176 16.98 -38.16 10.61
C MET D 176 17.17 -39.02 11.86
N GLN D 177 18.35 -38.90 12.49
CA GLN D 177 18.69 -39.64 13.69
C GLN D 177 17.79 -39.26 14.87
N HIS D 178 17.66 -37.97 15.12
CA HIS D 178 16.83 -37.45 16.22
C HIS D 178 15.37 -37.67 15.97
N ALA D 179 14.99 -37.70 14.69
CA ALA D 179 13.59 -37.84 14.28
C ALA D 179 12.99 -39.21 14.60
N GLN D 180 13.76 -40.27 14.36
CA GLN D 180 13.35 -41.64 14.68
C GLN D 180 13.39 -41.87 16.18
N GLN D 181 14.31 -41.19 16.86
CA GLN D 181 14.50 -41.31 18.31
C GLN D 181 13.38 -40.60 19.08
N HIS D 182 13.19 -39.32 18.80
CA HIS D 182 12.22 -38.50 19.54
C HIS D 182 10.84 -38.52 18.95
N GLY D 183 10.68 -39.17 17.80
CA GLY D 183 9.39 -39.24 17.11
C GLY D 183 9.03 -37.92 16.44
N TRP D 184 9.96 -37.38 15.68
CA TRP D 184 9.74 -36.12 14.96
C TRP D 184 9.43 -36.31 13.51
N GLU D 185 8.57 -35.45 12.98
CA GLU D 185 8.17 -35.51 11.58
C GLU D 185 9.15 -34.78 10.67
N VAL D 186 9.91 -35.56 9.90
CA VAL D 186 10.90 -35.02 8.95
C VAL D 186 10.18 -34.33 7.81
N VAL D 187 10.51 -33.05 7.57
CA VAL D 187 9.93 -32.29 6.48
C VAL D 187 11.05 -31.74 5.59
N GLN D 188 11.59 -32.62 4.73
CA GLN D 188 12.68 -32.25 3.82
C GLN D 188 12.19 -31.97 2.41
N ASP D 189 12.94 -31.13 1.70
CA ASP D 189 12.64 -30.74 0.32
C ASP D 189 13.36 -31.62 -0.71
N THR D 190 14.09 -32.61 -0.21
CA THR D 190 14.73 -33.61 -1.06
C THR D 190 14.08 -34.98 -0.85
N ALA D 191 14.11 -35.82 -1.89
CA ALA D 191 13.43 -37.11 -1.86
C ALA D 191 14.41 -38.29 -1.88
N TRP D 192 14.03 -39.36 -1.18
CA TRP D 192 14.79 -40.61 -1.19
C TRP D 192 13.88 -41.81 -1.05
N GLU D 193 14.50 -43.01 -1.00
CA GLU D 193 13.79 -44.27 -0.84
C GLU D 193 12.87 -44.27 0.38
N GLY D 194 11.56 -44.36 0.13
CA GLY D 194 10.55 -44.39 1.20
C GLY D 194 10.10 -43.04 1.68
N TYR D 195 10.63 -41.98 1.06
CA TYR D 195 10.31 -40.60 1.44
C TYR D 195 10.09 -39.75 0.19
N THR D 196 8.86 -39.78 -0.31
CA THR D 196 8.50 -39.15 -1.58
C THR D 196 7.25 -38.27 -1.45
N LYS D 197 6.40 -38.60 -0.49
CA LYS D 197 5.13 -37.89 -0.27
C LYS D 197 5.31 -36.39 0.01
N ILE D 198 6.10 -36.07 1.04
CA ILE D 198 6.37 -34.68 1.43
C ILE D 198 7.08 -33.87 0.32
N PRO D 199 8.19 -34.38 -0.22
CA PRO D 199 8.86 -33.63 -1.30
C PRO D 199 7.93 -33.33 -2.49
N THR D 200 7.02 -34.25 -2.79
CA THR D 200 6.03 -34.08 -3.87
C THR D 200 5.09 -32.91 -3.58
N TRP D 201 4.61 -32.84 -2.34
CA TRP D 201 3.76 -31.74 -1.89
C TRP D 201 4.46 -30.42 -1.97
N ILE D 202 5.74 -30.42 -1.59
CA ILE D 202 6.57 -29.23 -1.61
C ILE D 202 6.70 -28.67 -3.03
N MET D 203 6.99 -29.56 -3.97
CA MET D 203 7.07 -29.19 -5.39
C MET D 203 5.74 -28.64 -5.90
N GLN D 204 4.64 -29.29 -5.52
CA GLN D 204 3.31 -28.82 -5.89
C GLN D 204 3.01 -27.45 -5.31
N GLY D 205 3.46 -27.23 -4.07
CA GLY D 205 3.34 -25.93 -3.41
C GLY D 205 4.10 -24.85 -4.17
N TYR D 206 5.34 -25.15 -4.53
CA TYR D 206 6.19 -24.24 -5.31
C TYR D 206 5.50 -23.78 -6.59
N ALA D 207 4.68 -24.65 -7.16
CA ALA D 207 3.96 -24.38 -8.40
C ALA D 207 3.04 -23.15 -8.33
N THR D 208 2.61 -22.81 -7.12
CA THR D 208 1.81 -21.60 -6.87
C THR D 208 2.39 -20.35 -7.52
N LEU D 209 3.69 -20.13 -7.35
CA LEU D 209 4.35 -18.95 -7.93
C LEU D 209 4.20 -18.94 -9.46
N ALA D 210 4.24 -20.12 -10.07
CA ALA D 210 4.18 -20.24 -11.54
C ALA D 210 2.76 -19.96 -12.04
N ASP D 211 1.79 -20.42 -11.26
CA ASP D 211 0.37 -20.15 -11.52
C ASP D 211 0.12 -18.65 -11.46
N GLU D 212 0.72 -18.00 -10.47
CA GLU D 212 0.63 -16.55 -10.32
C GLU D 212 1.23 -15.83 -11.53
N ALA D 213 2.45 -16.21 -11.90
CA ALA D 213 3.17 -15.59 -13.01
C ALA D 213 2.44 -15.75 -14.35
N VAL D 214 1.88 -16.93 -14.57
CA VAL D 214 1.12 -17.22 -15.79
C VAL D 214 -0.11 -16.33 -15.89
N GLU D 215 -0.77 -16.10 -14.76
CA GLU D 215 -1.90 -15.18 -14.70
C GLU D 215 -1.43 -13.78 -15.03
N GLN D 216 -0.31 -13.37 -14.44
CA GLN D 216 0.23 -12.03 -14.58
C GLN D 216 0.69 -11.72 -16.01
N MET D 217 1.33 -12.70 -16.65
CA MET D 217 1.72 -12.57 -18.05
C MET D 217 0.49 -12.46 -18.97
N ARG D 218 -0.59 -13.16 -18.60
CA ARG D 218 -1.84 -13.10 -19.36
C ARG D 218 -2.58 -11.78 -19.15
N GLU D 219 -2.46 -11.22 -17.95
CA GLU D 219 -2.98 -9.87 -17.67
C GLU D 219 -2.18 -8.83 -18.45
N MET D 220 -0.88 -9.09 -18.60
CA MET D 220 0.01 -8.24 -19.40
C MET D 220 -0.12 -8.52 -20.89
N GLY D 221 -0.89 -9.57 -21.22
CA GLY D 221 -1.11 -9.97 -22.61
C GLY D 221 0.16 -10.40 -23.33
N VAL D 222 1.06 -11.06 -22.60
CA VAL D 222 2.30 -11.57 -23.17
C VAL D 222 2.41 -13.08 -23.06
N THR D 223 3.30 -13.66 -23.87
CA THR D 223 3.56 -15.10 -23.87
C THR D 223 5.06 -15.31 -23.71
N PRO D 224 5.47 -16.11 -22.72
CA PRO D 224 6.90 -16.35 -22.52
C PRO D 224 7.48 -17.30 -23.56
N THR D 225 8.52 -16.86 -24.24
CA THR D 225 9.27 -17.72 -25.15
C THR D 225 10.32 -18.47 -24.35
N HIS D 226 10.77 -17.86 -23.26
CA HIS D 226 11.86 -18.37 -22.44
C HIS D 226 11.55 -18.33 -20.97
N VAL D 227 12.13 -19.28 -20.24
CA VAL D 227 12.18 -19.22 -18.78
C VAL D 227 13.54 -19.73 -18.28
N LEU D 228 14.13 -18.98 -17.36
CA LEU D 228 15.35 -19.42 -16.69
C LEU D 228 15.06 -19.79 -15.25
N LEU D 229 15.47 -21.00 -14.88
CA LEU D 229 15.22 -21.52 -13.55
C LEU D 229 16.50 -21.98 -12.88
N GLN D 230 16.74 -21.45 -11.68
CA GLN D 230 17.82 -21.89 -10.81
C GLN D 230 17.67 -23.38 -10.53
N ALA D 231 18.79 -24.09 -10.58
CA ALA D 231 18.76 -25.55 -10.44
C ALA D 231 18.57 -26.01 -9.00
N GLY D 232 19.26 -25.33 -8.07
CA GLY D 232 19.19 -25.68 -6.65
C GLY D 232 19.33 -27.17 -6.41
N VAL D 233 18.22 -27.80 -6.02
CA VAL D 233 18.17 -29.26 -5.90
C VAL D 233 17.27 -29.86 -6.98
N GLY D 234 16.48 -29.00 -7.61
CA GLY D 234 15.55 -29.44 -8.66
C GLY D 234 14.10 -29.35 -8.26
N ALA D 235 13.84 -29.08 -6.98
CA ALA D 235 12.47 -29.03 -6.45
C ALA D 235 11.70 -27.84 -7.02
N MET D 236 12.27 -26.64 -6.93
CA MET D 236 11.69 -25.44 -7.54
C MET D 236 11.59 -25.58 -9.05
N ALA D 237 12.73 -25.82 -9.71
CA ALA D 237 12.81 -25.91 -11.17
C ALA D 237 11.88 -26.97 -11.76
N GLY D 238 11.86 -28.14 -11.13
CA GLY D 238 11.00 -29.24 -11.57
C GLY D 238 9.52 -28.95 -11.42
N GLY D 239 9.15 -28.41 -10.26
CA GLY D 239 7.75 -28.10 -9.96
C GLY D 239 7.22 -26.98 -10.84
N VAL D 240 8.00 -25.91 -10.94
CA VAL D 240 7.64 -24.75 -11.75
C VAL D 240 7.62 -25.09 -13.25
N LEU D 241 8.66 -25.78 -13.73
CA LEU D 241 8.72 -26.20 -15.13
C LEU D 241 7.61 -27.20 -15.46
N GLY D 242 7.38 -28.14 -14.55
CA GLY D 242 6.28 -29.09 -14.67
C GLY D 242 4.95 -28.38 -14.92
N TYR D 243 4.71 -27.30 -14.17
CA TYR D 243 3.53 -26.47 -14.36
C TYR D 243 3.60 -25.74 -15.70
N LEU D 244 4.70 -25.06 -15.95
CA LEU D 244 4.86 -24.21 -17.13
C LEU D 244 4.72 -24.97 -18.46
N VAL D 245 5.21 -26.21 -18.49
CA VAL D 245 5.15 -27.03 -19.71
C VAL D 245 3.76 -27.64 -19.92
N ASP D 246 3.02 -27.78 -18.82
CA ASP D 246 1.63 -28.23 -18.88
C ASP D 246 0.76 -27.14 -19.49
N VAL D 247 1.19 -25.89 -19.37
CA VAL D 247 0.46 -24.72 -19.86
C VAL D 247 0.87 -24.35 -21.30
N TYR D 248 2.17 -24.33 -21.55
CA TYR D 248 2.70 -23.83 -22.82
C TYR D 248 3.17 -24.92 -23.78
N SER D 249 3.24 -26.15 -23.29
CA SER D 249 3.90 -27.29 -23.97
C SER D 249 5.43 -27.12 -23.94
N PRO D 250 6.18 -28.22 -23.72
CA PRO D 250 7.65 -28.14 -23.68
C PRO D 250 8.26 -27.70 -25.01
N GLN D 251 7.49 -27.82 -26.10
CA GLN D 251 7.95 -27.47 -27.44
C GLN D 251 7.98 -25.96 -27.69
N ASN D 252 7.01 -25.25 -27.12
CA ASN D 252 6.87 -23.81 -27.31
C ASN D 252 7.52 -22.98 -26.21
N LEU D 253 8.12 -23.66 -25.24
CA LEU D 253 8.73 -23.00 -24.10
C LEU D 253 10.20 -23.39 -23.97
N HIS D 254 11.05 -22.47 -24.40
CA HIS D 254 12.51 -22.63 -24.35
C HIS D 254 12.97 -22.42 -22.94
N SER D 255 13.02 -23.50 -22.17
CA SER D 255 13.42 -23.45 -20.77
C SER D 255 14.92 -23.66 -20.60
N ILE D 256 15.53 -22.82 -19.76
CA ILE D 256 16.95 -22.87 -19.49
C ILE D 256 17.19 -23.08 -18.01
N ILE D 257 17.73 -24.24 -17.66
CA ILE D 257 18.05 -24.55 -16.27
C ILE D 257 19.47 -24.08 -15.97
N VAL D 258 19.58 -23.15 -15.02
CA VAL D 258 20.86 -22.53 -14.64
C VAL D 258 21.40 -23.14 -13.35
N GLU D 259 22.62 -23.67 -13.43
CA GLU D 259 23.27 -24.30 -12.29
C GLU D 259 24.66 -23.70 -12.07
N PRO D 260 24.82 -22.92 -10.98
CA PRO D 260 26.13 -22.31 -10.67
C PRO D 260 27.12 -23.33 -10.10
N ASP D 261 28.41 -23.04 -10.24
CA ASP D 261 29.47 -23.90 -9.72
C ASP D 261 29.46 -23.94 -8.19
N PRO D 294 20.65 -34.03 -5.19
CA PRO D 294 19.64 -33.80 -6.22
C PRO D 294 18.27 -34.38 -5.87
N ASN D 295 17.23 -33.83 -6.48
CA ASN D 295 15.86 -34.28 -6.27
C ASN D 295 15.35 -35.06 -7.49
N PRO D 296 15.26 -36.42 -7.37
CA PRO D 296 14.87 -37.31 -8.46
C PRO D 296 13.49 -37.02 -9.04
N LEU D 297 12.57 -36.51 -8.22
CA LEU D 297 11.24 -36.09 -8.69
C LEU D 297 11.36 -34.89 -9.62
N GLY D 298 12.10 -33.87 -9.18
CA GLY D 298 12.31 -32.66 -9.95
C GLY D 298 13.11 -32.93 -11.21
N TRP D 299 14.25 -33.60 -11.04
CA TRP D 299 15.14 -33.90 -12.16
C TRP D 299 14.50 -34.73 -13.26
N GLU D 300 13.56 -35.59 -12.88
CA GLU D 300 12.78 -36.35 -13.85
C GLU D 300 12.07 -35.41 -14.84
N ILE D 301 11.44 -34.36 -14.30
CA ILE D 301 10.74 -33.35 -15.11
C ILE D 301 11.72 -32.52 -15.94
N LEU D 302 12.89 -32.23 -15.36
CA LEU D 302 13.91 -31.45 -16.06
C LEU D 302 14.54 -32.24 -17.20
N ARG D 303 14.93 -33.49 -16.94
CA ARG D 303 15.47 -34.37 -17.98
C ARG D 303 14.49 -34.53 -19.14
N ASN D 304 13.19 -34.60 -18.81
CA ASN D 304 12.14 -34.79 -19.79
C ASN D 304 11.83 -33.56 -20.65
N CYS D 305 11.83 -32.39 -20.03
CA CYS D 305 11.23 -31.20 -20.63
C CYS D 305 12.13 -29.96 -20.76
N ALA D 306 13.21 -29.90 -19.99
CA ALA D 306 14.13 -28.76 -20.06
C ALA D 306 14.76 -28.68 -21.44
N THR D 307 14.86 -27.47 -21.99
CA THR D 307 15.40 -27.27 -23.32
C THR D 307 16.93 -27.23 -23.32
N GLN D 308 17.49 -26.42 -22.43
CA GLN D 308 18.94 -26.28 -22.31
C GLN D 308 19.41 -26.19 -20.86
N PHE D 309 20.68 -26.54 -20.64
CA PHE D 309 21.31 -26.41 -19.33
C PHE D 309 22.48 -25.45 -19.41
N ILE D 310 22.65 -24.66 -18.36
CA ILE D 310 23.76 -23.72 -18.27
C ILE D 310 24.56 -23.95 -16.98
N SER D 311 25.88 -24.03 -17.14
CA SER D 311 26.80 -24.07 -16.01
C SER D 311 27.53 -22.74 -15.94
N CYS D 312 27.29 -21.99 -14.87
CA CYS D 312 27.83 -20.64 -14.75
C CYS D 312 28.74 -20.45 -13.53
N GLN D 313 29.41 -19.30 -13.53
CA GLN D 313 30.39 -18.92 -12.52
C GLN D 313 29.69 -18.36 -11.29
N ASP D 314 30.41 -18.29 -10.16
CA ASP D 314 29.91 -17.62 -8.95
C ASP D 314 29.64 -16.14 -9.22
N SER D 315 30.51 -15.53 -10.00
CA SER D 315 30.45 -14.11 -10.34
C SER D 315 29.24 -13.75 -11.21
N VAL D 316 28.65 -14.74 -11.88
CA VAL D 316 27.46 -14.53 -12.71
C VAL D 316 26.26 -14.15 -11.83
N ALA D 317 26.12 -14.85 -10.71
CA ALA D 317 25.06 -14.59 -9.74
C ALA D 317 25.21 -13.18 -9.16
N ALA D 318 26.41 -12.86 -8.68
CA ALA D 318 26.71 -11.54 -8.13
C ALA D 318 26.36 -10.42 -9.13
N LEU D 319 26.74 -10.60 -10.39
CA LEU D 319 26.37 -9.67 -11.46
C LEU D 319 24.85 -9.44 -11.49
N GLY D 320 24.09 -10.51 -11.35
CA GLY D 320 22.63 -10.46 -11.37
C GLY D 320 22.08 -9.69 -10.19
N MET D 321 22.72 -9.85 -9.03
CA MET D 321 22.35 -9.12 -7.81
C MET D 321 22.49 -7.62 -8.03
N ARG D 322 23.63 -7.22 -8.59
CA ARG D 322 23.91 -5.81 -8.85
C ARG D 322 23.02 -5.19 -9.92
N VAL D 323 22.67 -5.95 -10.96
CA VAL D 323 21.84 -5.45 -12.04
C VAL D 323 20.40 -5.24 -11.55
N LEU D 324 19.87 -6.23 -10.84
CA LEU D 324 18.56 -6.12 -10.24
C LEU D 324 18.51 -5.01 -9.20
N GLY D 325 19.53 -4.94 -8.35
CA GLY D 325 19.58 -3.99 -7.24
C GLY D 325 19.81 -2.54 -7.64
N ASN D 326 20.40 -2.33 -8.82
CA ASN D 326 20.56 -0.99 -9.39
C ASN D 326 20.16 -1.02 -10.86
N PRO D 327 18.85 -0.87 -11.13
CA PRO D 327 18.28 -1.08 -12.47
C PRO D 327 18.76 -0.09 -13.53
N TYR D 328 18.57 -0.46 -14.79
CA TYR D 328 18.92 0.40 -15.91
C TYR D 328 17.73 1.24 -16.31
N GLY D 329 17.98 2.49 -16.71
CA GLY D 329 16.91 3.40 -17.12
C GLY D 329 15.91 3.63 -15.99
N ASN D 330 14.63 3.50 -16.31
CA ASN D 330 13.55 3.71 -15.35
C ASN D 330 12.96 2.42 -14.77
N ASP D 331 13.65 1.30 -14.99
CA ASP D 331 13.23 -0.01 -14.51
C ASP D 331 13.08 -0.06 -12.99
N PRO D 332 12.14 -0.89 -12.49
CA PRO D 332 11.98 -1.08 -11.05
C PRO D 332 13.18 -1.77 -10.43
N ARG D 333 13.51 -1.36 -9.20
CA ARG D 333 14.57 -1.98 -8.41
C ARG D 333 14.04 -3.26 -7.75
N ILE D 334 14.89 -4.29 -7.76
CA ILE D 334 14.55 -5.55 -7.11
C ILE D 334 15.72 -5.99 -6.23
N ILE D 335 15.41 -6.35 -4.99
CA ILE D 335 16.42 -6.87 -4.07
C ILE D 335 16.43 -8.40 -4.17
N SER D 336 17.54 -8.92 -4.69
CA SER D 336 17.67 -10.33 -5.04
C SER D 336 18.97 -10.90 -4.47
N GLY D 337 18.85 -11.98 -3.70
CA GLY D 337 20.00 -12.63 -3.08
C GLY D 337 20.78 -13.52 -4.03
N GLU D 338 21.83 -14.15 -3.51
CA GLU D 338 22.74 -14.99 -4.30
C GLU D 338 22.01 -16.01 -5.17
N SER D 339 21.12 -16.79 -4.56
CA SER D 339 20.40 -17.84 -5.26
C SER D 339 19.24 -17.31 -6.10
N GLY D 340 18.86 -16.06 -5.89
CA GLY D 340 17.72 -15.48 -6.58
C GLY D 340 18.04 -14.85 -7.91
N ALA D 341 19.25 -14.29 -8.02
CA ALA D 341 19.60 -13.42 -9.13
C ALA D 341 20.33 -14.12 -10.28
N VAL D 342 20.66 -15.39 -10.11
CA VAL D 342 21.55 -16.10 -11.05
C VAL D 342 20.97 -16.22 -12.48
N GLY D 343 19.64 -16.33 -12.58
CA GLY D 343 18.98 -16.38 -13.88
C GLY D 343 19.15 -15.09 -14.66
N LEU D 344 18.86 -13.98 -14.01
CA LEU D 344 19.03 -12.65 -14.59
C LEU D 344 20.49 -12.38 -14.91
N GLY D 345 21.38 -12.84 -14.03
CA GLY D 345 22.82 -12.71 -14.23
C GLY D 345 23.27 -13.28 -15.55
N VAL D 346 22.72 -14.44 -15.90
CA VAL D 346 23.03 -15.12 -17.16
C VAL D 346 22.71 -14.19 -18.34
N LEU D 347 21.54 -13.56 -18.30
CA LEU D 347 21.12 -12.62 -19.33
C LEU D 347 22.08 -11.45 -19.46
N ALA D 348 22.60 -10.98 -18.33
CA ALA D 348 23.54 -9.87 -18.30
C ALA D 348 24.91 -10.29 -18.82
N ALA D 349 25.32 -11.50 -18.46
CA ALA D 349 26.59 -12.06 -18.89
C ALA D 349 26.63 -12.24 -20.42
N VAL D 350 25.51 -12.69 -20.98
CA VAL D 350 25.37 -12.88 -22.42
C VAL D 350 25.47 -11.55 -23.17
N HIS D 351 24.87 -10.50 -22.61
CA HIS D 351 24.87 -9.18 -23.24
C HIS D 351 26.25 -8.60 -23.43
N TYR D 352 27.09 -8.74 -22.40
CA TYR D 352 28.42 -8.13 -22.40
C TYR D 352 29.52 -9.03 -22.99
N HIS D 353 29.18 -10.28 -23.25
CA HIS D 353 30.13 -11.28 -23.77
C HIS D 353 30.59 -10.92 -25.17
N PRO D 354 31.87 -11.17 -25.49
CA PRO D 354 32.36 -10.96 -26.85
C PRO D 354 31.51 -11.69 -27.90
N GLN D 355 31.19 -12.96 -27.62
CA GLN D 355 30.39 -13.79 -28.51
C GLN D 355 28.89 -13.67 -28.24
N ARG D 356 28.48 -12.43 -27.92
CA ARG D 356 27.10 -12.06 -27.65
C ARG D 356 26.12 -12.58 -28.71
N GLN D 357 26.42 -12.29 -29.97
CA GLN D 357 25.52 -12.59 -31.09
C GLN D 357 25.29 -14.10 -31.27
N SER D 358 26.34 -14.90 -31.10
CA SER D 358 26.22 -16.36 -31.21
C SER D 358 25.50 -16.95 -30.00
N LEU D 359 25.80 -16.43 -28.81
CA LEU D 359 25.15 -16.89 -27.58
C LEU D 359 23.64 -16.60 -27.60
N MET D 360 23.26 -15.43 -28.10
CA MET D 360 21.85 -15.09 -28.30
C MET D 360 21.14 -16.03 -29.27
N GLU D 361 21.83 -16.41 -30.35
CA GLU D 361 21.31 -17.40 -31.32
C GLU D 361 21.13 -18.78 -30.70
N LYS D 362 22.16 -19.25 -29.99
CA LYS D 362 22.13 -20.55 -29.30
C LYS D 362 20.99 -20.61 -28.27
N LEU D 363 20.76 -19.49 -27.58
CA LEU D 363 19.67 -19.40 -26.60
C LEU D 363 18.36 -18.92 -27.23
N ALA D 364 18.37 -18.73 -28.55
CA ALA D 364 17.22 -18.21 -29.32
C ALA D 364 16.68 -16.88 -28.78
N LEU D 365 17.59 -16.05 -28.26
CA LEU D 365 17.25 -14.73 -27.75
C LEU D 365 17.35 -13.67 -28.85
N ASN D 366 16.29 -12.87 -28.98
CA ASN D 366 16.19 -11.83 -30.00
C ASN D 366 15.15 -10.77 -29.63
N LYS D 367 14.89 -9.86 -30.57
CA LYS D 367 13.95 -8.74 -30.36
C LYS D 367 12.51 -9.16 -30.00
N ASP D 368 12.17 -10.43 -30.22
CA ASP D 368 10.82 -10.93 -29.94
C ASP D 368 10.72 -11.70 -28.63
N ALA D 369 11.86 -12.04 -28.04
CA ALA D 369 11.92 -12.90 -26.87
C ALA D 369 11.31 -12.28 -25.61
N VAL D 370 10.32 -12.97 -25.05
CA VAL D 370 9.74 -12.61 -23.75
C VAL D 370 10.30 -13.61 -22.74
N VAL D 371 11.12 -13.11 -21.81
CA VAL D 371 11.89 -13.97 -20.91
C VAL D 371 11.43 -13.88 -19.45
N LEU D 372 11.04 -15.03 -18.90
CA LEU D 372 10.65 -15.13 -17.51
C LEU D 372 11.83 -15.56 -16.63
N VAL D 373 12.03 -14.80 -15.56
CA VAL D 373 13.10 -15.03 -14.61
C VAL D 373 12.47 -15.11 -13.21
N ILE D 374 12.98 -16.01 -12.38
CA ILE D 374 12.49 -16.16 -11.01
C ILE D 374 13.53 -15.67 -10.00
N SER D 375 13.19 -14.63 -9.26
CA SER D 375 14.02 -14.20 -8.14
C SER D 375 13.51 -14.90 -6.90
N THR D 376 14.15 -16.01 -6.56
CA THR D 376 13.68 -16.93 -5.51
C THR D 376 13.83 -16.39 -4.09
N GLU D 377 14.72 -15.42 -3.91
CA GLU D 377 14.98 -14.85 -2.58
C GLU D 377 15.47 -13.41 -2.66
N GLY D 378 15.19 -12.65 -1.60
CA GLY D 378 15.75 -11.31 -1.43
C GLY D 378 17.05 -11.36 -0.64
N ASP D 379 17.35 -10.26 0.04
CA ASP D 379 18.55 -10.16 0.86
C ASP D 379 18.41 -10.92 2.18
N THR D 380 18.26 -12.25 2.07
CA THR D 380 18.17 -13.14 3.23
C THR D 380 19.47 -13.15 4.04
N ASP D 381 20.58 -12.86 3.35
CA ASP D 381 21.87 -12.65 3.98
C ASP D 381 22.32 -11.23 3.69
N VAL D 382 21.95 -10.30 4.57
CA VAL D 382 22.22 -8.87 4.39
C VAL D 382 23.72 -8.59 4.25
N LYS D 383 24.53 -9.20 5.12
CA LYS D 383 25.99 -9.03 5.09
C LYS D 383 26.54 -9.37 3.69
N HIS D 384 26.21 -10.56 3.20
CA HIS D 384 26.65 -11.00 1.88
C HIS D 384 26.10 -10.15 0.78
N TYR D 385 24.84 -9.72 0.92
CA TYR D 385 24.17 -8.92 -0.11
C TYR D 385 24.89 -7.61 -0.37
N ARG D 386 25.20 -6.90 0.72
CA ARG D 386 25.85 -5.60 0.62
C ARG D 386 27.32 -5.73 0.26
N GLU D 387 27.93 -6.86 0.61
CA GLU D 387 29.29 -7.14 0.18
C GLU D 387 29.36 -7.24 -1.36
N VAL D 388 28.35 -7.88 -1.95
CA VAL D 388 28.23 -7.96 -3.40
C VAL D 388 27.96 -6.60 -4.06
N VAL D 389 26.92 -5.91 -3.60
CA VAL D 389 26.41 -4.71 -4.29
C VAL D 389 27.08 -3.40 -3.86
N TRP D 390 27.71 -3.37 -2.68
CA TRP D 390 28.45 -2.19 -2.24
C TRP D 390 29.94 -2.34 -2.34
N GLU D 391 30.46 -3.47 -1.84
CA GLU D 391 31.90 -3.69 -1.76
C GLU D 391 32.46 -4.26 -3.06
N GLY D 392 31.57 -4.76 -3.91
CA GLY D 392 31.95 -5.33 -5.19
C GLY D 392 32.59 -6.70 -5.08
N LYS D 393 32.13 -7.50 -4.12
CA LYS D 393 32.60 -8.88 -3.96
C LYS D 393 32.14 -9.71 -5.15
N HIS D 394 33.02 -10.61 -5.61
CA HIS D 394 32.82 -11.38 -6.84
C HIS D 394 32.64 -10.47 -8.03
N ALA D 395 33.57 -9.52 -8.16
CA ALA D 395 33.56 -8.57 -9.26
C ALA D 395 33.84 -9.27 -10.59
N VAL D 396 33.40 -8.65 -11.67
CA VAL D 396 33.60 -9.18 -13.02
C VAL D 396 35.07 -9.51 -13.31
N ALA D 397 35.96 -8.55 -13.02
CA ALA D 397 37.40 -8.72 -13.26
C ALA D 397 38.12 -9.26 -12.02
P PO4 E . -8.63 22.12 4.65
O1 PO4 E . -8.04 21.84 3.29
O2 PO4 E . -9.10 23.53 4.79
O3 PO4 E . -7.56 21.89 5.69
O4 PO4 E . -9.81 21.20 4.88
S SO4 F . -24.03 27.90 25.22
O1 SO4 F . -23.77 29.12 24.42
O2 SO4 F . -22.76 27.18 25.42
O3 SO4 F . -24.99 27.04 24.48
O4 SO4 F . -24.61 28.29 26.52
S SO4 G . -5.95 -0.12 32.58
O1 SO4 G . -4.77 0.75 32.76
O2 SO4 G . -5.62 -1.20 31.63
O3 SO4 G . -6.34 -0.68 33.89
O4 SO4 G . -7.10 0.66 32.05
P PO4 H . 35.16 21.83 -8.49
O1 PO4 H . 36.01 21.10 -9.51
O2 PO4 H . 34.23 22.79 -9.18
O3 PO4 H . 36.05 22.61 -7.55
O4 PO4 H . 34.32 20.83 -7.72
P PO4 I . -28.17 -25.35 8.60
O1 PO4 I . -27.29 -25.59 7.39
O2 PO4 I . -29.28 -26.36 8.55
O3 PO4 I . -27.35 -25.53 9.86
O4 PO4 I . -28.72 -23.95 8.54
P PO4 J . 15.46 -25.64 -5.09
O1 PO4 J . 15.49 -26.19 -6.49
O2 PO4 J . 15.35 -24.14 -5.14
O3 PO4 J . 16.73 -26.02 -4.36
O4 PO4 J . 14.27 -26.21 -4.36
S SO4 K . -1.33 -18.16 -23.49
O1 SO4 K . -0.10 -17.93 -24.29
O2 SO4 K . -1.92 -19.47 -23.85
O3 SO4 K . -1.01 -18.14 -22.06
O4 SO4 K . -2.30 -17.08 -23.79
#